data_7A69
#
_entry.id   7A69
#
loop_
_entity.id
_entity.type
_entity.pdbx_description
1 polymer 'Multidrug resistance protein 1'
2 polymer 'MRK16 Fab-fragment light chain'
3 polymer 'MRK16 Fab-fragment heavy chain'
4 non-polymer vincristine
5 non-polymer CHOLESTEROL
#
loop_
_entity_poly.entity_id
_entity_poly.type
_entity_poly.pdbx_seq_one_letter_code
_entity_poly.pdbx_strand_id
1 'polypeptide(L)'
;MDLEGDRNGGAKKKNFFKLNNKSEKDKKEKKPTVSVFSMFRYSNWLDKLYMVVGTLAAIIHGAGLPLMMLVFGEMTDIFA
NAGNLEDLMSNITNRSDINDTGFFMNLEEDMTRYAYYYSGIGAGVLVAAYIQVSFWCLAAGRQIHKIRKQFFHAIMRQEI
GWFDVHDVGELNTRLTDDVSKINEGIGDKIGMFFQSMATFFTGFIVGFTRGWKLTLVILAISPVLGLSAAVWAKILSSFT
DKELLAYAKAGAVAEEVLAAIRTVIAFGGQKKELERYNKNLEEAKRIGIKKAITANISIGAAFLLIYASYALAFWYGTTL
VLSGEYSIGQVLTVFFSVLIGAFSVGQASPSIEAFANARGAAYEIFKIIDNKPSIDSYSKSGHKPDNIKGNLEFRNVHFS
YPSRKEVKILKGLNLKVQSGQTVALVGNSGCGKSTTVQLMQRLYDPTEGMVSVDGQDIRTINVRFLREIIGVVSQEPVLF
ATTIAENIRYGRENVTMDEIEKAVKEANAYDFIMKLPHKFDTLVGERGAQLSGGQKQRIAIARALVRNPKILLLDEATSA
LDTESEAVVQVALDKARKGRTTIVIAHRLSTVRNADVIAGFDDGVIVEKGNHDELMKEKGIYFKLVTMQTAGNEVELENA
ADESKSEIDALEMSSNDSRSSLIRKRSTRRSVRGSQAQDRKLSTKEALDESIPPVSFWRIMKLNLTEWPYFVVGVFCAII
NGGLQPAFAIIFSKIIGVFTRIDDPETKRQNSNLFSLLFLALGIISFITFFLQGFTFGKAGEILTKRLRYMVFRSMLRQD
VSWFDDPKNTTGALTTRLANDAAQVKGAIGSRLAVITQNIANLGTGIIISFIYGWQLTLLLLAIVPIIAIAGVVEMKMLS
GQALKDKKELEGAGKIATEAIENFRTVVSLTQEQKFEHMYAQSLQVPYRNSLRKAHIFGITFSFTQAMMYFSYAGCFRFG
AYLVAHKLMSFEDVLLVFSAVVFGAMAVGQVSSFAPDYAKAKISAAHIIMIIEKTPLIDSYSTEGLMPNTLEGNVTFGEV
VFNYPTRPDIPVLQGLSLEVKKGQTLALVGSSGCGKSTVVQLLERFYDPLAGKVLLDGKEIKRLNVQWLRAHLGIVSQEP
ILFDCSIAENIAYGDNSRVVSQEEIVRAAKEANIHAFIESLPNKYSTKVGDKGTQLSGGQKQRIAIARALVRQPHILLLD
EATSALDTESEKVVQEALDKAREGRTCIVIAHRLSTIQNADLIVVFQNGRVKEHGTHQQLLAQKGIYFSMVSVQAGTKRQ
;
A
2 'polypeptide(L)'
;DVLMTQTPVSLSVSLGDQASISCRSSQSIVHSTGNTYLEWYLQKPGQSPKLLIYKISNRFSGVPDRFSGSGSGTDFTLKI
SRVEAEDLGVYYCFQASHAPRTFGGGTKLEIKRADAAPTVSIFPPSSEQLTSGGASVVCFLNNFYPKDINVKWKIDGSER
QNGVLNSWTDQDSKDSTYSMSSTLTLTKDEYERHNSYTCEATHKTSTSPIVKSFNRNEC
;
B
3 'polypeptide(L)'
;EVILVESGGGLVKPGGSLKLSCAASGFTFSSYTMSWVRQTPEKRLEWVATISSGGGNTYYPDSVKGRFTISRDNAKNNLY
LQMSSLRSEDTALYYCARYYRYEAWFASWGQGTLVTVSAAKTTAPSVYPLAPVCGDTTGSSVTLGCLVKGYFPEPVTLTW
NSGSLSSGVHTFPAVLQSDLYTLSSSVTVTSSTWPSQSITCNVAHPASSTKVDKKIEP
;
C
#
loop_
_chem_comp.id
_chem_comp.type
_chem_comp.name
_chem_comp.formula
CLR non-polymer CHOLESTEROL 'C27 H46 O'
R1Q non-polymer vincristine 'C46 H56 N4 O10'
#
# COMPACT_ATOMS: atom_id res chain seq x y z
N PRO A 32 -12.58 16.79 -23.50
CA PRO A 32 -13.99 16.78 -23.14
C PRO A 32 -14.44 15.44 -22.58
N THR A 33 -15.58 15.43 -21.90
CA THR A 33 -16.07 14.26 -21.18
C THR A 33 -17.59 14.28 -21.23
N VAL A 34 -18.19 13.13 -20.93
CA VAL A 34 -19.64 13.00 -20.98
C VAL A 34 -20.28 13.62 -19.76
N SER A 35 -21.59 13.81 -19.80
CA SER A 35 -22.32 14.14 -18.59
C SER A 35 -22.34 12.93 -17.66
N VAL A 36 -22.80 13.15 -16.43
CA VAL A 36 -22.96 12.02 -15.53
C VAL A 36 -24.24 11.25 -15.86
N PHE A 37 -25.27 11.94 -16.35
CA PHE A 37 -26.48 11.25 -16.78
C PHE A 37 -26.22 10.40 -18.01
N SER A 38 -25.28 10.79 -18.86
CA SER A 38 -25.00 10.03 -20.07
C SER A 38 -23.91 9.01 -19.87
N MET A 39 -23.46 8.77 -18.64
CA MET A 39 -22.57 7.64 -18.40
C MET A 39 -23.37 6.39 -18.08
N PHE A 40 -24.44 6.55 -17.33
CA PHE A 40 -25.35 5.47 -16.99
C PHE A 40 -26.52 5.47 -17.96
N ARG A 41 -26.20 5.39 -19.24
CA ARG A 41 -27.22 5.42 -20.26
C ARG A 41 -27.84 4.06 -20.48
N TYR A 42 -27.03 3.00 -20.35
CA TYR A 42 -27.50 1.64 -20.54
C TYR A 42 -27.87 0.98 -19.22
N SER A 43 -28.62 1.70 -18.39
CA SER A 43 -29.04 1.17 -17.10
C SER A 43 -30.55 0.93 -17.06
N ASN A 44 -30.93 -0.31 -16.82
CA ASN A 44 -32.34 -0.69 -16.76
C ASN A 44 -32.90 -0.56 -15.35
N TRP A 45 -34.07 -1.14 -15.11
CA TRP A 45 -34.70 -1.09 -13.80
C TRP A 45 -34.00 -2.00 -12.80
N LEU A 46 -33.35 -3.05 -13.31
CA LEU A 46 -32.64 -4.00 -12.46
C LEU A 46 -31.28 -3.47 -12.05
N ASP A 47 -30.68 -2.65 -12.90
CA ASP A 47 -29.37 -2.08 -12.63
C ASP A 47 -29.53 -0.82 -11.80
N LYS A 48 -30.72 -0.23 -11.84
CA LYS A 48 -31.01 0.98 -11.08
C LYS A 48 -31.33 0.61 -9.65
N LEU A 49 -31.75 -0.63 -9.44
CA LEU A 49 -32.08 -1.13 -8.10
C LEU A 49 -30.79 -1.56 -7.42
N TYR A 50 -29.93 -2.25 -8.17
CA TYR A 50 -28.65 -2.70 -7.64
C TYR A 50 -27.84 -1.53 -7.09
N MET A 51 -27.84 -0.42 -7.81
CA MET A 51 -27.03 0.72 -7.37
C MET A 51 -27.61 1.35 -6.11
N VAL A 52 -28.92 1.50 -6.03
CA VAL A 52 -29.51 2.10 -4.84
C VAL A 52 -29.27 1.23 -3.61
N VAL A 53 -29.43 -0.09 -3.74
CA VAL A 53 -29.25 -0.93 -2.57
C VAL A 53 -27.78 -1.10 -2.22
N GLY A 54 -26.90 -1.13 -3.20
CA GLY A 54 -25.48 -1.13 -2.88
C GLY A 54 -25.05 0.16 -2.21
N THR A 55 -25.68 1.27 -2.54
CA THR A 55 -25.33 2.54 -1.88
C THR A 55 -25.80 2.57 -0.43
N LEU A 56 -27.01 2.09 -0.16
CA LEU A 56 -27.44 2.01 1.23
C LEU A 56 -26.55 1.06 2.02
N ALA A 57 -26.23 -0.09 1.47
CA ALA A 57 -25.39 -1.02 2.21
C ALA A 57 -24.00 -0.48 2.42
N ALA A 58 -23.49 0.32 1.48
CA ALA A 58 -22.17 0.93 1.69
C ALA A 58 -22.21 1.97 2.79
N ILE A 59 -23.30 2.74 2.90
CA ILE A 59 -23.43 3.69 4.00
C ILE A 59 -23.41 2.97 5.34
N ILE A 60 -24.18 1.89 5.46
CA ILE A 60 -24.21 1.14 6.71
C ILE A 60 -22.83 0.57 7.04
N HIS A 61 -22.23 -0.12 6.08
CA HIS A 61 -20.88 -0.63 6.27
C HIS A 61 -19.93 0.47 6.73
N GLY A 62 -20.06 1.66 6.16
CA GLY A 62 -19.18 2.73 6.55
C GLY A 62 -19.33 3.07 8.02
N ALA A 63 -20.56 3.30 8.45
CA ALA A 63 -20.78 3.64 9.86
C ALA A 63 -20.42 2.52 10.80
N GLY A 64 -20.10 1.34 10.30
CA GLY A 64 -19.78 0.22 11.17
C GLY A 64 -18.57 0.41 12.08
N LEU A 65 -17.53 1.13 11.64
CA LEU A 65 -16.27 1.19 12.39
C LEU A 65 -16.21 2.18 13.55
N PRO A 66 -16.62 3.45 13.38
CA PRO A 66 -16.66 4.34 14.54
C PRO A 66 -17.54 3.83 15.66
N LEU A 67 -18.59 3.07 15.37
CA LEU A 67 -19.32 2.43 16.45
C LEU A 67 -18.45 1.42 17.18
N MET A 68 -17.52 0.78 16.48
CA MET A 68 -16.61 -0.10 17.17
C MET A 68 -15.70 0.66 18.09
N MET A 69 -15.23 1.82 17.68
CA MET A 69 -14.38 2.60 18.57
C MET A 69 -15.16 3.13 19.76
N LEU A 70 -16.44 3.40 19.59
CA LEU A 70 -17.27 3.83 20.71
C LEU A 70 -17.46 2.70 21.72
N VAL A 71 -17.77 1.50 21.26
CA VAL A 71 -17.88 0.37 22.18
C VAL A 71 -16.56 0.09 22.87
N PHE A 72 -15.44 0.25 22.15
CA PHE A 72 -14.15 -0.07 22.74
C PHE A 72 -13.74 0.95 23.79
N GLY A 73 -13.98 2.23 23.54
CA GLY A 73 -13.79 3.22 24.57
C GLY A 73 -14.61 2.92 25.81
N GLU A 74 -15.90 2.62 25.63
CA GLU A 74 -16.74 2.32 26.78
C GLU A 74 -16.30 1.03 27.48
N MET A 75 -15.70 0.10 26.74
CA MET A 75 -15.27 -1.16 27.32
C MET A 75 -14.02 -1.01 28.17
N THR A 76 -13.12 -0.11 27.80
CA THR A 76 -11.89 0.03 28.57
C THR A 76 -12.13 0.63 29.95
N ASP A 77 -13.26 1.29 30.17
CA ASP A 77 -13.60 1.76 31.51
C ASP A 77 -14.03 0.62 32.42
N ILE A 78 -14.47 -0.49 31.85
CA ILE A 78 -14.84 -1.66 32.64
C ILE A 78 -13.61 -2.38 33.12
N PHE A 79 -12.51 -2.31 32.36
CA PHE A 79 -11.27 -2.94 32.74
C PHE A 79 -10.41 -2.04 33.61
N ALA A 80 -10.50 -0.72 33.42
CA ALA A 80 -9.65 0.14 34.23
C ALA A 80 -10.19 0.28 35.65
N ASN A 81 -11.51 0.33 35.81
CA ASN A 81 -12.11 0.33 37.14
C ASN A 81 -12.53 -1.06 37.58
N ALA A 82 -11.95 -2.09 36.98
CA ALA A 82 -12.33 -3.45 37.31
C ALA A 82 -12.03 -3.78 38.76
N GLY A 83 -10.76 -3.72 39.13
CA GLY A 83 -10.36 -4.04 40.47
C GLY A 83 -10.73 -2.96 41.45
N ASN A 84 -11.58 -3.31 42.41
CA ASN A 84 -11.96 -2.41 43.48
C ASN A 84 -11.54 -3.06 44.79
N LEU A 85 -10.88 -2.30 45.64
CA LEU A 85 -10.41 -2.87 46.89
C LEU A 85 -11.59 -3.21 47.80
N PHE A 104 -11.93 -9.08 41.55
CA PHE A 104 -12.68 -8.77 40.33
C PHE A 104 -13.99 -9.52 40.28
N MET A 105 -15.06 -8.86 40.71
CA MET A 105 -16.40 -9.43 40.72
C MET A 105 -17.25 -8.68 39.71
N ASN A 106 -17.96 -9.43 38.87
CA ASN A 106 -18.77 -8.90 37.78
C ASN A 106 -17.92 -8.30 36.67
N LEU A 107 -16.73 -8.84 36.44
CA LEU A 107 -16.01 -8.43 35.25
C LEU A 107 -16.35 -9.34 34.08
N GLU A 108 -16.57 -10.62 34.34
CA GLU A 108 -16.85 -11.54 33.24
C GLU A 108 -18.28 -11.41 32.73
N GLU A 109 -19.24 -11.03 33.58
CA GLU A 109 -20.56 -10.72 33.08
C GLU A 109 -20.52 -9.54 32.10
N ASP A 110 -19.84 -8.46 32.50
CA ASP A 110 -19.80 -7.29 31.65
C ASP A 110 -19.01 -7.54 30.38
N MET A 111 -17.96 -8.35 30.45
CA MET A 111 -17.31 -8.68 29.20
C MET A 111 -18.14 -9.60 28.34
N THR A 112 -19.07 -10.34 28.93
CA THR A 112 -20.03 -11.07 28.09
C THR A 112 -20.89 -10.10 27.30
N ARG A 113 -21.47 -9.12 27.97
CA ARG A 113 -22.29 -8.15 27.23
C ARG A 113 -21.47 -7.49 26.12
N TYR A 114 -20.26 -7.04 26.43
CA TYR A 114 -19.53 -6.33 25.40
C TYR A 114 -19.05 -7.25 24.28
N ALA A 115 -18.88 -8.55 24.55
CA ALA A 115 -18.65 -9.46 23.44
C ALA A 115 -19.89 -9.57 22.55
N TYR A 116 -21.08 -9.44 23.14
CA TYR A 116 -22.27 -9.44 22.29
C TYR A 116 -22.31 -8.19 21.42
N TYR A 117 -21.93 -7.05 21.97
CA TYR A 117 -21.89 -5.82 21.16
C TYR A 117 -20.93 -5.96 19.98
N TYR A 118 -19.72 -6.43 20.25
CA TYR A 118 -18.75 -6.60 19.16
C TYR A 118 -19.25 -7.60 18.13
N SER A 119 -19.87 -8.69 18.55
CA SER A 119 -20.33 -9.68 17.59
C SER A 119 -21.52 -9.19 16.79
N GLY A 120 -22.37 -8.36 17.38
CA GLY A 120 -23.45 -7.77 16.62
C GLY A 120 -22.96 -6.83 15.55
N ILE A 121 -22.00 -5.98 15.90
CA ILE A 121 -21.43 -5.11 14.86
C ILE A 121 -20.73 -5.94 13.80
N GLY A 122 -20.06 -7.03 14.19
CA GLY A 122 -19.42 -7.87 13.21
C GLY A 122 -20.40 -8.48 12.23
N ALA A 123 -21.53 -8.98 12.71
CA ALA A 123 -22.53 -9.56 11.82
C ALA A 123 -23.14 -8.51 10.91
N GLY A 124 -23.47 -7.35 11.45
CA GLY A 124 -23.98 -6.28 10.62
C GLY A 124 -23.03 -5.91 9.50
N VAL A 125 -21.74 -5.80 9.82
CA VAL A 125 -20.77 -5.45 8.79
C VAL A 125 -20.57 -6.57 7.79
N LEU A 126 -20.67 -7.82 8.22
CA LEU A 126 -20.59 -8.93 7.28
C LEU A 126 -21.67 -8.83 6.22
N VAL A 127 -22.92 -8.69 6.66
CA VAL A 127 -24.02 -8.63 5.70
C VAL A 127 -23.91 -7.38 4.82
N ALA A 128 -23.60 -6.24 5.42
CA ALA A 128 -23.60 -5.00 4.64
C ALA A 128 -22.45 -4.96 3.64
N ALA A 129 -21.28 -5.47 4.00
CA ALA A 129 -20.17 -5.44 3.07
C ALA A 129 -20.39 -6.40 1.92
N TYR A 130 -20.97 -7.57 2.19
CA TYR A 130 -21.34 -8.43 1.08
C TYR A 130 -22.27 -7.71 0.12
N ILE A 131 -23.35 -7.15 0.63
CA ILE A 131 -24.32 -6.51 -0.25
C ILE A 131 -23.66 -5.41 -1.06
N GLN A 132 -22.83 -4.59 -0.42
CA GLN A 132 -22.19 -3.48 -1.11
C GLN A 132 -21.37 -3.95 -2.30
N VAL A 133 -20.38 -4.81 -2.05
CA VAL A 133 -19.47 -5.17 -3.13
C VAL A 133 -20.19 -5.95 -4.21
N SER A 134 -21.04 -6.91 -3.82
CA SER A 134 -21.72 -7.71 -4.83
C SER A 134 -22.57 -6.85 -5.73
N PHE A 135 -23.36 -5.94 -5.17
CA PHE A 135 -24.29 -5.23 -6.01
C PHE A 135 -23.62 -4.22 -6.90
N TRP A 136 -22.52 -3.60 -6.45
CA TRP A 136 -21.88 -2.66 -7.37
C TRP A 136 -21.14 -3.37 -8.49
N CYS A 137 -20.46 -4.48 -8.19
CA CYS A 137 -19.79 -5.17 -9.28
C CYS A 137 -20.78 -5.78 -10.26
N LEU A 138 -21.98 -6.17 -9.82
CA LEU A 138 -22.96 -6.69 -10.77
C LEU A 138 -23.51 -5.59 -11.66
N ALA A 139 -23.85 -4.44 -11.10
CA ALA A 139 -24.30 -3.34 -11.95
C ALA A 139 -23.25 -3.00 -13.00
N ALA A 140 -22.00 -2.86 -12.59
CA ALA A 140 -20.97 -2.50 -13.57
C ALA A 140 -20.77 -3.58 -14.61
N GLY A 141 -20.76 -4.85 -14.21
CA GLY A 141 -20.58 -5.91 -15.18
C GLY A 141 -21.65 -5.90 -16.25
N ARG A 142 -22.92 -5.84 -15.85
CA ARG A 142 -23.98 -5.89 -16.83
C ARG A 142 -23.94 -4.68 -17.76
N GLN A 143 -23.66 -3.50 -17.21
CA GLN A 143 -23.59 -2.32 -18.06
C GLN A 143 -22.44 -2.40 -19.05
N ILE A 144 -21.27 -2.86 -18.62
CA ILE A 144 -20.14 -2.94 -19.53
C ILE A 144 -20.41 -3.94 -20.63
N HIS A 145 -21.15 -4.99 -20.33
CA HIS A 145 -21.52 -5.94 -21.39
C HIS A 145 -22.32 -5.25 -22.47
N LYS A 146 -23.34 -4.49 -22.08
CA LYS A 146 -24.12 -3.78 -23.09
C LYS A 146 -23.24 -2.81 -23.89
N ILE A 147 -22.27 -2.19 -23.22
CA ILE A 147 -21.45 -1.20 -23.92
C ILE A 147 -20.54 -1.86 -24.95
N ARG A 148 -19.90 -2.98 -24.59
CA ARG A 148 -19.10 -3.72 -25.55
C ARG A 148 -19.90 -4.05 -26.80
N LYS A 149 -21.06 -4.68 -26.62
CA LYS A 149 -21.85 -5.06 -27.78
C LYS A 149 -22.18 -3.85 -28.64
N GLN A 150 -22.70 -2.78 -28.03
CA GLN A 150 -23.12 -1.65 -28.85
C GLN A 150 -21.94 -0.98 -29.54
N PHE A 151 -20.80 -0.91 -28.87
CA PHE A 151 -19.62 -0.31 -29.47
C PHE A 151 -19.21 -1.06 -30.73
N PHE A 152 -19.08 -2.39 -30.63
CA PHE A 152 -18.68 -3.11 -31.84
C PHE A 152 -19.74 -2.98 -32.93
N HIS A 153 -21.02 -3.12 -32.58
CA HIS A 153 -22.05 -2.97 -33.59
C HIS A 153 -22.01 -1.62 -34.25
N ALA A 154 -21.58 -0.59 -33.53
CA ALA A 154 -21.47 0.72 -34.15
C ALA A 154 -20.25 0.82 -35.04
N ILE A 155 -19.17 0.15 -34.67
CA ILE A 155 -17.98 0.17 -35.53
C ILE A 155 -18.28 -0.50 -36.86
N MET A 156 -19.13 -1.52 -36.85
CA MET A 156 -19.43 -2.20 -38.12
C MET A 156 -20.24 -1.33 -39.06
N ARG A 157 -21.19 -0.56 -38.53
CA ARG A 157 -22.05 0.30 -39.34
C ARG A 157 -21.34 1.62 -39.61
N GLN A 158 -20.24 1.55 -40.36
CA GLN A 158 -19.41 2.73 -40.57
C GLN A 158 -19.03 2.88 -42.04
N GLU A 159 -18.94 4.14 -42.47
CA GLU A 159 -18.56 4.45 -43.83
C GLU A 159 -17.16 3.94 -44.14
N ILE A 160 -16.92 3.62 -45.40
CA ILE A 160 -15.60 3.20 -45.84
C ILE A 160 -14.65 4.37 -45.74
N GLY A 161 -13.39 4.09 -45.43
CA GLY A 161 -12.41 5.12 -45.23
C GLY A 161 -12.32 5.62 -43.81
N TRP A 162 -13.30 5.32 -42.97
CA TRP A 162 -13.18 5.62 -41.55
C TRP A 162 -11.92 5.00 -40.97
N PHE A 163 -11.53 3.84 -41.49
CA PHE A 163 -10.36 3.17 -40.96
C PHE A 163 -9.07 3.82 -41.44
N ASP A 164 -9.04 4.31 -42.68
CA ASP A 164 -7.88 5.07 -43.13
C ASP A 164 -7.66 6.31 -42.26
N VAL A 165 -8.75 6.98 -41.89
CA VAL A 165 -8.66 8.16 -41.04
C VAL A 165 -8.16 7.79 -39.65
N HIS A 166 -8.69 6.70 -39.09
CA HIS A 166 -8.36 6.29 -37.73
C HIS A 166 -7.71 4.92 -37.77
N ASP A 167 -6.43 4.85 -37.44
CA ASP A 167 -5.66 3.62 -37.54
C ASP A 167 -6.34 2.49 -36.76
N VAL A 168 -6.16 1.27 -37.27
CA VAL A 168 -6.92 0.13 -36.78
C VAL A 168 -6.26 -0.54 -35.59
N GLY A 169 -4.97 -0.28 -35.35
CA GLY A 169 -4.43 -0.56 -34.03
C GLY A 169 -5.02 0.34 -32.97
N GLU A 170 -5.33 1.59 -33.34
CA GLU A 170 -6.01 2.49 -32.41
C GLU A 170 -7.43 2.03 -32.15
N LEU A 171 -8.16 1.61 -33.17
CA LEU A 171 -9.51 1.08 -32.92
C LEU A 171 -9.44 -0.18 -32.06
N ASN A 172 -8.59 -1.13 -32.44
CA ASN A 172 -8.49 -2.38 -31.69
C ASN A 172 -7.97 -2.16 -30.28
N THR A 173 -7.22 -1.09 -30.03
CA THR A 173 -6.71 -0.85 -28.69
C THR A 173 -7.64 0.01 -27.88
N ARG A 174 -8.26 1.01 -28.52
CA ARG A 174 -9.26 1.82 -27.88
C ARG A 174 -10.45 0.98 -27.44
N LEU A 175 -10.84 0.00 -28.25
CA LEU A 175 -11.90 -0.91 -27.85
C LEU A 175 -11.67 -1.44 -26.44
N THR A 176 -10.59 -2.21 -26.28
CA THR A 176 -10.34 -2.86 -25.00
C THR A 176 -9.99 -1.85 -23.91
N ASP A 177 -9.07 -0.92 -24.19
CA ASP A 177 -8.65 0.03 -23.18
C ASP A 177 -9.80 0.89 -22.70
N ASP A 178 -10.59 1.42 -23.64
CA ASP A 178 -11.68 2.32 -23.31
C ASP A 178 -12.78 1.60 -22.56
N VAL A 179 -13.07 0.35 -22.91
CA VAL A 179 -14.10 -0.32 -22.14
C VAL A 179 -13.60 -0.65 -20.75
N SER A 180 -12.32 -1.00 -20.60
CA SER A 180 -11.81 -1.22 -19.26
C SER A 180 -11.78 0.07 -18.45
N LYS A 181 -11.45 1.19 -19.10
CA LYS A 181 -11.37 2.47 -18.43
C LYS A 181 -12.75 2.98 -18.05
N ILE A 182 -13.79 2.59 -18.78
CA ILE A 182 -15.14 2.89 -18.34
C ILE A 182 -15.53 1.99 -17.17
N ASN A 183 -15.29 0.70 -17.32
CA ASN A 183 -15.64 -0.26 -16.27
C ASN A 183 -15.06 0.14 -14.92
N GLU A 184 -13.80 0.55 -14.90
CA GLU A 184 -13.17 0.88 -13.63
C GLU A 184 -13.97 1.92 -12.85
N GLY A 185 -14.51 2.92 -13.54
CA GLY A 185 -15.09 4.05 -12.84
C GLY A 185 -16.49 3.82 -12.30
N ILE A 186 -17.28 2.98 -12.96
CA ILE A 186 -18.65 2.73 -12.53
C ILE A 186 -18.77 1.43 -11.76
N GLY A 187 -17.65 0.84 -11.33
CA GLY A 187 -17.67 -0.39 -10.60
C GLY A 187 -17.69 -0.15 -9.10
N ASP A 188 -16.87 -0.87 -8.35
CA ASP A 188 -16.91 -0.78 -6.89
C ASP A 188 -16.22 0.46 -6.35
N LYS A 189 -15.51 1.22 -7.18
CA LYS A 189 -14.91 2.46 -6.70
C LYS A 189 -15.97 3.42 -6.18
N ILE A 190 -17.17 3.39 -6.74
CA ILE A 190 -18.21 4.29 -6.27
C ILE A 190 -18.75 3.83 -4.92
N GLY A 191 -18.85 2.52 -4.74
CA GLY A 191 -19.23 2.02 -3.43
C GLY A 191 -18.22 2.40 -2.36
N MET A 192 -16.93 2.30 -2.67
CA MET A 192 -15.91 2.70 -1.71
C MET A 192 -15.98 4.19 -1.40
N PHE A 193 -16.28 4.99 -2.41
CA PHE A 193 -16.45 6.42 -2.15
C PHE A 193 -17.55 6.66 -1.14
N PHE A 194 -18.69 6.02 -1.33
CA PHE A 194 -19.80 6.28 -0.40
C PHE A 194 -19.48 5.75 0.98
N GLN A 195 -18.81 4.61 1.07
CA GLN A 195 -18.44 4.08 2.37
C GLN A 195 -17.56 5.06 3.13
N SER A 196 -16.60 5.68 2.43
CA SER A 196 -15.70 6.57 3.14
C SER A 196 -16.36 7.88 3.54
N MET A 197 -17.30 8.39 2.74
CA MET A 197 -18.04 9.56 3.21
C MET A 197 -18.88 9.22 4.45
N ALA A 198 -19.46 8.02 4.49
CA ALA A 198 -20.24 7.63 5.66
C ALA A 198 -19.36 7.47 6.89
N THR A 199 -18.16 6.92 6.72
CA THR A 199 -17.23 6.84 7.84
C THR A 199 -16.87 8.22 8.36
N PHE A 200 -16.62 9.17 7.46
CA PHE A 200 -16.30 10.53 7.89
C PHE A 200 -17.42 11.11 8.76
N PHE A 201 -18.66 11.02 8.29
CA PHE A 201 -19.72 11.66 9.06
C PHE A 201 -20.02 10.94 10.36
N THR A 202 -19.98 9.61 10.37
CA THR A 202 -20.18 8.92 11.63
C THR A 202 -19.08 9.24 12.61
N GLY A 203 -17.83 9.31 12.13
CA GLY A 203 -16.74 9.64 13.01
C GLY A 203 -16.94 10.98 13.69
N PHE A 204 -17.32 11.99 12.92
CA PHE A 204 -17.43 13.30 13.56
C PHE A 204 -18.67 13.42 14.43
N ILE A 205 -19.75 12.71 14.11
CA ILE A 205 -20.92 12.78 14.99
C ILE A 205 -20.64 12.08 16.31
N VAL A 206 -20.02 10.90 16.27
CA VAL A 206 -19.66 10.20 17.50
C VAL A 206 -18.68 11.03 18.31
N GLY A 207 -17.67 11.58 17.64
CA GLY A 207 -16.75 12.48 18.31
C GLY A 207 -17.47 13.59 19.05
N PHE A 208 -18.24 14.41 18.34
CA PHE A 208 -18.86 15.56 18.98
C PHE A 208 -19.85 15.15 20.05
N THR A 209 -20.39 13.94 20.00
CA THR A 209 -21.33 13.57 21.05
C THR A 209 -20.61 13.12 22.31
N ARG A 210 -19.45 12.48 22.17
CA ARG A 210 -18.72 12.04 23.36
C ARG A 210 -18.14 13.23 24.12
N GLY A 211 -17.31 14.03 23.47
CA GLY A 211 -16.86 15.26 24.07
C GLY A 211 -16.37 16.24 23.04
N TRP A 212 -16.90 17.47 23.06
CA TRP A 212 -16.60 18.39 21.97
C TRP A 212 -15.25 19.08 22.15
N LYS A 213 -14.84 19.35 23.39
CA LYS A 213 -13.59 20.06 23.60
C LYS A 213 -12.43 19.32 22.96
N LEU A 214 -12.39 18.00 23.10
CA LEU A 214 -11.28 17.25 22.55
C LEU A 214 -11.42 17.05 21.05
N THR A 215 -12.65 16.99 20.52
CA THR A 215 -12.81 16.82 19.08
C THR A 215 -12.41 18.07 18.33
N LEU A 216 -12.69 19.24 18.90
CA LEU A 216 -12.35 20.48 18.21
C LEU A 216 -10.87 20.59 17.96
N VAL A 217 -10.05 20.16 18.92
CA VAL A 217 -8.60 20.22 18.75
C VAL A 217 -8.17 19.31 17.62
N ILE A 218 -8.71 18.09 17.55
CA ILE A 218 -8.40 17.22 16.43
C ILE A 218 -8.86 17.86 15.14
N LEU A 219 -10.05 18.46 15.13
CA LEU A 219 -10.59 19.06 13.93
C LEU A 219 -9.73 20.22 13.45
N ALA A 220 -9.03 20.89 14.37
CA ALA A 220 -8.15 21.98 13.96
C ALA A 220 -6.95 21.45 13.18
N ILE A 221 -6.41 20.30 13.58
CA ILE A 221 -5.29 19.71 12.85
C ILE A 221 -5.74 18.68 11.84
N SER A 222 -7.04 18.55 11.62
CA SER A 222 -7.61 17.49 10.78
C SER A 222 -7.48 17.75 9.27
N PRO A 223 -7.59 18.99 8.78
CA PRO A 223 -7.32 19.19 7.34
C PRO A 223 -5.95 18.72 6.90
N VAL A 224 -4.94 18.90 7.73
CA VAL A 224 -3.61 18.41 7.41
C VAL A 224 -3.61 16.89 7.30
N LEU A 225 -4.40 16.22 8.16
CA LEU A 225 -4.52 14.78 8.08
C LEU A 225 -5.22 14.35 6.79
N GLY A 226 -6.28 15.06 6.43
CA GLY A 226 -6.95 14.77 5.17
C GLY A 226 -6.02 14.92 3.98
N LEU A 227 -5.24 16.00 3.96
CA LEU A 227 -4.30 16.21 2.86
C LEU A 227 -3.23 15.13 2.83
N SER A 228 -2.66 14.80 3.98
CA SER A 228 -1.66 13.73 4.03
C SER A 228 -2.20 12.44 3.46
N ALA A 229 -3.41 12.06 3.87
CA ALA A 229 -3.97 10.80 3.41
C ALA A 229 -4.36 10.85 1.93
N ALA A 230 -4.94 11.97 1.49
CA ALA A 230 -5.31 12.12 0.09
C ALA A 230 -4.09 12.01 -0.80
N VAL A 231 -3.03 12.75 -0.47
CA VAL A 231 -1.80 12.70 -1.23
C VAL A 231 -1.21 11.29 -1.20
N TRP A 232 -1.25 10.64 -0.04
CA TRP A 232 -0.70 9.29 0.05
C TRP A 232 -1.42 8.34 -0.90
N ALA A 233 -2.74 8.32 -0.86
CA ALA A 233 -3.49 7.36 -1.67
C ALA A 233 -3.46 7.72 -3.15
N LYS A 234 -3.44 9.02 -3.48
CA LYS A 234 -3.33 9.39 -4.88
C LYS A 234 -1.98 8.98 -5.44
N ILE A 235 -0.90 9.26 -4.71
CA ILE A 235 0.41 8.76 -5.08
C ILE A 235 0.42 7.25 -5.17
N LEU A 236 -0.34 6.59 -4.32
CA LEU A 236 -0.27 5.14 -4.22
C LEU A 236 -1.00 4.42 -5.33
N SER A 237 -1.98 5.06 -5.97
CA SER A 237 -2.86 4.36 -6.89
C SER A 237 -2.13 3.97 -8.17
N SER A 238 -1.18 3.04 -8.02
CA SER A 238 -0.40 2.48 -9.13
C SER A 238 0.35 3.59 -9.88
N PHE A 239 1.26 4.24 -9.15
CA PHE A 239 2.12 5.26 -9.73
C PHE A 239 3.18 4.60 -10.63
N THR A 240 2.68 3.97 -11.69
CA THR A 240 3.50 3.36 -12.72
C THR A 240 3.52 4.18 -14.01
N ASP A 241 2.45 4.93 -14.28
CA ASP A 241 2.40 5.73 -15.50
C ASP A 241 3.45 6.83 -15.51
N LYS A 242 3.93 7.25 -14.34
CA LYS A 242 5.00 8.24 -14.30
C LYS A 242 6.28 7.67 -14.91
N GLU A 243 6.54 6.39 -14.65
CA GLU A 243 7.71 5.74 -15.25
C GLU A 243 7.51 5.57 -16.76
N LEU A 244 6.28 5.25 -17.19
CA LEU A 244 6.00 5.17 -18.61
C LEU A 244 6.18 6.52 -19.29
N LEU A 245 5.78 7.59 -18.62
CA LEU A 245 5.98 8.92 -19.19
C LEU A 245 7.46 9.28 -19.25
N ALA A 246 8.25 8.83 -18.27
CA ALA A 246 9.68 9.07 -18.33
C ALA A 246 10.34 8.30 -19.46
N TYR A 247 9.95 7.04 -19.65
CA TYR A 247 10.54 6.16 -20.65
C TYR A 247 9.92 6.30 -22.03
N ALA A 248 8.92 7.17 -22.18
CA ALA A 248 8.25 7.33 -23.47
C ALA A 248 9.24 7.64 -24.59
N LYS A 249 10.15 8.58 -24.36
CA LYS A 249 11.04 9.01 -25.43
C LYS A 249 12.01 7.90 -25.83
N ALA A 250 12.58 7.22 -24.85
CA ALA A 250 13.48 6.11 -25.16
C ALA A 250 12.73 4.98 -25.84
N GLY A 251 11.48 4.74 -25.46
CA GLY A 251 10.67 3.77 -26.18
C GLY A 251 10.39 4.20 -27.60
N ALA A 252 10.30 5.51 -27.83
CA ALA A 252 10.17 6.00 -29.19
C ALA A 252 11.41 5.66 -30.01
N VAL A 253 12.60 5.87 -29.44
CA VAL A 253 13.82 5.48 -30.15
C VAL A 253 13.85 3.98 -30.40
N ALA A 254 13.38 3.21 -29.41
CA ALA A 254 13.36 1.77 -29.55
C ALA A 254 12.45 1.33 -30.68
N GLU A 255 11.28 1.98 -30.81
CA GLU A 255 10.35 1.62 -31.87
C GLU A 255 10.83 2.09 -33.23
N GLU A 256 11.50 3.25 -33.30
CA GLU A 256 12.16 3.62 -34.54
C GLU A 256 13.13 2.53 -34.96
N VAL A 257 14.14 2.26 -34.14
CA VAL A 257 15.19 1.32 -34.54
C VAL A 257 14.60 -0.06 -34.78
N LEU A 258 13.54 -0.43 -34.10
CA LEU A 258 12.94 -1.73 -34.28
C LEU A 258 11.89 -1.75 -35.37
N ALA A 259 11.66 -0.61 -36.04
CA ALA A 259 10.91 -0.64 -37.28
C ALA A 259 11.82 -0.91 -38.47
N ALA A 260 13.05 -0.42 -38.43
CA ALA A 260 13.99 -0.48 -39.54
C ALA A 260 15.25 -1.21 -39.14
N ILE A 261 15.09 -2.38 -38.53
CA ILE A 261 16.27 -3.11 -38.07
C ILE A 261 17.17 -3.46 -39.23
N ARG A 262 16.57 -3.90 -40.35
CA ARG A 262 17.37 -4.26 -41.51
C ARG A 262 18.10 -3.06 -42.10
N THR A 263 17.46 -1.90 -42.09
CA THR A 263 18.11 -0.70 -42.61
C THR A 263 19.32 -0.32 -41.77
N VAL A 264 19.13 -0.20 -40.44
CA VAL A 264 20.24 0.14 -39.55
C VAL A 264 21.36 -0.90 -39.67
N ILE A 265 21.02 -2.18 -39.74
CA ILE A 265 22.06 -3.17 -39.97
C ILE A 265 22.74 -2.93 -41.29
N ALA A 266 22.00 -2.48 -42.31
CA ALA A 266 22.59 -2.24 -43.62
C ALA A 266 23.67 -1.18 -43.55
N PHE A 267 23.32 0.01 -43.06
CA PHE A 267 24.33 1.06 -42.93
C PHE A 267 25.38 0.72 -41.90
N GLY A 268 25.15 -0.27 -41.04
CA GLY A 268 26.10 -0.63 -40.03
C GLY A 268 26.18 0.32 -38.86
N GLY A 269 25.46 1.43 -38.90
CA GLY A 269 25.49 2.36 -37.80
C GLY A 269 24.64 1.90 -36.63
N GLN A 270 25.09 0.87 -35.92
CA GLN A 270 24.42 0.53 -34.68
C GLN A 270 24.85 1.47 -33.56
N LYS A 271 26.13 1.79 -33.51
CA LYS A 271 26.70 2.55 -32.39
C LYS A 271 26.05 3.92 -32.24
N LYS A 272 25.73 4.56 -33.35
CA LYS A 272 25.09 5.87 -33.29
C LYS A 272 23.72 5.79 -32.62
N GLU A 273 22.90 4.83 -33.05
CA GLU A 273 21.59 4.67 -32.44
C GLU A 273 21.71 4.23 -30.99
N LEU A 274 22.78 3.51 -30.67
CA LEU A 274 22.99 3.10 -29.29
C LEU A 274 23.32 4.31 -28.40
N GLU A 275 24.17 5.22 -28.89
CA GLU A 275 24.41 6.44 -28.16
C GLU A 275 23.12 7.22 -27.94
N ARG A 276 22.26 7.26 -28.96
CA ARG A 276 21.00 7.98 -28.80
C ARG A 276 20.14 7.36 -27.72
N TYR A 277 20.04 6.03 -27.73
CA TYR A 277 19.24 5.36 -26.71
C TYR A 277 19.79 5.60 -25.34
N ASN A 278 21.12 5.57 -25.20
CA ASN A 278 21.71 5.78 -23.88
C ASN A 278 21.44 7.18 -23.37
N LYS A 279 21.51 8.19 -24.23
CA LYS A 279 21.23 9.55 -23.78
C LYS A 279 19.79 9.68 -23.30
N ASN A 280 18.85 9.20 -24.09
CA ASN A 280 17.45 9.20 -23.66
C ASN A 280 17.28 8.45 -22.34
N LEU A 281 17.98 7.32 -22.20
CA LEU A 281 17.86 6.49 -21.02
C LEU A 281 18.34 7.21 -19.77
N GLU A 282 19.47 7.90 -19.88
CA GLU A 282 19.99 8.63 -18.73
C GLU A 282 19.06 9.75 -18.31
N GLU A 283 18.42 10.40 -19.28
CA GLU A 283 17.41 11.41 -18.89
C GLU A 283 16.29 10.77 -18.07
N ALA A 284 15.74 9.67 -18.56
CA ALA A 284 14.66 9.03 -17.82
C ALA A 284 15.12 8.59 -16.42
N LYS A 285 16.35 8.10 -16.31
CA LYS A 285 16.88 7.73 -15.01
C LYS A 285 16.86 8.90 -14.05
N ARG A 286 17.27 10.07 -14.53
CA ARG A 286 17.29 11.26 -13.68
C ARG A 286 15.89 11.61 -13.16
N ILE A 287 14.91 11.59 -14.07
CA ILE A 287 13.54 11.90 -13.63
C ILE A 287 13.07 10.88 -12.60
N GLY A 288 13.42 9.62 -12.80
CA GLY A 288 13.02 8.61 -11.83
C GLY A 288 13.62 8.84 -10.45
N ILE A 289 14.90 9.20 -10.39
CA ILE A 289 15.52 9.44 -9.09
C ILE A 289 14.80 10.56 -8.36
N LYS A 290 14.51 11.67 -9.06
CA LYS A 290 13.79 12.76 -8.39
C LYS A 290 12.41 12.32 -7.92
N LYS A 291 11.72 11.50 -8.73
CA LYS A 291 10.40 11.05 -8.34
C LYS A 291 10.45 10.20 -7.09
N ALA A 292 11.45 9.34 -6.97
CA ALA A 292 11.58 8.52 -5.77
C ALA A 292 11.84 9.39 -4.53
N ILE A 293 12.74 10.36 -4.66
CA ILE A 293 12.96 11.30 -3.56
C ILE A 293 11.64 11.84 -3.05
N THR A 294 10.85 12.43 -3.95
CA THR A 294 9.68 13.18 -3.47
C THR A 294 8.56 12.27 -3.00
N ALA A 295 8.33 11.14 -3.67
CA ALA A 295 7.34 10.20 -3.18
C ALA A 295 7.65 9.74 -1.76
N ASN A 296 8.93 9.43 -1.49
CA ASN A 296 9.27 8.95 -0.17
C ASN A 296 9.20 10.05 0.88
N ILE A 297 9.61 11.27 0.52
CA ILE A 297 9.43 12.36 1.48
C ILE A 297 7.95 12.50 1.84
N SER A 298 7.06 12.26 0.88
CA SER A 298 5.65 12.39 1.20
C SER A 298 5.18 11.32 2.17
N ILE A 299 5.60 10.07 1.95
CA ILE A 299 5.21 9.01 2.89
C ILE A 299 5.77 9.31 4.29
N GLY A 300 6.99 9.81 4.34
CA GLY A 300 7.59 10.11 5.62
C GLY A 300 6.83 11.17 6.38
N ALA A 301 6.42 12.24 5.70
CA ALA A 301 5.71 13.30 6.39
C ALA A 301 4.31 12.87 6.80
N ALA A 302 3.68 11.96 6.05
CA ALA A 302 2.45 11.37 6.53
C ALA A 302 2.65 10.72 7.90
N PHE A 303 3.68 9.87 8.02
CA PHE A 303 3.88 9.18 9.28
C PHE A 303 4.25 10.14 10.40
N LEU A 304 5.09 11.12 10.11
CA LEU A 304 5.43 12.11 11.13
C LEU A 304 4.19 12.79 11.65
N LEU A 305 3.26 13.14 10.77
CA LEU A 305 2.07 13.85 11.21
C LEU A 305 1.16 12.96 12.04
N ILE A 306 1.01 11.69 11.66
CA ILE A 306 0.18 10.79 12.46
C ILE A 306 0.72 10.68 13.88
N TYR A 307 2.03 10.47 14.02
CA TYR A 307 2.57 10.26 15.35
C TYR A 307 2.53 11.54 16.19
N ALA A 308 2.87 12.69 15.60
CA ALA A 308 2.73 13.91 16.39
C ALA A 308 1.29 14.23 16.72
N SER A 309 0.34 13.74 15.93
CA SER A 309 -1.07 13.84 16.31
C SER A 309 -1.38 13.02 17.54
N TYR A 310 -0.88 11.78 17.60
CA TYR A 310 -1.00 11.00 18.83
C TYR A 310 -0.42 11.76 20.01
N ALA A 311 0.76 12.34 19.85
CA ALA A 311 1.39 13.07 20.94
C ALA A 311 0.50 14.19 21.45
N LEU A 312 -0.03 15.00 20.55
CA LEU A 312 -0.88 16.10 20.98
C LEU A 312 -2.17 15.60 21.62
N ALA A 313 -2.78 14.57 21.04
CA ALA A 313 -4.03 14.08 21.59
C ALA A 313 -3.85 13.58 23.00
N PHE A 314 -2.77 12.86 23.26
CA PHE A 314 -2.56 12.38 24.61
C PHE A 314 -2.11 13.47 25.56
N TRP A 315 -1.33 14.45 25.09
CA TRP A 315 -0.91 15.51 25.99
C TRP A 315 -2.10 16.34 26.46
N TYR A 316 -3.05 16.60 25.59
CA TYR A 316 -4.21 17.37 26.03
C TYR A 316 -5.27 16.49 26.68
N GLY A 317 -5.37 15.23 26.26
CA GLY A 317 -6.32 14.33 26.87
C GLY A 317 -5.97 14.01 28.29
N THR A 318 -4.70 13.99 28.65
CA THR A 318 -4.41 13.80 30.06
C THR A 318 -4.73 15.04 30.86
N THR A 319 -4.60 16.23 30.28
CA THR A 319 -5.07 17.41 30.99
C THR A 319 -6.55 17.27 31.33
N LEU A 320 -7.33 16.78 30.38
CA LEU A 320 -8.77 16.66 30.60
C LEU A 320 -9.09 15.55 31.58
N VAL A 321 -8.43 14.40 31.47
CA VAL A 321 -8.66 13.32 32.41
C VAL A 321 -8.30 13.74 33.82
N LEU A 322 -7.10 14.30 34.01
CA LEU A 322 -6.66 14.69 35.33
C LEU A 322 -7.58 15.75 35.93
N SER A 323 -8.03 16.71 35.13
CA SER A 323 -8.96 17.67 35.68
C SER A 323 -10.26 17.04 36.14
N GLY A 324 -10.55 15.81 35.72
CA GLY A 324 -11.75 15.12 36.11
C GLY A 324 -12.89 15.21 35.15
N GLU A 325 -12.71 15.89 34.02
CA GLU A 325 -13.81 16.19 33.11
C GLU A 325 -14.13 15.02 32.21
N TYR A 326 -13.13 14.45 31.55
CA TYR A 326 -13.33 13.30 30.71
C TYR A 326 -12.80 12.07 31.43
N SER A 327 -13.11 10.89 30.92
CA SER A 327 -12.46 9.71 31.44
C SER A 327 -11.50 9.19 30.39
N ILE A 328 -10.86 8.07 30.65
CA ILE A 328 -9.86 7.60 29.71
C ILE A 328 -10.53 6.90 28.54
N GLY A 329 -11.64 6.22 28.78
CA GLY A 329 -12.39 5.62 27.69
C GLY A 329 -13.01 6.67 26.79
N GLN A 330 -13.51 7.76 27.37
CA GLN A 330 -14.06 8.83 26.56
C GLN A 330 -13.00 9.42 25.65
N VAL A 331 -11.77 9.53 26.14
CA VAL A 331 -10.70 10.08 25.31
C VAL A 331 -10.28 9.11 24.23
N LEU A 332 -10.21 7.81 24.53
CA LEU A 332 -9.91 6.85 23.47
C LEU A 332 -10.98 6.90 22.38
N THR A 333 -12.25 6.85 22.77
CA THR A 333 -13.35 6.96 21.83
C THR A 333 -13.15 8.14 20.90
N VAL A 334 -13.04 9.34 21.47
CA VAL A 334 -13.00 10.54 20.65
C VAL A 334 -11.79 10.54 19.75
N PHE A 335 -10.61 10.29 20.32
CA PHE A 335 -9.39 10.39 19.52
C PHE A 335 -9.45 9.46 18.33
N PHE A 336 -9.77 8.18 18.56
CA PHE A 336 -9.75 7.23 17.46
C PHE A 336 -10.86 7.49 16.45
N SER A 337 -12.07 7.81 16.92
CA SER A 337 -13.15 8.12 16.00
C SER A 337 -12.76 9.24 15.05
N VAL A 338 -12.28 10.37 15.57
CA VAL A 338 -12.04 11.49 14.68
C VAL A 338 -10.83 11.23 13.79
N LEU A 339 -9.77 10.63 14.33
CA LEU A 339 -8.63 10.29 13.49
C LEU A 339 -9.04 9.40 12.33
N ILE A 340 -9.85 8.37 12.60
CA ILE A 340 -10.26 7.44 11.56
C ILE A 340 -11.16 8.11 10.54
N GLY A 341 -12.07 8.99 10.98
CA GLY A 341 -12.85 9.73 10.02
C GLY A 341 -11.99 10.56 9.08
N ALA A 342 -11.01 11.27 9.63
CA ALA A 342 -10.18 12.13 8.80
C ALA A 342 -9.34 11.34 7.80
N PHE A 343 -8.85 10.17 8.21
CA PHE A 343 -8.12 9.33 7.27
C PHE A 343 -9.04 8.70 6.22
N SER A 344 -10.29 8.39 6.60
CA SER A 344 -11.21 7.80 5.64
C SER A 344 -11.62 8.79 4.57
N VAL A 345 -11.56 10.09 4.85
CA VAL A 345 -11.83 11.02 3.75
C VAL A 345 -10.78 10.89 2.66
N GLY A 346 -9.52 10.63 3.04
CA GLY A 346 -8.49 10.50 2.03
C GLY A 346 -8.47 9.15 1.36
N GLN A 347 -8.97 8.13 2.06
CA GLN A 347 -9.11 6.82 1.43
C GLN A 347 -10.13 6.80 0.29
N ALA A 348 -10.80 7.92 0.02
CA ALA A 348 -11.80 8.00 -1.02
C ALA A 348 -11.42 8.93 -2.16
N SER A 349 -10.19 9.41 -2.20
CA SER A 349 -9.77 10.35 -3.23
C SER A 349 -9.50 9.69 -4.58
N PRO A 350 -8.94 8.48 -4.63
CA PRO A 350 -8.81 7.82 -5.94
C PRO A 350 -10.14 7.55 -6.62
N SER A 351 -11.25 7.61 -5.91
CA SER A 351 -12.54 7.34 -6.54
C SER A 351 -12.95 8.48 -7.46
N ILE A 352 -12.69 9.72 -7.05
CA ILE A 352 -13.00 10.85 -7.92
C ILE A 352 -12.10 10.85 -9.14
N GLU A 353 -10.85 10.44 -8.96
CA GLU A 353 -9.95 10.29 -10.09
C GLU A 353 -10.51 9.27 -11.08
N ALA A 354 -10.77 8.05 -10.60
CA ALA A 354 -11.26 6.99 -11.49
C ALA A 354 -12.54 7.41 -12.20
N PHE A 355 -13.41 8.14 -11.52
CA PHE A 355 -14.65 8.57 -12.17
C PHE A 355 -14.36 9.60 -13.25
N ALA A 356 -13.39 10.48 -13.03
CA ALA A 356 -13.05 11.44 -14.09
C ALA A 356 -12.48 10.74 -15.31
N ASN A 357 -11.62 9.74 -15.09
CA ASN A 357 -11.06 9.00 -16.22
C ASN A 357 -12.13 8.25 -17.00
N ALA A 358 -13.04 7.59 -16.28
CA ALA A 358 -14.13 6.88 -16.94
C ALA A 358 -14.98 7.83 -17.75
N ARG A 359 -15.26 9.00 -17.21
CA ARG A 359 -16.03 10.00 -17.94
C ARG A 359 -15.32 10.37 -19.24
N GLY A 360 -14.02 10.62 -19.16
CA GLY A 360 -13.26 10.95 -20.35
C GLY A 360 -13.34 9.89 -21.42
N ALA A 361 -13.17 8.62 -21.04
CA ALA A 361 -13.17 7.55 -22.04
C ALA A 361 -14.56 7.31 -22.63
N ALA A 362 -15.58 7.41 -21.79
CA ALA A 362 -16.94 7.26 -22.30
C ALA A 362 -17.26 8.31 -23.33
N TYR A 363 -16.66 9.48 -23.23
CA TYR A 363 -16.94 10.48 -24.27
C TYR A 363 -16.54 9.98 -25.65
N GLU A 364 -15.31 9.49 -25.77
CA GLU A 364 -14.84 8.97 -27.05
C GLU A 364 -15.73 7.86 -27.57
N ILE A 365 -16.00 6.85 -26.72
CA ILE A 365 -16.79 5.72 -27.19
C ILE A 365 -18.17 6.18 -27.64
N PHE A 366 -18.86 6.93 -26.78
CA PHE A 366 -20.22 7.32 -27.13
C PHE A 366 -20.24 8.17 -28.39
N LYS A 367 -19.20 8.98 -28.62
CA LYS A 367 -19.19 9.74 -29.87
C LYS A 367 -19.04 8.83 -31.07
N ILE A 368 -18.25 7.77 -30.94
CA ILE A 368 -18.13 6.81 -32.05
C ILE A 368 -19.48 6.16 -32.34
N ILE A 369 -20.21 5.80 -31.28
CA ILE A 369 -21.48 5.09 -31.52
C ILE A 369 -22.62 6.04 -31.87
N ASP A 370 -22.42 7.35 -31.74
CA ASP A 370 -23.49 8.29 -32.04
C ASP A 370 -23.50 8.73 -33.50
N ASN A 371 -22.36 8.70 -34.18
CA ASN A 371 -22.33 9.13 -35.58
C ASN A 371 -23.00 8.10 -36.47
N LYS A 372 -23.79 8.58 -37.44
CA LYS A 372 -24.47 7.74 -38.40
C LYS A 372 -23.94 8.01 -39.80
N PRO A 373 -23.26 7.06 -40.45
CA PRO A 373 -22.66 7.34 -41.76
C PRO A 373 -23.72 7.61 -42.81
N SER A 374 -23.23 7.97 -44.00
CA SER A 374 -24.11 8.35 -45.09
C SER A 374 -24.70 7.13 -45.80
N ILE A 375 -23.98 6.01 -45.78
CA ILE A 375 -24.46 4.74 -46.31
C ILE A 375 -24.29 3.71 -45.20
N ASP A 376 -25.30 2.86 -45.03
CA ASP A 376 -25.29 1.88 -43.96
C ASP A 376 -26.26 0.75 -44.29
N SER A 377 -25.80 -0.48 -44.13
CA SER A 377 -26.61 -1.65 -44.45
C SER A 377 -27.64 -1.97 -43.38
N TYR A 378 -27.77 -1.11 -42.37
CA TYR A 378 -28.73 -1.32 -41.30
C TYR A 378 -30.00 -0.51 -41.52
N SER A 379 -30.13 0.12 -42.67
CA SER A 379 -31.31 0.89 -43.01
C SER A 379 -32.03 0.18 -44.16
N LYS A 380 -33.33 -0.08 -43.96
CA LYS A 380 -34.13 -0.80 -44.93
C LYS A 380 -34.96 0.13 -45.81
N SER A 381 -34.73 1.45 -45.72
CA SER A 381 -35.57 2.41 -46.43
C SER A 381 -35.58 2.17 -47.93
N GLY A 382 -34.48 1.68 -48.49
CA GLY A 382 -34.36 1.59 -49.93
C GLY A 382 -35.15 0.45 -50.52
N HIS A 383 -35.70 0.69 -51.71
CA HIS A 383 -36.57 -0.27 -52.37
C HIS A 383 -35.79 -1.41 -53.00
N LYS A 384 -36.32 -2.63 -52.86
CA LYS A 384 -35.69 -3.82 -53.44
C LYS A 384 -36.34 -4.16 -54.77
N PRO A 385 -35.59 -4.25 -55.87
CA PRO A 385 -36.19 -4.66 -57.14
C PRO A 385 -36.46 -6.16 -57.17
N ASP A 386 -37.30 -6.55 -58.13
CA ASP A 386 -37.70 -7.95 -58.29
C ASP A 386 -37.22 -8.57 -59.59
N ASN A 387 -37.60 -8.01 -60.74
CA ASN A 387 -37.18 -8.56 -62.02
C ASN A 387 -35.79 -8.04 -62.33
N ILE A 388 -34.79 -8.84 -61.98
CA ILE A 388 -33.40 -8.41 -62.02
C ILE A 388 -32.91 -8.45 -63.47
N LYS A 389 -32.44 -7.31 -63.96
CA LYS A 389 -31.92 -7.20 -65.32
C LYS A 389 -30.64 -6.35 -65.28
N GLY A 390 -29.58 -6.86 -65.89
CA GLY A 390 -28.30 -6.18 -65.87
C GLY A 390 -28.22 -4.99 -66.80
N ASN A 391 -28.12 -3.79 -66.25
CA ASN A 391 -28.00 -2.57 -67.02
C ASN A 391 -27.29 -1.52 -66.18
N LEU A 392 -26.24 -0.93 -66.74
CA LEU A 392 -25.41 0.02 -66.02
C LEU A 392 -25.50 1.38 -66.70
N GLU A 393 -25.78 2.43 -65.92
CA GLU A 393 -25.88 3.80 -66.44
C GLU A 393 -25.12 4.72 -65.51
N PHE A 394 -24.02 5.28 -66.03
CA PHE A 394 -23.27 6.33 -65.36
C PHE A 394 -23.29 7.58 -66.24
N ARG A 395 -23.43 8.74 -65.63
CA ARG A 395 -23.51 9.99 -66.38
C ARG A 395 -23.04 11.13 -65.50
N ASN A 396 -21.98 11.81 -65.93
CA ASN A 396 -21.48 13.02 -65.26
C ASN A 396 -21.07 12.69 -63.82
N VAL A 397 -20.22 11.68 -63.68
CA VAL A 397 -19.88 11.13 -62.36
C VAL A 397 -18.56 11.75 -61.92
N HIS A 398 -18.64 12.78 -61.08
CA HIS A 398 -17.48 13.40 -60.46
C HIS A 398 -17.40 12.94 -59.01
N PHE A 399 -16.25 12.40 -58.62
CA PHE A 399 -16.08 11.91 -57.27
C PHE A 399 -14.63 12.10 -56.83
N SER A 400 -14.46 12.41 -55.55
CA SER A 400 -13.14 12.56 -54.94
C SER A 400 -13.09 11.81 -53.63
N TYR A 401 -11.89 11.37 -53.27
CA TYR A 401 -11.69 10.68 -52.00
C TYR A 401 -11.72 11.68 -50.85
N PRO A 402 -12.57 11.48 -49.84
CA PRO A 402 -12.51 12.35 -48.66
C PRO A 402 -11.16 12.34 -47.96
N SER A 403 -10.37 11.27 -48.12
CA SER A 403 -9.04 11.23 -47.51
C SER A 403 -8.15 12.34 -48.04
N ARG A 404 -8.11 12.54 -49.36
CA ARG A 404 -7.40 13.65 -49.99
C ARG A 404 -8.37 14.27 -50.99
N LYS A 405 -9.15 15.25 -50.54
CA LYS A 405 -10.17 15.86 -51.37
C LYS A 405 -9.66 17.01 -52.21
N GLU A 406 -8.47 17.54 -51.92
CA GLU A 406 -7.92 18.61 -52.74
C GLU A 406 -7.63 18.13 -54.15
N VAL A 407 -7.25 16.86 -54.31
CA VAL A 407 -6.97 16.28 -55.61
C VAL A 407 -8.25 15.69 -56.17
N LYS A 408 -8.45 15.85 -57.47
CA LYS A 408 -9.60 15.27 -58.17
C LYS A 408 -9.07 14.30 -59.23
N ILE A 409 -9.25 12.99 -58.97
CA ILE A 409 -8.84 11.99 -59.94
C ILE A 409 -9.86 11.88 -61.07
N LEU A 410 -11.15 11.98 -60.74
CA LEU A 410 -12.21 11.83 -61.72
C LEU A 410 -12.78 13.18 -62.11
N LYS A 411 -13.11 13.32 -63.39
CA LYS A 411 -13.72 14.52 -63.96
C LYS A 411 -14.87 14.13 -64.88
N GLY A 412 -15.70 13.22 -64.42
CA GLY A 412 -16.89 12.82 -65.17
C GLY A 412 -16.67 11.66 -66.11
N LEU A 413 -17.42 10.58 -65.91
CA LEU A 413 -17.40 9.43 -66.81
C LEU A 413 -18.84 9.05 -67.13
N ASN A 414 -19.13 8.83 -68.41
CA ASN A 414 -20.46 8.48 -68.87
C ASN A 414 -20.39 7.15 -69.61
N LEU A 415 -21.27 6.23 -69.26
CA LEU A 415 -21.21 4.87 -69.75
C LEU A 415 -22.58 4.22 -69.66
N LYS A 416 -22.88 3.38 -70.65
CA LYS A 416 -24.13 2.61 -70.67
C LYS A 416 -23.76 1.19 -71.09
N VAL A 417 -23.92 0.24 -70.19
CA VAL A 417 -23.53 -1.15 -70.43
C VAL A 417 -24.76 -2.03 -70.35
N GLN A 418 -24.93 -2.92 -71.33
CA GLN A 418 -26.08 -3.80 -71.40
C GLN A 418 -25.79 -5.12 -70.71
N SER A 419 -26.80 -5.98 -70.69
CA SER A 419 -26.68 -7.28 -70.05
C SER A 419 -25.65 -8.15 -70.76
N GLY A 420 -24.85 -8.87 -69.98
CA GLY A 420 -23.88 -9.80 -70.52
C GLY A 420 -22.72 -9.19 -71.27
N GLN A 421 -22.73 -7.87 -71.49
CA GLN A 421 -21.67 -7.21 -72.25
C GLN A 421 -20.41 -7.20 -71.42
N THR A 422 -19.45 -8.04 -71.79
CA THR A 422 -18.15 -8.04 -71.11
C THR A 422 -17.41 -6.76 -71.48
N VAL A 423 -17.30 -5.85 -70.53
CA VAL A 423 -16.63 -4.57 -70.71
C VAL A 423 -15.27 -4.64 -70.01
N ALA A 424 -14.20 -4.45 -70.78
CA ALA A 424 -12.87 -4.32 -70.22
C ALA A 424 -12.42 -2.87 -70.26
N LEU A 425 -11.61 -2.49 -69.27
CA LEU A 425 -11.07 -1.14 -69.16
C LEU A 425 -9.55 -1.24 -69.08
N VAL A 426 -8.88 -0.48 -69.95
CA VAL A 426 -7.43 -0.51 -70.04
C VAL A 426 -6.89 0.87 -69.73
N GLY A 427 -5.71 0.90 -69.12
CA GLY A 427 -5.07 2.14 -68.74
C GLY A 427 -4.03 1.91 -67.68
N ASN A 428 -3.16 2.91 -67.53
CA ASN A 428 -2.07 2.79 -66.58
C ASN A 428 -2.57 2.96 -65.15
N SER A 429 -1.74 2.54 -64.20
CA SER A 429 -2.12 2.56 -62.79
C SER A 429 -2.11 3.98 -62.25
N GLY A 430 -3.28 4.51 -61.93
CA GLY A 430 -3.40 5.89 -61.47
C GLY A 430 -4.67 6.55 -61.98
N CYS A 431 -5.28 5.97 -63.02
CA CYS A 431 -6.53 6.50 -63.54
C CYS A 431 -7.72 6.14 -62.66
N GLY A 432 -7.63 5.04 -61.91
CA GLY A 432 -8.69 4.68 -61.00
C GLY A 432 -9.66 3.62 -61.49
N LYS A 433 -9.14 2.50 -61.98
CA LYS A 433 -9.99 1.34 -62.25
C LYS A 433 -10.55 0.79 -60.94
N SER A 434 -9.69 0.59 -59.95
CA SER A 434 -10.15 0.22 -58.61
C SER A 434 -11.11 1.27 -58.07
N THR A 435 -10.91 2.53 -58.42
CA THR A 435 -11.81 3.59 -57.99
C THR A 435 -13.21 3.40 -58.60
N THR A 436 -13.27 2.97 -59.87
CA THR A 436 -14.56 2.67 -60.46
C THR A 436 -15.21 1.45 -59.82
N VAL A 437 -14.40 0.43 -59.53
CA VAL A 437 -14.93 -0.77 -58.90
C VAL A 437 -15.54 -0.43 -57.54
N GLN A 438 -14.82 0.33 -56.73
CA GLN A 438 -15.34 0.79 -55.44
C GLN A 438 -16.55 1.70 -55.62
N LEU A 439 -16.54 2.57 -56.64
CA LEU A 439 -17.69 3.42 -56.89
C LEU A 439 -18.93 2.62 -57.23
N MET A 440 -18.74 1.42 -57.78
CA MET A 440 -19.90 0.65 -58.23
C MET A 440 -20.75 0.17 -57.05
N GLN A 441 -20.13 -0.52 -56.10
CA GLN A 441 -20.86 -1.16 -54.99
C GLN A 441 -21.46 -0.18 -54.03
N ARG A 442 -21.38 1.12 -54.32
CA ARG A 442 -21.77 2.19 -53.41
C ARG A 442 -20.97 2.09 -52.11
N LEU A 443 -19.64 1.97 -52.26
CA LEU A 443 -18.79 2.21 -51.11
C LEU A 443 -18.73 3.69 -50.77
N TYR A 444 -19.11 4.55 -51.72
CA TYR A 444 -19.11 5.99 -51.54
C TYR A 444 -20.36 6.52 -52.23
N ASP A 445 -20.40 7.83 -52.46
CA ASP A 445 -21.41 8.42 -53.29
C ASP A 445 -20.72 9.44 -54.20
N PRO A 446 -21.09 9.49 -55.48
CA PRO A 446 -20.48 10.47 -56.38
C PRO A 446 -20.96 11.87 -56.08
N THR A 447 -20.05 12.84 -56.20
CA THR A 447 -20.35 14.22 -55.85
C THR A 447 -21.23 14.89 -56.90
N GLU A 448 -21.06 14.54 -58.17
CA GLU A 448 -21.83 15.13 -59.25
C GLU A 448 -22.49 14.04 -60.08
N GLY A 449 -23.70 14.34 -60.56
CA GLY A 449 -24.39 13.43 -61.45
C GLY A 449 -25.37 12.53 -60.73
N MET A 450 -25.73 11.45 -61.42
CA MET A 450 -26.62 10.44 -60.89
C MET A 450 -26.29 9.13 -61.57
N VAL A 451 -26.25 8.05 -60.78
CA VAL A 451 -25.93 6.74 -61.30
C VAL A 451 -27.14 5.83 -61.10
N SER A 452 -27.32 4.91 -62.05
CA SER A 452 -28.52 4.08 -62.06
C SER A 452 -28.18 2.70 -62.61
N VAL A 453 -29.00 1.73 -62.21
CA VAL A 453 -28.83 0.35 -62.61
C VAL A 453 -30.21 -0.12 -63.05
N ASP A 454 -30.41 -0.21 -64.38
CA ASP A 454 -31.68 -0.61 -64.98
C ASP A 454 -32.80 0.35 -64.56
N GLY A 455 -32.66 1.59 -65.04
CA GLY A 455 -33.70 2.59 -64.91
C GLY A 455 -33.61 3.50 -63.71
N GLN A 456 -33.89 2.99 -62.52
CA GLN A 456 -33.92 3.85 -61.36
C GLN A 456 -32.55 3.95 -60.72
N ASP A 457 -32.33 5.04 -59.99
CA ASP A 457 -31.04 5.34 -59.40
C ASP A 457 -30.84 4.58 -58.09
N ILE A 458 -29.57 4.39 -57.73
CA ILE A 458 -29.23 3.73 -56.48
C ILE A 458 -29.79 4.52 -55.30
N ARG A 459 -29.74 5.84 -55.38
CA ARG A 459 -29.93 6.71 -54.22
C ARG A 459 -31.31 6.61 -53.57
N THR A 460 -32.21 5.80 -54.13
CA THR A 460 -33.50 5.58 -53.52
C THR A 460 -33.79 4.11 -53.23
N ILE A 461 -32.81 3.23 -53.42
CA ILE A 461 -33.03 1.80 -53.26
C ILE A 461 -32.04 1.24 -52.23
N ASN A 462 -32.27 -0.01 -51.85
CA ASN A 462 -31.61 -0.60 -50.70
C ASN A 462 -30.13 -0.85 -50.97
N VAL A 463 -29.30 -0.70 -49.93
CA VAL A 463 -27.87 -0.91 -50.08
C VAL A 463 -27.52 -2.38 -49.89
N ARG A 464 -28.20 -3.04 -48.94
CA ARG A 464 -27.93 -4.45 -48.69
C ARG A 464 -28.30 -5.30 -49.89
N PHE A 465 -29.54 -5.16 -50.37
CA PHE A 465 -30.02 -5.96 -51.49
C PHE A 465 -29.15 -5.75 -52.71
N LEU A 466 -28.76 -4.50 -52.98
CA LEU A 466 -27.88 -4.23 -54.11
C LEU A 466 -26.49 -4.81 -53.90
N ARG A 467 -26.03 -4.82 -52.65
CA ARG A 467 -24.67 -5.29 -52.38
C ARG A 467 -24.55 -6.79 -52.50
N GLU A 468 -25.62 -7.53 -52.24
CA GLU A 468 -25.51 -8.97 -52.28
C GLU A 468 -25.51 -9.53 -53.71
N ILE A 469 -26.07 -8.82 -54.67
CA ILE A 469 -26.29 -9.39 -56.00
C ILE A 469 -25.14 -9.08 -56.94
N ILE A 470 -24.07 -8.48 -56.42
CA ILE A 470 -22.95 -8.02 -57.24
C ILE A 470 -21.70 -8.75 -56.76
N GLY A 471 -21.37 -9.86 -57.41
CA GLY A 471 -20.16 -10.60 -57.04
C GLY A 471 -18.90 -9.89 -57.51
N VAL A 472 -18.10 -9.41 -56.57
CA VAL A 472 -16.92 -8.61 -56.89
C VAL A 472 -15.70 -9.24 -56.28
N VAL A 473 -14.62 -9.31 -57.05
CA VAL A 473 -13.32 -9.72 -56.56
C VAL A 473 -12.36 -8.55 -56.68
N SER A 474 -11.65 -8.26 -55.58
CA SER A 474 -10.76 -7.13 -55.51
C SER A 474 -9.35 -7.51 -55.96
N GLN A 475 -8.46 -6.53 -55.97
CA GLN A 475 -7.09 -6.75 -56.45
C GLN A 475 -6.38 -7.78 -55.61
N GLU A 476 -6.27 -7.54 -54.31
CA GLU A 476 -5.65 -8.48 -53.38
C GLU A 476 -6.72 -8.99 -52.41
N PRO A 477 -7.19 -10.22 -52.59
CA PRO A 477 -8.17 -10.78 -51.65
C PRO A 477 -7.53 -11.10 -50.31
N VAL A 478 -8.37 -11.18 -49.29
CA VAL A 478 -7.99 -11.68 -47.98
C VAL A 478 -8.90 -12.85 -47.67
N LEU A 479 -8.41 -13.77 -46.84
CA LEU A 479 -9.17 -14.97 -46.53
C LEU A 479 -9.26 -15.15 -45.02
N PHE A 480 -10.46 -15.50 -44.54
CA PHE A 480 -10.71 -15.60 -43.13
C PHE A 480 -10.09 -16.86 -42.55
N ALA A 481 -9.56 -16.75 -41.34
CA ALA A 481 -8.81 -17.84 -40.72
C ALA A 481 -9.75 -18.88 -40.09
N THR A 482 -10.66 -19.37 -40.91
CA THR A 482 -11.52 -20.49 -40.55
C THR A 482 -11.18 -21.67 -41.45
N THR A 483 -11.96 -22.73 -41.33
CA THR A 483 -11.83 -23.83 -42.26
C THR A 483 -12.22 -23.36 -43.65
N ILE A 484 -11.70 -24.06 -44.67
CA ILE A 484 -11.97 -23.62 -46.04
C ILE A 484 -13.43 -23.82 -46.39
N ALA A 485 -14.09 -24.79 -45.76
CA ALA A 485 -15.52 -24.99 -46.00
C ALA A 485 -16.29 -23.74 -45.61
N GLU A 486 -15.99 -23.17 -44.44
CA GLU A 486 -16.60 -21.90 -44.05
C GLU A 486 -16.23 -20.79 -45.01
N ASN A 487 -14.98 -20.77 -45.48
CA ASN A 487 -14.55 -19.73 -46.41
C ASN A 487 -15.41 -19.72 -47.66
N ILE A 488 -15.62 -20.89 -48.26
CA ILE A 488 -16.44 -20.93 -49.47
C ILE A 488 -17.91 -20.75 -49.10
N ARG A 489 -18.31 -21.13 -47.89
CA ARG A 489 -19.67 -20.91 -47.43
C ARG A 489 -19.97 -19.43 -47.24
N TYR A 490 -18.94 -18.62 -47.05
CA TYR A 490 -19.10 -17.19 -46.76
C TYR A 490 -19.75 -16.41 -47.89
N GLY A 491 -20.14 -17.08 -48.97
CA GLY A 491 -20.91 -16.40 -49.99
C GLY A 491 -22.29 -16.02 -49.49
N ARG A 492 -23.04 -17.01 -49.02
CA ARG A 492 -24.40 -16.81 -48.55
C ARG A 492 -24.68 -17.80 -47.44
N GLU A 493 -25.92 -17.81 -46.94
CA GLU A 493 -26.23 -18.63 -45.78
C GLU A 493 -26.39 -20.10 -46.16
N ASN A 494 -27.38 -20.42 -46.98
CA ASN A 494 -27.77 -21.80 -47.24
C ASN A 494 -27.10 -22.29 -48.52
N VAL A 495 -25.92 -22.88 -48.36
CA VAL A 495 -25.20 -23.55 -49.43
C VAL A 495 -24.84 -24.94 -48.94
N THR A 496 -25.16 -25.95 -49.73
CA THR A 496 -24.84 -27.33 -49.39
C THR A 496 -23.56 -27.76 -50.11
N MET A 497 -23.03 -28.91 -49.69
CA MET A 497 -21.74 -29.37 -50.17
C MET A 497 -21.74 -29.68 -51.66
N ASP A 498 -22.90 -30.01 -52.24
CA ASP A 498 -22.95 -30.28 -53.67
C ASP A 498 -22.70 -29.02 -54.48
N GLU A 499 -23.37 -27.92 -54.11
CA GLU A 499 -23.07 -26.63 -54.72
C GLU A 499 -21.62 -26.24 -54.47
N ILE A 500 -21.09 -26.58 -53.30
CA ILE A 500 -19.70 -26.29 -52.99
C ILE A 500 -18.78 -26.97 -53.99
N GLU A 501 -19.02 -28.27 -54.23
CA GLU A 501 -18.20 -29.01 -55.18
C GLU A 501 -18.36 -28.45 -56.59
N LYS A 502 -19.59 -28.10 -56.97
CA LYS A 502 -19.79 -27.51 -58.30
C LYS A 502 -18.96 -26.25 -58.47
N ALA A 503 -19.03 -25.35 -57.49
CA ALA A 503 -18.32 -24.09 -57.60
C ALA A 503 -16.81 -24.29 -57.58
N VAL A 504 -16.31 -25.20 -56.74
CA VAL A 504 -14.87 -25.40 -56.67
C VAL A 504 -14.36 -26.11 -57.93
N LYS A 505 -15.20 -26.89 -58.59
CA LYS A 505 -14.80 -27.49 -59.86
C LYS A 505 -14.91 -26.51 -61.01
N GLU A 506 -15.80 -25.51 -60.89
CA GLU A 506 -15.79 -24.40 -61.84
C GLU A 506 -14.57 -23.52 -61.62
N ALA A 507 -14.08 -23.43 -60.39
CA ALA A 507 -12.87 -22.68 -60.11
C ALA A 507 -11.61 -23.47 -60.39
N ASN A 508 -11.73 -24.78 -60.62
CA ASN A 508 -10.57 -25.66 -60.87
C ASN A 508 -9.54 -25.54 -59.76
N ALA A 509 -10.02 -25.51 -58.52
CA ALA A 509 -9.16 -25.46 -57.34
C ALA A 509 -9.46 -26.65 -56.43
N TYR A 510 -9.72 -27.81 -57.03
CA TYR A 510 -10.02 -29.02 -56.29
C TYR A 510 -8.82 -29.96 -56.17
N ASP A 511 -7.76 -29.73 -56.95
CA ASP A 511 -6.58 -30.58 -56.88
C ASP A 511 -5.82 -30.36 -55.57
N PHE A 512 -5.43 -29.11 -55.30
CA PHE A 512 -4.76 -28.83 -54.04
C PHE A 512 -5.68 -29.03 -52.85
N ILE A 513 -7.00 -29.07 -53.07
CA ILE A 513 -7.91 -29.52 -52.03
C ILE A 513 -7.72 -31.01 -51.77
N MET A 514 -7.48 -31.79 -52.83
CA MET A 514 -7.36 -33.23 -52.69
C MET A 514 -5.99 -33.65 -52.14
N LYS A 515 -4.94 -32.90 -52.45
CA LYS A 515 -3.60 -33.31 -52.00
C LYS A 515 -3.37 -32.96 -50.54
N LEU A 516 -4.08 -31.93 -49.99
CA LEU A 516 -3.82 -31.55 -48.62
C LEU A 516 -4.82 -32.21 -47.68
N PRO A 517 -4.39 -32.60 -46.48
CA PRO A 517 -5.29 -33.29 -45.55
C PRO A 517 -6.41 -32.38 -45.10
N HIS A 518 -7.37 -32.97 -44.38
CA HIS A 518 -8.55 -32.26 -43.92
C HIS A 518 -9.17 -31.45 -45.06
N LYS A 519 -9.59 -32.21 -46.09
CA LYS A 519 -10.01 -31.62 -47.36
C LYS A 519 -11.15 -30.63 -47.21
N PHE A 520 -11.91 -30.70 -46.11
CA PHE A 520 -12.92 -29.71 -45.80
C PHE A 520 -12.73 -29.15 -44.40
N ASP A 521 -11.64 -29.48 -43.74
CA ASP A 521 -11.43 -29.16 -42.33
C ASP A 521 -10.15 -28.36 -42.10
N THR A 522 -9.48 -27.93 -43.17
CA THR A 522 -8.16 -27.32 -43.05
C THR A 522 -8.27 -25.86 -42.67
N LEU A 523 -7.65 -25.50 -41.55
CA LEU A 523 -7.64 -24.12 -41.08
C LEU A 523 -6.55 -23.36 -41.79
N VAL A 524 -6.95 -22.49 -42.73
CA VAL A 524 -5.98 -21.65 -43.44
C VAL A 524 -5.42 -20.61 -42.50
N GLY A 525 -4.11 -20.39 -42.58
CA GLY A 525 -3.42 -19.46 -41.71
C GLY A 525 -3.91 -18.03 -41.89
N GLU A 526 -3.26 -17.13 -41.14
CA GLU A 526 -3.64 -15.73 -41.17
C GLU A 526 -3.22 -15.10 -42.48
N ARG A 527 -4.16 -14.41 -43.13
CA ARG A 527 -3.92 -13.71 -44.40
C ARG A 527 -3.46 -14.67 -45.50
N GLY A 528 -3.98 -15.90 -45.47
CA GLY A 528 -3.70 -16.86 -46.52
C GLY A 528 -2.23 -17.19 -46.68
N ALA A 529 -1.51 -17.34 -45.57
CA ALA A 529 -0.09 -17.65 -45.64
C ALA A 529 0.17 -19.15 -45.78
N GLN A 530 -0.75 -20.00 -45.32
CA GLN A 530 -0.51 -21.44 -45.32
C GLN A 530 -0.49 -22.01 -46.73
N LEU A 531 -1.38 -21.53 -47.61
CA LEU A 531 -1.44 -21.97 -48.98
C LEU A 531 -0.72 -20.97 -49.89
N SER A 532 -0.71 -21.28 -51.19
CA SER A 532 0.00 -20.47 -52.16
C SER A 532 -0.92 -19.37 -52.71
N GLY A 533 -0.34 -18.50 -53.53
CA GLY A 533 -1.10 -17.38 -54.06
C GLY A 533 -2.12 -17.80 -55.11
N GLY A 534 -1.73 -18.73 -56.00
CA GLY A 534 -2.64 -19.16 -57.04
C GLY A 534 -3.86 -19.87 -56.50
N GLN A 535 -3.64 -20.83 -55.60
CA GLN A 535 -4.74 -21.51 -54.94
C GLN A 535 -5.64 -20.51 -54.22
N LYS A 536 -5.04 -19.53 -53.56
CA LYS A 536 -5.80 -18.53 -52.81
C LYS A 536 -6.68 -17.71 -53.75
N GLN A 537 -6.12 -17.23 -54.87
CA GLN A 537 -6.93 -16.39 -55.76
C GLN A 537 -8.02 -17.20 -56.45
N ARG A 538 -7.73 -18.46 -56.80
CA ARG A 538 -8.76 -19.27 -57.42
C ARG A 538 -9.90 -19.58 -56.45
N ILE A 539 -9.58 -19.94 -55.21
CA ILE A 539 -10.65 -20.18 -54.25
C ILE A 539 -11.38 -18.88 -53.90
N ALA A 540 -10.72 -17.73 -53.99
CA ALA A 540 -11.44 -16.46 -53.84
C ALA A 540 -12.44 -16.26 -54.97
N ILE A 541 -12.05 -16.64 -56.19
CA ILE A 541 -13.00 -16.61 -57.31
C ILE A 541 -14.20 -17.49 -57.00
N ALA A 542 -13.95 -18.71 -56.52
CA ALA A 542 -15.05 -19.61 -56.15
C ALA A 542 -15.93 -18.98 -55.07
N ARG A 543 -15.30 -18.33 -54.08
CA ARG A 543 -16.01 -17.67 -53.00
C ARG A 543 -16.91 -16.57 -53.54
N ALA A 544 -16.49 -15.90 -54.60
CA ALA A 544 -17.36 -14.91 -55.23
C ALA A 544 -18.48 -15.59 -55.99
N LEU A 545 -18.19 -16.73 -56.61
CA LEU A 545 -19.16 -17.38 -57.49
C LEU A 545 -20.29 -18.04 -56.71
N VAL A 546 -20.01 -18.49 -55.47
CA VAL A 546 -21.05 -19.18 -54.71
C VAL A 546 -22.23 -18.27 -54.38
N ARG A 547 -22.05 -16.95 -54.43
CA ARG A 547 -23.18 -16.05 -54.19
C ARG A 547 -24.22 -16.10 -55.29
N ASN A 548 -23.89 -16.69 -56.45
CA ASN A 548 -24.76 -16.67 -57.63
C ASN A 548 -25.13 -15.23 -57.96
N PRO A 549 -24.21 -14.43 -58.49
CA PRO A 549 -24.46 -13.01 -58.67
C PRO A 549 -25.25 -12.71 -59.94
N LYS A 550 -25.64 -11.44 -60.06
CA LYS A 550 -26.25 -10.90 -61.27
C LYS A 550 -25.32 -10.02 -62.06
N ILE A 551 -24.31 -9.44 -61.40
CA ILE A 551 -23.29 -8.64 -62.04
C ILE A 551 -21.95 -9.05 -61.44
N LEU A 552 -20.98 -9.32 -62.31
CA LEU A 552 -19.66 -9.77 -61.88
C LEU A 552 -18.66 -8.66 -62.16
N LEU A 553 -17.81 -8.37 -61.16
CA LEU A 553 -16.81 -7.33 -61.28
C LEU A 553 -15.47 -7.89 -60.79
N LEU A 554 -14.60 -8.24 -61.73
CA LEU A 554 -13.28 -8.73 -61.38
C LEU A 554 -12.28 -7.59 -61.48
N ASP A 555 -11.36 -7.52 -60.51
CA ASP A 555 -10.28 -6.53 -60.57
C ASP A 555 -8.95 -7.23 -60.34
N GLU A 556 -8.18 -7.42 -61.42
CA GLU A 556 -6.87 -8.06 -61.38
C GLU A 556 -6.97 -9.50 -60.86
N ALA A 557 -7.83 -10.27 -61.51
CA ALA A 557 -8.13 -11.63 -61.08
C ALA A 557 -6.98 -12.62 -61.31
N THR A 558 -5.97 -12.26 -62.09
CA THR A 558 -4.91 -13.18 -62.46
C THR A 558 -3.55 -12.52 -62.32
N SER A 559 -3.31 -11.88 -61.18
CA SER A 559 -2.07 -11.14 -60.97
C SER A 559 -0.87 -12.07 -60.97
N ALA A 560 -0.91 -13.13 -60.16
CA ALA A 560 0.20 -14.06 -60.02
C ALA A 560 -0.16 -15.47 -60.49
N LEU A 561 -1.02 -15.58 -61.50
CA LEU A 561 -1.52 -16.86 -61.95
C LEU A 561 -0.77 -17.33 -63.19
N ASP A 562 -0.57 -18.64 -63.30
CA ASP A 562 0.11 -19.21 -64.45
C ASP A 562 -0.86 -19.32 -65.63
N THR A 563 -0.42 -19.99 -66.69
CA THR A 563 -1.11 -19.93 -67.98
C THR A 563 -2.39 -20.78 -67.97
N GLU A 564 -2.27 -22.08 -67.67
CA GLU A 564 -3.39 -22.98 -67.83
C GLU A 564 -4.48 -22.73 -66.79
N SER A 565 -4.10 -22.35 -65.58
CA SER A 565 -5.10 -22.06 -64.56
C SER A 565 -5.87 -20.79 -64.90
N GLU A 566 -5.18 -19.75 -65.37
CA GLU A 566 -5.90 -18.57 -65.84
C GLU A 566 -6.80 -18.90 -67.02
N ALA A 567 -6.34 -19.81 -67.89
CA ALA A 567 -7.16 -20.19 -69.05
C ALA A 567 -8.43 -20.89 -68.60
N VAL A 568 -8.33 -21.87 -67.71
CA VAL A 568 -9.52 -22.60 -67.29
C VAL A 568 -10.41 -21.70 -66.44
N VAL A 569 -9.83 -20.79 -65.68
CA VAL A 569 -10.63 -19.81 -64.94
C VAL A 569 -11.43 -18.95 -65.90
N GLN A 570 -10.79 -18.43 -66.95
CA GLN A 570 -11.51 -17.59 -67.90
C GLN A 570 -12.54 -18.39 -68.68
N VAL A 571 -12.25 -19.65 -68.98
CA VAL A 571 -13.25 -20.50 -69.63
C VAL A 571 -14.49 -20.63 -68.74
N ALA A 572 -14.28 -20.90 -67.45
CA ALA A 572 -15.41 -20.95 -66.53
C ALA A 572 -16.12 -19.60 -66.44
N LEU A 573 -15.37 -18.50 -66.47
CA LEU A 573 -15.97 -17.18 -66.42
C LEU A 573 -16.88 -16.96 -67.62
N ASP A 574 -16.46 -17.47 -68.78
CA ASP A 574 -17.31 -17.46 -69.96
C ASP A 574 -18.35 -18.56 -69.97
N LYS A 575 -18.32 -19.45 -68.96
CA LYS A 575 -19.42 -20.40 -68.77
C LYS A 575 -20.56 -19.82 -67.95
N ALA A 576 -20.34 -18.70 -67.26
CA ALA A 576 -21.36 -18.12 -66.40
C ALA A 576 -21.47 -16.62 -66.59
N ARG A 577 -21.28 -16.15 -67.83
CA ARG A 577 -21.42 -14.75 -68.16
C ARG A 577 -22.66 -14.45 -69.01
N LYS A 578 -23.38 -15.48 -69.45
CA LYS A 578 -24.44 -15.27 -70.44
C LYS A 578 -25.73 -14.74 -69.82
N GLY A 579 -25.90 -14.88 -68.52
CA GLY A 579 -27.07 -14.33 -67.86
C GLY A 579 -26.76 -13.11 -67.02
N ARG A 580 -25.48 -12.79 -66.89
CA ARG A 580 -25.02 -11.75 -65.98
C ARG A 580 -24.17 -10.72 -66.71
N THR A 581 -24.32 -9.46 -66.31
CA THR A 581 -23.40 -8.44 -66.76
C THR A 581 -22.03 -8.67 -66.16
N THR A 582 -20.99 -8.21 -66.85
CA THR A 582 -19.63 -8.50 -66.44
C THR A 582 -18.72 -7.34 -66.77
N ILE A 583 -17.83 -7.00 -65.83
CA ILE A 583 -16.77 -6.03 -66.05
C ILE A 583 -15.50 -6.60 -65.46
N VAL A 584 -14.46 -6.71 -66.28
CA VAL A 584 -13.20 -7.33 -65.88
C VAL A 584 -12.09 -6.32 -66.04
N ILE A 585 -11.26 -6.20 -65.02
CA ILE A 585 -10.11 -5.30 -65.00
C ILE A 585 -8.88 -6.14 -64.70
N ALA A 586 -7.90 -6.09 -65.59
CA ALA A 586 -6.66 -6.82 -65.39
C ALA A 586 -5.58 -6.20 -66.26
N HIS A 587 -4.38 -6.77 -66.17
CA HIS A 587 -3.26 -6.35 -67.00
C HIS A 587 -3.01 -7.28 -68.18
N ARG A 588 -3.32 -8.57 -68.04
CA ARG A 588 -3.08 -9.50 -69.12
C ARG A 588 -4.07 -9.31 -70.24
N LEU A 589 -3.57 -9.16 -71.46
CA LEU A 589 -4.41 -8.94 -72.63
C LEU A 589 -4.86 -10.25 -73.28
N SER A 590 -4.59 -11.39 -72.63
CA SER A 590 -5.11 -12.65 -73.14
C SER A 590 -6.58 -12.82 -72.79
N THR A 591 -6.95 -12.50 -71.54
CA THR A 591 -8.33 -12.55 -71.09
C THR A 591 -9.10 -11.28 -71.42
N VAL A 592 -8.56 -10.43 -72.30
CA VAL A 592 -9.19 -9.19 -72.69
C VAL A 592 -9.68 -9.22 -74.13
N ARG A 593 -8.95 -9.89 -75.04
CA ARG A 593 -9.30 -9.88 -76.46
C ARG A 593 -10.65 -10.52 -76.74
N ASN A 594 -11.12 -11.42 -75.87
CA ASN A 594 -12.37 -12.14 -76.06
C ASN A 594 -13.53 -11.49 -75.32
N ALA A 595 -13.45 -10.19 -75.07
CA ALA A 595 -14.52 -9.48 -74.38
C ALA A 595 -15.52 -8.91 -75.38
N ASP A 596 -16.47 -8.13 -74.88
CA ASP A 596 -17.48 -7.50 -75.74
C ASP A 596 -17.04 -6.11 -76.16
N VAL A 597 -16.80 -5.22 -75.20
CA VAL A 597 -16.44 -3.83 -75.49
C VAL A 597 -15.23 -3.46 -74.63
N ILE A 598 -14.23 -2.84 -75.25
CA ILE A 598 -13.01 -2.40 -74.57
C ILE A 598 -13.00 -0.87 -74.55
N ALA A 599 -12.59 -0.31 -73.41
CA ALA A 599 -12.54 1.13 -73.22
C ALA A 599 -11.19 1.52 -72.61
N GLY A 600 -10.89 2.82 -72.66
CA GLY A 600 -9.59 3.30 -72.25
C GLY A 600 -9.62 4.54 -71.37
N PHE A 601 -8.98 4.44 -70.20
CA PHE A 601 -8.96 5.54 -69.25
C PHE A 601 -7.83 6.51 -69.55
N ASP A 602 -8.13 7.80 -69.42
CA ASP A 602 -7.14 8.86 -69.52
C ASP A 602 -7.58 10.00 -68.61
N ASP A 603 -6.78 10.28 -67.58
CA ASP A 603 -7.09 11.32 -66.59
C ASP A 603 -8.45 11.05 -65.92
N GLY A 604 -8.74 9.77 -65.69
CA GLY A 604 -10.02 9.36 -65.17
C GLY A 604 -11.15 9.33 -66.17
N VAL A 605 -11.03 10.07 -67.27
CA VAL A 605 -12.08 10.17 -68.28
C VAL A 605 -11.96 8.99 -69.23
N ILE A 606 -13.08 8.35 -69.52
CA ILE A 606 -13.13 7.27 -70.52
C ILE A 606 -13.09 7.93 -71.89
N VAL A 607 -11.96 7.79 -72.58
CA VAL A 607 -11.75 8.50 -73.84
C VAL A 607 -12.12 7.65 -75.04
N GLU A 608 -11.58 6.44 -75.13
CA GLU A 608 -11.87 5.56 -76.26
C GLU A 608 -13.01 4.60 -75.93
N LYS A 609 -13.88 4.40 -76.91
CA LYS A 609 -14.95 3.41 -76.82
C LYS A 609 -15.02 2.64 -78.14
N GLY A 610 -15.64 1.47 -78.08
CA GLY A 610 -15.87 0.66 -79.26
C GLY A 610 -15.40 -0.75 -79.06
N ASN A 611 -15.41 -1.51 -80.15
CA ASN A 611 -15.00 -2.91 -80.13
C ASN A 611 -13.50 -2.99 -80.46
N HIS A 612 -13.02 -4.21 -80.76
CA HIS A 612 -11.60 -4.40 -81.01
C HIS A 612 -11.15 -3.69 -82.29
N ASP A 613 -11.76 -4.02 -83.42
CA ASP A 613 -11.35 -3.43 -84.69
C ASP A 613 -11.62 -1.93 -84.74
N GLU A 614 -12.58 -1.43 -83.97
CA GLU A 614 -12.83 0.00 -83.92
C GLU A 614 -11.64 0.73 -83.32
N LEU A 615 -11.07 0.21 -82.23
CA LEU A 615 -9.86 0.80 -81.68
C LEU A 615 -8.61 0.43 -82.47
N MET A 616 -8.67 -0.61 -83.29
CA MET A 616 -7.57 -0.87 -84.21
C MET A 616 -7.49 0.22 -85.28
N LYS A 617 -8.61 0.49 -85.95
CA LYS A 617 -8.64 1.56 -86.95
C LYS A 617 -8.59 2.94 -86.32
N GLU A 618 -8.88 3.05 -85.02
CA GLU A 618 -8.80 4.34 -84.34
C GLU A 618 -7.36 4.78 -84.10
N LYS A 619 -6.43 3.81 -84.05
CA LYS A 619 -4.99 4.04 -83.84
C LYS A 619 -4.71 4.98 -82.67
N GLY A 620 -5.09 4.52 -81.48
CA GLY A 620 -4.85 5.28 -80.27
C GLY A 620 -3.81 4.67 -79.36
N ILE A 621 -4.05 4.71 -78.04
CA ILE A 621 -3.10 4.14 -77.09
C ILE A 621 -3.25 2.61 -77.03
N TYR A 622 -4.48 2.11 -77.18
CA TYR A 622 -4.66 0.66 -77.20
C TYR A 622 -4.07 0.04 -78.46
N PHE A 623 -4.11 0.78 -79.57
CA PHE A 623 -3.43 0.32 -80.78
C PHE A 623 -1.93 0.27 -80.56
N LYS A 624 -1.37 1.27 -79.88
CA LYS A 624 0.03 1.22 -79.49
C LYS A 624 0.32 -0.01 -78.63
N LEU A 625 -0.58 -0.31 -77.69
CA LEU A 625 -0.39 -1.45 -76.80
C LEU A 625 -0.34 -2.76 -77.57
N VAL A 626 -1.32 -2.97 -78.47
CA VAL A 626 -1.34 -4.22 -79.22
C VAL A 626 -0.30 -4.26 -80.33
N THR A 627 0.22 -3.10 -80.74
CA THR A 627 1.31 -3.06 -81.71
C THR A 627 2.64 -3.38 -81.06
N MET A 628 2.80 -3.04 -79.78
CA MET A 628 4.01 -3.41 -79.06
C MET A 628 3.94 -4.85 -78.53
N GLN A 629 2.75 -5.32 -78.16
CA GLN A 629 2.62 -6.69 -77.66
C GLN A 629 2.85 -7.72 -78.76
N THR A 630 2.57 -7.38 -80.01
CA THR A 630 2.74 -8.32 -81.12
C THR A 630 4.20 -8.40 -81.56
N PRO A 694 11.47 -22.20 -21.20
CA PRO A 694 11.28 -23.56 -20.71
C PRO A 694 11.81 -23.80 -19.28
N VAL A 695 12.81 -23.06 -18.85
CA VAL A 695 13.44 -23.29 -17.55
C VAL A 695 13.51 -21.99 -16.78
N SER A 696 13.94 -22.09 -15.52
CA SER A 696 14.08 -20.94 -14.65
C SER A 696 15.30 -21.12 -13.76
N PHE A 697 16.16 -20.10 -13.74
CA PHE A 697 17.41 -20.14 -13.00
C PHE A 697 17.55 -18.87 -12.17
N TRP A 698 18.16 -19.02 -10.98
CA TRP A 698 18.39 -17.94 -10.04
C TRP A 698 19.78 -17.36 -10.25
N ARG A 699 19.84 -16.15 -10.84
CA ARG A 699 21.05 -15.34 -10.82
C ARG A 699 20.73 -13.88 -10.61
N ILE A 700 19.51 -13.55 -10.17
CA ILE A 700 19.05 -12.18 -10.16
C ILE A 700 19.84 -11.29 -9.22
N MET A 701 20.50 -11.83 -8.19
CA MET A 701 21.23 -10.96 -7.31
C MET A 701 22.59 -10.59 -7.91
N LYS A 702 23.19 -11.50 -8.67
CA LYS A 702 24.44 -11.18 -9.33
C LYS A 702 24.30 -9.98 -10.27
N LEU A 703 23.12 -9.78 -10.84
CA LEU A 703 22.91 -8.64 -11.73
C LEU A 703 23.12 -7.33 -11.01
N ASN A 704 22.68 -7.25 -9.75
CA ASN A 704 22.70 -6.02 -8.98
C ASN A 704 23.80 -6.00 -7.96
N LEU A 705 24.89 -6.72 -8.21
CA LEU A 705 25.93 -6.88 -7.21
C LEU A 705 26.84 -5.66 -7.14
N THR A 706 26.74 -4.75 -8.10
CA THR A 706 27.61 -3.57 -8.10
C THR A 706 27.13 -2.52 -7.11
N GLU A 707 25.84 -2.50 -6.81
CA GLU A 707 25.28 -1.54 -5.87
C GLU A 707 25.09 -2.16 -4.48
N TRP A 708 26.17 -2.63 -3.89
CA TRP A 708 26.03 -3.20 -2.55
C TRP A 708 25.79 -2.15 -1.46
N PRO A 709 26.42 -0.96 -1.46
CA PRO A 709 26.19 -0.05 -0.34
C PRO A 709 24.75 0.38 -0.18
N TYR A 710 24.04 0.56 -1.29
CA TYR A 710 22.64 0.93 -1.20
C TYR A 710 21.85 -0.16 -0.49
N PHE A 711 22.19 -1.42 -0.73
CA PHE A 711 21.46 -2.50 -0.08
C PHE A 711 21.78 -2.58 1.40
N VAL A 712 23.06 -2.39 1.76
CA VAL A 712 23.39 -2.38 3.19
C VAL A 712 22.55 -1.33 3.91
N VAL A 713 22.58 -0.09 3.42
CA VAL A 713 21.80 0.97 4.08
C VAL A 713 20.31 0.63 4.07
N GLY A 714 19.82 0.03 2.99
CA GLY A 714 18.40 -0.22 2.88
C GLY A 714 17.91 -1.30 3.82
N VAL A 715 18.68 -2.38 3.97
CA VAL A 715 18.28 -3.43 4.88
C VAL A 715 18.36 -2.94 6.32
N PHE A 716 19.35 -2.11 6.64
CA PHE A 716 19.37 -1.54 7.99
C PHE A 716 18.12 -0.70 8.27
N CYS A 717 17.79 0.20 7.35
CA CYS A 717 16.60 1.03 7.55
C CYS A 717 15.33 0.19 7.58
N ALA A 718 15.29 -0.92 6.85
CA ALA A 718 14.08 -1.74 6.88
C ALA A 718 13.93 -2.45 8.21
N ILE A 719 15.05 -2.92 8.78
CA ILE A 719 14.99 -3.49 10.13
C ILE A 719 14.37 -2.50 11.10
N ILE A 720 14.82 -1.25 11.04
CA ILE A 720 14.26 -0.26 11.96
C ILE A 720 12.76 -0.03 11.69
N ASN A 721 12.39 0.06 10.42
CA ASN A 721 10.99 0.30 10.09
C ASN A 721 10.10 -0.85 10.52
N GLY A 722 10.64 -2.05 10.55
CA GLY A 722 9.87 -3.16 11.08
C GLY A 722 9.74 -3.05 12.59
N GLY A 723 10.81 -2.64 13.26
CA GLY A 723 10.75 -2.49 14.69
C GLY A 723 9.85 -1.37 15.17
N LEU A 724 9.48 -0.44 14.31
CA LEU A 724 8.63 0.65 14.77
C LEU A 724 7.23 0.23 15.17
N GLN A 725 6.77 -0.95 14.82
CA GLN A 725 5.41 -1.34 15.20
C GLN A 725 5.31 -1.89 16.63
N PRO A 726 6.15 -2.85 17.03
CA PRO A 726 6.13 -3.25 18.44
C PRO A 726 6.43 -2.12 19.40
N ALA A 727 7.30 -1.19 19.03
CA ALA A 727 7.59 -0.07 19.91
C ALA A 727 6.34 0.76 20.16
N PHE A 728 5.52 0.92 19.13
CA PHE A 728 4.27 1.65 19.34
C PHE A 728 3.30 0.85 20.19
N ALA A 729 3.21 -0.46 19.98
CA ALA A 729 2.36 -1.29 20.84
C ALA A 729 2.74 -1.13 22.29
N ILE A 730 4.04 -1.11 22.59
CA ILE A 730 4.50 -0.99 23.97
C ILE A 730 4.18 0.38 24.53
N ILE A 731 4.44 1.44 23.77
CA ILE A 731 4.18 2.77 24.29
C ILE A 731 2.69 3.00 24.50
N PHE A 732 1.86 2.47 23.61
CA PHE A 732 0.41 2.63 23.72
C PHE A 732 -0.13 1.88 24.94
N SER A 733 0.31 0.64 25.12
CA SER A 733 -0.08 -0.10 26.31
C SER A 733 0.33 0.63 27.57
N LYS A 734 1.51 1.23 27.59
CA LYS A 734 1.95 1.88 28.81
C LYS A 734 1.20 3.17 29.11
N ILE A 735 0.86 3.94 28.07
CA ILE A 735 0.07 5.14 28.35
C ILE A 735 -1.30 4.76 28.89
N ILE A 736 -1.92 3.72 28.33
CA ILE A 736 -3.20 3.39 28.89
C ILE A 736 -3.06 2.74 30.25
N GLY A 737 -1.89 2.18 30.56
CA GLY A 737 -1.65 1.70 31.89
C GLY A 737 -1.22 2.75 32.89
N VAL A 738 -1.05 4.00 32.48
CA VAL A 738 -0.83 5.05 33.46
C VAL A 738 -2.09 5.36 34.23
N PHE A 739 -3.25 5.23 33.59
CA PHE A 739 -4.52 5.57 34.22
C PHE A 739 -5.24 4.37 34.79
N THR A 740 -4.64 3.19 34.80
CA THR A 740 -5.22 2.05 35.48
C THR A 740 -4.55 1.76 36.81
N ARG A 741 -3.53 2.53 37.15
CA ARG A 741 -2.81 2.39 38.40
C ARG A 741 -3.22 3.48 39.37
N ILE A 742 -2.98 3.24 40.64
CA ILE A 742 -3.44 4.14 41.69
C ILE A 742 -2.24 4.98 42.08
N ASP A 743 -2.07 6.10 41.37
CA ASP A 743 -0.95 7.01 41.49
C ASP A 743 -1.50 8.41 41.69
N ASP A 744 -0.65 9.34 42.07
CA ASP A 744 -1.10 10.70 42.32
C ASP A 744 -1.12 11.49 41.03
N PRO A 745 -1.61 12.72 41.04
CA PRO A 745 -1.63 13.49 39.79
C PRO A 745 -0.26 13.89 39.29
N GLU A 746 0.75 13.97 40.14
CA GLU A 746 2.07 14.35 39.65
C GLU A 746 2.74 13.19 38.94
N THR A 747 2.62 11.99 39.49
CA THR A 747 3.15 10.82 38.80
C THR A 747 2.51 10.64 37.45
N LYS A 748 1.18 10.77 37.39
CA LYS A 748 0.47 10.61 36.14
C LYS A 748 0.84 11.69 35.15
N ARG A 749 1.01 12.93 35.61
CA ARG A 749 1.38 13.99 34.69
C ARG A 749 2.78 13.79 34.12
N GLN A 750 3.75 13.44 34.95
CA GLN A 750 5.11 13.23 34.46
C GLN A 750 5.19 12.04 33.52
N ASN A 751 4.60 10.91 33.88
CA ASN A 751 4.66 9.76 33.00
C ASN A 751 3.93 10.00 31.69
N SER A 752 2.80 10.71 31.74
CA SER A 752 2.11 11.01 30.51
C SER A 752 2.95 11.90 29.60
N ASN A 753 3.64 12.89 30.17
CA ASN A 753 4.49 13.73 29.35
C ASN A 753 5.64 12.93 28.74
N LEU A 754 6.25 12.05 29.52
CA LEU A 754 7.32 11.23 28.97
C LEU A 754 6.84 10.41 27.79
N PHE A 755 5.65 9.82 27.89
CA PHE A 755 5.23 8.96 26.79
C PHE A 755 4.71 9.74 25.60
N SER A 756 4.14 10.93 25.80
CA SER A 756 3.80 11.76 24.66
C SER A 756 5.06 12.21 23.91
N LEU A 757 6.11 12.55 24.65
CA LEU A 757 7.38 12.89 24.01
C LEU A 757 7.96 11.70 23.27
N LEU A 758 7.80 10.49 23.81
CA LEU A 758 8.25 9.31 23.09
C LEU A 758 7.48 9.11 21.79
N PHE A 759 6.18 9.41 21.78
CA PHE A 759 5.43 9.37 20.53
C PHE A 759 6.04 10.31 19.51
N LEU A 760 6.34 11.54 19.92
CA LEU A 760 6.93 12.48 18.99
C LEU A 760 8.28 11.99 18.43
N ALA A 761 9.13 11.45 19.30
CA ALA A 761 10.44 10.99 18.84
C ALA A 761 10.33 9.81 17.90
N LEU A 762 9.40 8.90 18.18
CA LEU A 762 9.13 7.82 17.24
C LEU A 762 8.63 8.37 15.92
N GLY A 763 7.88 9.46 15.94
CA GLY A 763 7.49 10.09 14.69
C GLY A 763 8.68 10.55 13.87
N ILE A 764 9.62 11.23 14.51
CA ILE A 764 10.80 11.73 13.79
C ILE A 764 11.63 10.57 13.24
N ILE A 765 11.86 9.55 14.05
CA ILE A 765 12.58 8.37 13.56
C ILE A 765 11.87 7.76 12.37
N SER A 766 10.54 7.72 12.40
CA SER A 766 9.80 7.13 11.29
C SER A 766 9.97 7.93 10.03
N PHE A 767 9.88 9.25 10.13
CA PHE A 767 10.11 10.12 8.98
C PHE A 767 11.46 9.83 8.34
N ILE A 768 12.53 9.89 9.14
CA ILE A 768 13.87 9.70 8.59
C ILE A 768 14.02 8.33 7.97
N THR A 769 13.58 7.28 8.66
CA THR A 769 13.88 5.94 8.19
C THR A 769 13.03 5.57 6.97
N PHE A 770 11.80 6.05 6.89
CA PHE A 770 11.01 5.83 5.68
C PHE A 770 11.64 6.52 4.48
N PHE A 771 11.97 7.81 4.63
CA PHE A 771 12.66 8.50 3.55
C PHE A 771 13.86 7.69 3.08
N LEU A 772 14.71 7.27 4.02
CA LEU A 772 15.97 6.63 3.63
C LEU A 772 15.75 5.30 2.96
N GLN A 773 14.90 4.43 3.52
CA GLN A 773 14.68 3.13 2.89
C GLN A 773 14.15 3.30 1.48
N GLY A 774 13.11 4.11 1.32
CA GLY A 774 12.58 4.33 -0.01
C GLY A 774 13.62 4.87 -0.98
N PHE A 775 14.38 5.86 -0.55
CA PHE A 775 15.33 6.52 -1.44
C PHE A 775 16.45 5.58 -1.85
N THR A 776 17.01 4.82 -0.91
CA THR A 776 18.15 3.98 -1.27
C THR A 776 17.71 2.78 -2.12
N PHE A 777 16.58 2.15 -1.79
CA PHE A 777 16.14 1.07 -2.67
C PHE A 777 15.70 1.61 -4.03
N GLY A 778 15.12 2.81 -4.09
CA GLY A 778 14.73 3.36 -5.36
C GLY A 778 15.91 3.69 -6.24
N LYS A 779 16.95 4.30 -5.67
CA LYS A 779 18.15 4.59 -6.45
C LYS A 779 18.80 3.32 -6.97
N ALA A 780 18.91 2.29 -6.13
CA ALA A 780 19.50 1.04 -6.62
C ALA A 780 18.66 0.45 -7.74
N GLY A 781 17.33 0.46 -7.58
CA GLY A 781 16.48 -0.10 -8.61
C GLY A 781 16.58 0.64 -9.94
N GLU A 782 16.71 1.96 -9.88
CA GLU A 782 16.77 2.72 -11.13
C GLU A 782 18.11 2.55 -11.81
N ILE A 783 19.20 2.45 -11.06
CA ILE A 783 20.48 2.12 -11.67
C ILE A 783 20.39 0.75 -12.34
N LEU A 784 19.74 -0.20 -11.68
CA LEU A 784 19.63 -1.53 -12.27
C LEU A 784 18.81 -1.51 -13.56
N THR A 785 17.70 -0.77 -13.59
CA THR A 785 16.89 -0.76 -14.80
C THR A 785 17.61 -0.08 -15.95
N LYS A 786 18.33 1.02 -15.68
CA LYS A 786 19.07 1.65 -16.77
C LYS A 786 20.12 0.71 -17.33
N ARG A 787 20.89 0.05 -16.46
CA ARG A 787 21.89 -0.86 -16.98
C ARG A 787 21.28 -2.02 -17.73
N LEU A 788 20.13 -2.52 -17.27
CA LEU A 788 19.49 -3.65 -17.94
C LEU A 788 18.97 -3.25 -19.30
N ARG A 789 18.27 -2.13 -19.39
CA ARG A 789 17.78 -1.70 -20.69
C ARG A 789 18.92 -1.51 -21.66
N TYR A 790 20.01 -0.89 -21.20
CA TYR A 790 21.15 -0.68 -22.08
C TYR A 790 21.73 -2.01 -22.57
N MET A 791 22.00 -2.93 -21.65
CA MET A 791 22.61 -4.20 -22.05
C MET A 791 21.69 -4.98 -22.98
N VAL A 792 20.39 -5.02 -22.68
CA VAL A 792 19.46 -5.77 -23.51
C VAL A 792 19.40 -5.17 -24.90
N PHE A 793 19.36 -3.85 -25.00
CA PHE A 793 19.26 -3.21 -26.31
C PHE A 793 20.51 -3.42 -27.13
N ARG A 794 21.68 -3.32 -26.50
CA ARG A 794 22.91 -3.62 -27.22
C ARG A 794 22.93 -5.06 -27.70
N SER A 795 22.41 -5.98 -26.89
CA SER A 795 22.35 -7.38 -27.32
C SER A 795 21.38 -7.57 -28.48
N MET A 796 20.24 -6.90 -28.43
CA MET A 796 19.31 -6.96 -29.57
C MET A 796 20.00 -6.51 -30.83
N LEU A 797 20.59 -5.31 -30.80
CA LEU A 797 21.31 -4.81 -31.96
C LEU A 797 22.33 -5.82 -32.48
N ARG A 798 23.06 -6.47 -31.59
CA ARG A 798 24.09 -7.38 -32.08
C ARG A 798 23.52 -8.66 -32.67
N GLN A 799 22.21 -8.87 -32.62
CA GLN A 799 21.62 -10.03 -33.28
C GLN A 799 21.42 -9.73 -34.75
N ASP A 800 21.66 -10.72 -35.60
CA ASP A 800 21.57 -10.53 -37.05
C ASP A 800 20.11 -10.40 -37.46
N VAL A 801 19.86 -10.32 -38.76
CA VAL A 801 18.49 -10.20 -39.24
C VAL A 801 17.76 -11.53 -39.18
N SER A 802 18.49 -12.64 -39.05
CA SER A 802 17.83 -13.94 -39.05
C SER A 802 17.12 -14.20 -37.73
N TRP A 803 17.66 -13.69 -36.63
CA TRP A 803 16.98 -13.81 -35.34
C TRP A 803 15.69 -13.01 -35.31
N PHE A 804 15.70 -11.81 -35.90
CA PHE A 804 14.54 -10.94 -35.86
C PHE A 804 13.39 -11.47 -36.70
N ASP A 805 13.63 -12.44 -37.57
CA ASP A 805 12.58 -12.92 -38.47
C ASP A 805 11.39 -13.48 -37.70
N ASP A 806 11.64 -14.10 -36.55
CA ASP A 806 10.58 -14.80 -35.82
C ASP A 806 9.41 -13.87 -35.57
N PRO A 807 8.19 -14.27 -35.91
CA PRO A 807 7.06 -13.35 -35.77
C PRO A 807 6.71 -13.09 -34.33
N LYS A 808 7.11 -14.00 -33.44
CA LYS A 808 6.97 -13.75 -32.01
C LYS A 808 7.76 -12.51 -31.60
N ASN A 809 9.05 -12.45 -31.98
CA ASN A 809 9.98 -11.46 -31.48
C ASN A 809 10.44 -10.48 -32.53
N THR A 810 9.55 -9.97 -33.38
CA THR A 810 10.08 -9.06 -34.39
C THR A 810 9.89 -7.60 -33.98
N THR A 811 8.68 -7.20 -33.61
CA THR A 811 8.44 -5.81 -33.27
C THR A 811 7.94 -5.62 -31.85
N GLY A 812 6.87 -6.31 -31.47
CA GLY A 812 6.20 -5.99 -30.23
C GLY A 812 6.80 -6.68 -29.04
N ALA A 813 7.20 -7.95 -29.22
CA ALA A 813 7.74 -8.70 -28.10
C ALA A 813 8.98 -8.03 -27.52
N LEU A 814 9.81 -7.42 -28.37
CA LEU A 814 11.05 -6.85 -27.87
C LEU A 814 10.81 -5.53 -27.13
N THR A 815 9.93 -4.67 -27.63
CA THR A 815 9.69 -3.43 -26.91
C THR A 815 8.92 -3.67 -25.63
N THR A 816 8.00 -4.63 -25.66
CA THR A 816 7.30 -4.99 -24.42
C THR A 816 8.25 -5.68 -23.46
N ARG A 817 9.25 -6.40 -23.97
CA ARG A 817 10.24 -6.99 -23.08
C ARG A 817 11.11 -5.91 -22.44
N LEU A 818 11.47 -4.86 -23.18
CA LEU A 818 12.22 -3.77 -22.55
C LEU A 818 11.42 -3.13 -21.44
N ALA A 819 10.22 -2.64 -21.76
CA ALA A 819 9.42 -1.92 -20.76
C ALA A 819 8.84 -2.85 -19.70
N ASN A 820 8.97 -4.16 -19.85
CA ASN A 820 8.55 -5.06 -18.78
C ASN A 820 9.71 -5.50 -17.90
N ASP A 821 10.82 -5.87 -18.51
CA ASP A 821 12.00 -6.26 -17.73
C ASP A 821 12.41 -5.16 -16.78
N ALA A 822 12.40 -3.91 -17.27
CA ALA A 822 12.78 -2.79 -16.41
C ALA A 822 12.12 -2.89 -15.05
N ALA A 823 10.79 -2.87 -15.03
CA ALA A 823 10.07 -2.95 -13.78
C ALA A 823 10.33 -4.27 -13.06
N GLN A 824 10.30 -5.38 -13.79
CA GLN A 824 10.24 -6.67 -13.11
C GLN A 824 11.50 -6.94 -12.29
N VAL A 825 12.68 -6.72 -12.85
CA VAL A 825 13.85 -7.21 -12.13
C VAL A 825 14.09 -6.38 -10.86
N LYS A 826 13.87 -5.06 -10.93
CA LYS A 826 13.93 -4.26 -9.71
C LYS A 826 12.87 -4.71 -8.72
N GLY A 827 11.71 -5.16 -9.22
CA GLY A 827 10.72 -5.73 -8.33
C GLY A 827 11.26 -6.90 -7.54
N ALA A 828 11.78 -7.91 -8.23
CA ALA A 828 12.32 -9.07 -7.53
C ALA A 828 13.36 -8.67 -6.51
N ILE A 829 14.39 -7.93 -6.93
CA ILE A 829 15.53 -7.68 -6.05
C ILE A 829 15.14 -6.83 -4.84
N GLY A 830 14.42 -5.73 -5.06
CA GLY A 830 14.07 -4.88 -3.95
C GLY A 830 12.98 -5.44 -3.06
N SER A 831 11.92 -5.98 -3.65
CA SER A 831 10.85 -6.59 -2.88
C SER A 831 11.37 -7.67 -1.96
N ARG A 832 12.03 -8.69 -2.50
CA ARG A 832 12.50 -9.79 -1.66
C ARG A 832 13.20 -9.26 -0.41
N LEU A 833 14.30 -8.52 -0.60
CA LEU A 833 15.13 -8.11 0.52
C LEU A 833 14.44 -7.10 1.43
N ALA A 834 13.52 -6.29 0.92
CA ALA A 834 12.95 -5.30 1.84
C ALA A 834 11.74 -5.84 2.58
N VAL A 835 10.86 -6.54 1.87
CA VAL A 835 9.63 -7.00 2.50
C VAL A 835 9.90 -8.17 3.44
N ILE A 836 10.74 -9.12 3.02
CA ILE A 836 11.02 -10.23 3.92
C ILE A 836 11.65 -9.73 5.21
N THR A 837 12.53 -8.73 5.10
CA THR A 837 13.24 -8.21 6.26
C THR A 837 12.33 -7.38 7.14
N GLN A 838 11.54 -6.49 6.55
CA GLN A 838 10.65 -5.67 7.33
C GLN A 838 9.64 -6.53 8.07
N ASN A 839 9.05 -7.52 7.41
CA ASN A 839 8.03 -8.32 8.06
C ASN A 839 8.63 -9.26 9.08
N ILE A 840 9.81 -9.81 8.83
CA ILE A 840 10.45 -10.60 9.88
C ILE A 840 10.68 -9.75 11.11
N ALA A 841 11.29 -8.58 10.96
CA ALA A 841 11.50 -7.73 12.12
C ALA A 841 10.19 -7.47 12.84
N ASN A 842 9.19 -6.98 12.11
CA ASN A 842 7.91 -6.60 12.69
C ASN A 842 7.28 -7.75 13.46
N LEU A 843 6.95 -8.84 12.76
CA LEU A 843 6.22 -9.91 13.42
C LEU A 843 7.09 -10.68 14.40
N GLY A 844 8.34 -10.93 14.08
CA GLY A 844 9.20 -11.64 15.01
C GLY A 844 9.31 -10.94 16.35
N THR A 845 9.63 -9.64 16.34
CA THR A 845 9.68 -8.94 17.60
C THR A 845 8.32 -8.91 18.27
N GLY A 846 7.26 -8.69 17.49
CA GLY A 846 5.94 -8.64 18.09
C GLY A 846 5.57 -9.92 18.80
N ILE A 847 5.82 -11.06 18.16
CA ILE A 847 5.42 -12.34 18.71
C ILE A 847 6.32 -12.73 19.87
N ILE A 848 7.62 -12.47 19.79
CA ILE A 848 8.51 -12.80 20.90
C ILE A 848 8.12 -12.02 22.14
N ILE A 849 7.95 -10.70 22.00
CA ILE A 849 7.57 -9.89 23.14
C ILE A 849 6.24 -10.33 23.70
N SER A 850 5.27 -10.57 22.82
CA SER A 850 3.96 -10.98 23.28
C SER A 850 3.94 -12.41 23.79
N PHE A 851 5.02 -13.16 23.61
CA PHE A 851 5.12 -14.49 24.21
C PHE A 851 5.69 -14.40 25.61
N ILE A 852 6.67 -13.51 25.81
CA ILE A 852 7.17 -13.40 27.17
C ILE A 852 6.14 -12.72 28.05
N TYR A 853 5.22 -11.95 27.47
CA TYR A 853 4.29 -11.22 28.34
C TYR A 853 3.05 -12.03 28.69
N GLY A 854 2.45 -12.72 27.72
CA GLY A 854 1.42 -13.70 28.03
C GLY A 854 1.34 -14.79 26.98
N TRP A 855 1.49 -16.05 27.36
CA TRP A 855 1.62 -17.09 26.35
C TRP A 855 0.30 -17.74 25.98
N GLN A 856 -0.68 -17.76 26.90
CA GLN A 856 -1.99 -18.31 26.55
C GLN A 856 -2.69 -17.42 25.56
N LEU A 857 -2.77 -16.12 25.87
CA LEU A 857 -3.42 -15.19 24.96
C LEU A 857 -2.69 -15.12 23.64
N THR A 858 -1.37 -15.27 23.67
CA THR A 858 -0.61 -15.26 22.43
C THR A 858 -0.95 -16.48 21.57
N LEU A 859 -1.06 -17.65 22.18
CA LEU A 859 -1.42 -18.83 21.39
C LEU A 859 -2.82 -18.70 20.83
N LEU A 860 -3.75 -18.12 21.59
CA LEU A 860 -5.07 -17.92 21.01
C LEU A 860 -5.03 -16.96 19.83
N LEU A 861 -4.34 -15.84 19.98
CA LEU A 861 -4.28 -14.86 18.89
C LEU A 861 -3.44 -15.33 17.72
N LEU A 862 -2.55 -16.28 17.93
CA LEU A 862 -1.69 -16.77 16.87
C LEU A 862 -2.45 -17.62 15.86
N ALA A 863 -3.69 -18.00 16.17
CA ALA A 863 -4.52 -18.69 15.20
C ALA A 863 -5.34 -17.73 14.35
N ILE A 864 -5.39 -16.46 14.73
CA ILE A 864 -6.20 -15.46 14.04
C ILE A 864 -5.37 -14.50 13.21
N VAL A 865 -4.04 -14.51 13.35
CA VAL A 865 -3.22 -13.59 12.56
C VAL A 865 -3.23 -13.90 11.07
N PRO A 866 -3.29 -15.16 10.61
CA PRO A 866 -3.35 -15.35 9.16
C PRO A 866 -4.50 -14.60 8.51
N ILE A 867 -5.69 -14.68 9.11
CA ILE A 867 -6.86 -14.07 8.49
C ILE A 867 -6.79 -12.56 8.54
N ILE A 868 -6.15 -11.98 9.56
CA ILE A 868 -6.01 -10.53 9.60
C ILE A 868 -5.03 -10.06 8.53
N ALA A 869 -3.90 -10.73 8.39
CA ALA A 869 -2.96 -10.38 7.32
C ALA A 869 -3.63 -10.50 5.96
N ILE A 870 -4.24 -11.65 5.68
CA ILE A 870 -4.87 -11.85 4.38
C ILE A 870 -6.02 -10.89 4.18
N ALA A 871 -6.66 -10.44 5.26
CA ALA A 871 -7.70 -9.44 5.14
C ALA A 871 -7.13 -8.13 4.63
N GLY A 872 -5.99 -7.73 5.20
CA GLY A 872 -5.30 -6.57 4.68
C GLY A 872 -4.97 -6.71 3.20
N VAL A 873 -4.48 -7.89 2.80
CA VAL A 873 -4.09 -8.08 1.40
C VAL A 873 -5.29 -7.98 0.47
N VAL A 874 -6.40 -8.62 0.84
CA VAL A 874 -7.61 -8.59 0.00
C VAL A 874 -8.14 -7.16 -0.10
N GLU A 875 -8.08 -6.40 1.00
CA GLU A 875 -8.53 -5.02 0.93
C GLU A 875 -7.67 -4.19 0.00
N MET A 876 -6.34 -4.25 0.19
CA MET A 876 -5.46 -3.44 -0.64
C MET A 876 -5.58 -3.84 -2.11
N LYS A 877 -5.78 -5.12 -2.39
CA LYS A 877 -6.01 -5.56 -3.76
C LYS A 877 -7.32 -5.00 -4.29
N MET A 878 -8.33 -4.85 -3.44
CA MET A 878 -9.55 -4.19 -3.88
C MET A 878 -9.28 -2.73 -4.19
N LEU A 879 -8.40 -2.11 -3.42
CA LEU A 879 -8.09 -0.69 -3.63
C LEU A 879 -7.34 -0.49 -4.94
N SER A 880 -6.37 -1.36 -5.25
CA SER A 880 -5.67 -1.27 -6.52
C SER A 880 -6.56 -1.66 -7.70
N GLY A 881 -7.64 -2.38 -7.45
CA GLY A 881 -8.48 -2.88 -8.52
C GLY A 881 -8.00 -4.20 -9.06
N GLN A 882 -8.39 -4.45 -10.31
CA GLN A 882 -8.01 -5.67 -11.02
C GLN A 882 -7.16 -5.30 -12.23
N ALA A 883 -5.94 -5.84 -12.29
CA ALA A 883 -5.06 -5.55 -13.42
C ALA A 883 -5.53 -6.24 -14.68
N LEU A 884 -5.91 -7.50 -14.58
CA LEU A 884 -6.32 -8.30 -15.74
C LEU A 884 -7.58 -9.07 -15.42
N LYS A 885 -8.56 -9.01 -16.33
CA LYS A 885 -9.85 -9.66 -16.13
C LYS A 885 -10.17 -10.51 -17.35
N ASP A 886 -10.30 -11.83 -17.13
CA ASP A 886 -10.67 -12.78 -18.19
C ASP A 886 -9.70 -12.73 -19.37
N LYS A 887 -8.41 -12.91 -19.06
CA LYS A 887 -7.39 -12.79 -20.10
C LYS A 887 -7.64 -13.77 -21.25
N LYS A 888 -7.67 -15.07 -20.93
CA LYS A 888 -7.97 -16.08 -21.94
C LYS A 888 -9.26 -15.73 -22.69
N GLU A 889 -10.29 -15.37 -21.92
CA GLU A 889 -11.57 -15.03 -22.50
C GLU A 889 -11.47 -13.78 -23.39
N LEU A 890 -10.74 -12.77 -22.93
CA LEU A 890 -10.57 -11.56 -23.72
C LEU A 890 -9.83 -11.85 -25.02
N GLU A 891 -8.88 -12.80 -25.01
CA GLU A 891 -8.26 -13.24 -26.25
C GLU A 891 -9.29 -13.87 -27.18
N GLY A 892 -10.06 -14.81 -26.64
CA GLY A 892 -11.07 -15.47 -27.46
C GLY A 892 -12.04 -14.50 -28.09
N ALA A 893 -12.34 -13.41 -27.39
CA ALA A 893 -13.28 -12.43 -27.90
C ALA A 893 -12.63 -11.47 -28.88
N GLY A 894 -11.39 -11.06 -28.62
CA GLY A 894 -10.75 -10.05 -29.44
C GLY A 894 -10.15 -10.57 -30.72
N LYS A 895 -9.89 -11.87 -30.81
CA LYS A 895 -9.47 -12.44 -32.09
C LYS A 895 -10.48 -12.13 -33.18
N ILE A 896 -11.77 -12.24 -32.86
CA ILE A 896 -12.83 -11.92 -33.82
C ILE A 896 -12.74 -10.46 -34.24
N ALA A 897 -12.55 -9.56 -33.28
CA ALA A 897 -12.51 -8.14 -33.63
C ALA A 897 -11.33 -7.83 -34.51
N THR A 898 -10.17 -8.43 -34.20
CA THR A 898 -8.99 -8.26 -35.03
C THR A 898 -9.25 -8.70 -36.46
N GLU A 899 -9.76 -9.94 -36.62
CA GLU A 899 -9.99 -10.43 -37.97
C GLU A 899 -11.14 -9.71 -38.66
N ALA A 900 -11.97 -8.97 -37.93
CA ALA A 900 -13.05 -8.25 -38.59
C ALA A 900 -12.65 -6.84 -38.96
N ILE A 901 -11.67 -6.26 -38.27
CA ILE A 901 -11.17 -4.95 -38.64
C ILE A 901 -10.14 -5.06 -39.74
N GLU A 902 -9.35 -6.13 -39.73
CA GLU A 902 -8.37 -6.34 -40.78
C GLU A 902 -9.04 -6.63 -42.13
N ASN A 903 -10.08 -7.45 -42.13
CA ASN A 903 -10.75 -7.83 -43.36
C ASN A 903 -11.89 -6.90 -43.72
N PHE A 904 -11.88 -5.67 -43.21
CA PHE A 904 -13.01 -4.79 -43.44
C PHE A 904 -13.20 -4.54 -44.94
N ARG A 905 -12.10 -4.33 -45.65
CA ARG A 905 -12.17 -4.08 -47.09
C ARG A 905 -12.94 -5.17 -47.80
N THR A 906 -12.68 -6.42 -47.43
CA THR A 906 -13.38 -7.53 -48.05
C THR A 906 -14.80 -7.66 -47.53
N VAL A 907 -15.00 -7.40 -46.24
CA VAL A 907 -16.25 -7.77 -45.60
C VAL A 907 -17.34 -6.78 -45.97
N VAL A 908 -16.97 -5.57 -46.38
CA VAL A 908 -18.00 -4.64 -46.86
C VAL A 908 -18.54 -5.10 -48.20
N SER A 909 -17.69 -5.70 -49.04
CA SER A 909 -18.19 -6.34 -50.25
C SER A 909 -19.06 -7.54 -49.89
N LEU A 910 -18.56 -8.39 -49.00
CA LEU A 910 -19.28 -9.62 -48.70
C LEU A 910 -20.59 -9.37 -47.97
N THR A 911 -20.72 -8.23 -47.29
CA THR A 911 -21.94 -7.85 -46.60
C THR A 911 -22.33 -8.90 -45.57
N GLN A 912 -21.33 -9.40 -44.84
CA GLN A 912 -21.51 -10.40 -43.81
C GLN A 912 -21.25 -9.85 -42.42
N GLU A 913 -21.63 -8.61 -42.17
CA GLU A 913 -21.41 -8.04 -40.84
C GLU A 913 -22.29 -8.70 -39.80
N GLN A 914 -23.59 -8.78 -40.05
CA GLN A 914 -24.51 -9.43 -39.11
C GLN A 914 -23.96 -10.78 -38.66
N LYS A 915 -23.59 -11.63 -39.61
CA LYS A 915 -23.06 -12.96 -39.30
C LYS A 915 -21.71 -12.89 -38.62
N PHE A 916 -21.19 -11.69 -38.39
CA PHE A 916 -19.91 -11.49 -37.71
C PHE A 916 -20.12 -10.95 -36.30
N GLU A 917 -21.05 -10.00 -36.16
CA GLU A 917 -21.49 -9.56 -34.85
C GLU A 917 -22.01 -10.72 -34.02
N HIS A 918 -22.76 -11.62 -34.64
CA HIS A 918 -23.25 -12.76 -33.86
C HIS A 918 -22.11 -13.61 -33.34
N MET A 919 -21.03 -13.74 -34.11
CA MET A 919 -19.87 -14.47 -33.64
C MET A 919 -19.22 -13.75 -32.47
N TYR A 920 -19.16 -12.42 -32.54
CA TYR A 920 -18.62 -11.66 -31.41
C TYR A 920 -19.41 -11.90 -30.14
N ALA A 921 -20.73 -11.74 -30.23
CA ALA A 921 -21.59 -11.95 -29.07
C ALA A 921 -21.41 -13.34 -28.49
N GLN A 922 -21.45 -14.37 -29.34
CA GLN A 922 -21.24 -15.73 -28.87
C GLN A 922 -19.91 -15.88 -28.17
N SER A 923 -18.87 -15.19 -28.66
CA SER A 923 -17.59 -15.30 -28.00
C SER A 923 -17.59 -14.61 -26.64
N LEU A 924 -18.44 -13.58 -26.49
CA LEU A 924 -18.56 -12.89 -25.21
C LEU A 924 -19.34 -13.69 -24.18
N GLN A 925 -20.22 -14.59 -24.62
CA GLN A 925 -21.13 -15.21 -23.67
C GLN A 925 -20.43 -15.96 -22.54
N VAL A 926 -19.19 -16.40 -22.68
CA VAL A 926 -18.53 -17.11 -21.58
C VAL A 926 -17.92 -16.15 -20.56
N PRO A 927 -17.13 -15.15 -20.97
CA PRO A 927 -16.59 -14.20 -19.98
C PRO A 927 -17.65 -13.50 -19.16
N TYR A 928 -18.84 -13.32 -19.71
CA TYR A 928 -19.93 -12.68 -18.97
C TYR A 928 -20.33 -13.50 -17.74
N ARG A 929 -20.77 -14.73 -17.97
CA ARG A 929 -21.11 -15.61 -16.85
C ARG A 929 -19.95 -15.71 -15.88
N ASN A 930 -18.74 -15.86 -16.42
CA ASN A 930 -17.56 -15.95 -15.56
C ASN A 930 -17.44 -14.73 -14.65
N SER A 931 -17.70 -13.55 -15.18
CA SER A 931 -17.53 -12.32 -14.41
C SER A 931 -18.62 -12.17 -13.35
N LEU A 932 -19.85 -12.57 -13.65
CA LEU A 932 -20.88 -12.47 -12.63
C LEU A 932 -20.61 -13.41 -11.47
N ARG A 933 -20.21 -14.65 -11.75
CA ARG A 933 -19.82 -15.54 -10.66
C ARG A 933 -18.64 -14.98 -9.89
N LYS A 934 -17.67 -14.39 -10.58
CA LYS A 934 -16.51 -13.83 -9.89
C LYS A 934 -16.92 -12.73 -8.92
N ALA A 935 -17.92 -11.94 -9.29
CA ALA A 935 -18.38 -10.90 -8.37
C ALA A 935 -19.04 -11.51 -7.14
N HIS A 936 -19.87 -12.53 -7.34
CA HIS A 936 -20.50 -13.14 -6.17
C HIS A 936 -19.50 -13.80 -5.26
N ILE A 937 -18.35 -14.21 -5.78
CA ILE A 937 -17.33 -14.83 -4.92
C ILE A 937 -16.51 -13.78 -4.20
N PHE A 938 -16.09 -12.73 -4.91
CA PHE A 938 -15.29 -11.69 -4.29
C PHE A 938 -16.04 -10.95 -3.21
N GLY A 939 -17.35 -10.75 -3.38
CA GLY A 939 -18.12 -10.14 -2.31
C GLY A 939 -18.03 -10.91 -1.02
N ILE A 940 -18.17 -12.23 -1.09
CA ILE A 940 -18.14 -13.06 0.10
C ILE A 940 -16.78 -12.99 0.77
N THR A 941 -15.71 -13.16 0.00
CA THR A 941 -14.39 -13.16 0.64
C THR A 941 -14.08 -11.81 1.28
N PHE A 942 -14.44 -10.72 0.62
CA PHE A 942 -14.20 -9.40 1.18
C PHE A 942 -14.98 -9.19 2.46
N SER A 943 -16.27 -9.54 2.48
CA SER A 943 -17.06 -9.31 3.67
C SER A 943 -16.58 -10.14 4.84
N PHE A 944 -16.20 -11.39 4.59
CA PHE A 944 -15.74 -12.24 5.68
C PHE A 944 -14.42 -11.76 6.27
N THR A 945 -13.45 -11.41 5.42
CA THR A 945 -12.22 -10.91 5.98
C THR A 945 -12.36 -9.52 6.59
N GLN A 946 -13.45 -8.79 6.30
CA GLN A 946 -13.66 -7.54 7.01
C GLN A 946 -14.30 -7.76 8.38
N ALA A 947 -15.25 -8.69 8.49
CA ALA A 947 -15.87 -8.95 9.78
C ALA A 947 -14.94 -9.66 10.75
N MET A 948 -13.91 -10.32 10.24
CA MET A 948 -13.02 -11.06 11.13
C MET A 948 -12.39 -10.16 12.18
N MET A 949 -12.20 -8.88 11.90
CA MET A 949 -11.59 -8.01 12.91
C MET A 949 -12.50 -7.80 14.11
N TYR A 950 -13.79 -7.53 13.87
CA TYR A 950 -14.71 -7.38 14.98
C TYR A 950 -14.81 -8.66 15.79
N PHE A 951 -14.88 -9.80 15.12
CA PHE A 951 -14.94 -11.03 15.90
C PHE A 951 -13.66 -11.26 16.69
N SER A 952 -12.53 -10.78 16.17
CA SER A 952 -11.26 -10.94 16.88
C SER A 952 -11.20 -10.06 18.11
N TYR A 953 -11.66 -8.81 18.00
CA TYR A 953 -11.86 -7.98 19.17
C TYR A 953 -12.66 -8.70 20.25
N ALA A 954 -13.83 -9.21 19.87
CA ALA A 954 -14.70 -9.85 20.85
C ALA A 954 -14.02 -11.02 21.52
N GLY A 955 -13.49 -11.95 20.73
CA GLY A 955 -12.86 -13.12 21.32
C GLY A 955 -11.69 -12.77 22.22
N CYS A 956 -10.83 -11.86 21.77
CA CYS A 956 -9.64 -11.54 22.54
C CYS A 956 -10.00 -10.87 23.86
N PHE A 957 -10.99 -10.00 23.88
CA PHE A 957 -11.25 -9.34 25.15
C PHE A 957 -12.11 -10.16 26.08
N ARG A 958 -12.86 -11.14 25.58
CA ARG A 958 -13.48 -12.07 26.51
C ARG A 958 -12.43 -12.97 27.16
N PHE A 959 -11.51 -13.52 26.37
CA PHE A 959 -10.43 -14.29 26.97
C PHE A 959 -9.61 -13.44 27.93
N GLY A 960 -9.38 -12.18 27.57
CA GLY A 960 -8.62 -11.31 28.45
C GLY A 960 -9.30 -11.05 29.76
N ALA A 961 -10.61 -10.83 29.74
CA ALA A 961 -11.32 -10.69 31.00
C ALA A 961 -11.18 -11.95 31.84
N TYR A 962 -11.21 -13.11 31.20
CA TYR A 962 -11.04 -14.34 31.98
C TYR A 962 -9.70 -14.36 32.68
N LEU A 963 -8.63 -14.07 31.94
CA LEU A 963 -7.30 -14.12 32.53
C LEU A 963 -7.15 -13.09 33.64
N VAL A 964 -7.49 -11.83 33.35
CA VAL A 964 -7.41 -10.80 34.38
C VAL A 964 -8.19 -11.19 35.62
N ALA A 965 -9.33 -11.87 35.44
CA ALA A 965 -10.13 -12.23 36.61
C ALA A 965 -9.42 -13.27 37.47
N HIS A 966 -8.82 -14.28 36.85
CA HIS A 966 -8.02 -15.25 37.57
C HIS A 966 -6.61 -14.76 37.85
N LYS A 967 -6.33 -13.49 37.60
CA LYS A 967 -5.07 -12.84 37.95
C LYS A 967 -3.87 -13.52 37.30
N LEU A 968 -4.04 -14.04 36.09
CA LEU A 968 -2.95 -14.64 35.34
C LEU A 968 -2.21 -13.65 34.47
N MET A 969 -2.72 -12.43 34.31
CA MET A 969 -1.98 -11.35 33.67
C MET A 969 -2.71 -10.05 33.94
N SER A 970 -2.01 -8.95 33.69
CA SER A 970 -2.57 -7.64 33.98
C SER A 970 -3.42 -7.15 32.82
N PHE A 971 -4.09 -6.03 33.01
CA PHE A 971 -4.78 -5.43 31.89
C PHE A 971 -3.79 -4.88 30.88
N GLU A 972 -2.83 -4.09 31.36
CA GLU A 972 -1.78 -3.58 30.49
C GLU A 972 -1.13 -4.68 29.65
N ASP A 973 -1.03 -5.89 30.17
CA ASP A 973 -0.40 -6.97 29.41
C ASP A 973 -1.35 -7.55 28.37
N VAL A 974 -2.64 -7.61 28.68
CA VAL A 974 -3.63 -7.96 27.66
C VAL A 974 -3.58 -6.95 26.53
N LEU A 975 -3.49 -5.69 26.87
CA LEU A 975 -3.48 -4.64 25.86
C LEU A 975 -2.20 -4.67 25.04
N LEU A 976 -1.07 -4.98 25.65
CA LEU A 976 0.18 -5.06 24.90
C LEU A 976 0.15 -6.24 23.95
N VAL A 977 -0.28 -7.41 24.42
CA VAL A 977 -0.33 -8.58 23.55
C VAL A 977 -1.28 -8.33 22.39
N PHE A 978 -2.43 -7.76 22.68
CA PHE A 978 -3.38 -7.46 21.62
C PHE A 978 -2.80 -6.49 20.60
N SER A 979 -2.18 -5.41 21.06
CA SER A 979 -1.68 -4.41 20.13
C SER A 979 -0.51 -4.93 19.32
N ALA A 980 0.38 -5.70 19.92
CA ALA A 980 1.53 -6.18 19.17
C ALA A 980 1.13 -7.24 18.16
N VAL A 981 0.20 -8.12 18.52
CA VAL A 981 -0.11 -9.24 17.64
C VAL A 981 -1.21 -8.93 16.62
N VAL A 982 -2.16 -8.05 16.94
CA VAL A 982 -3.29 -7.78 16.05
C VAL A 982 -3.20 -6.41 15.40
N PHE A 983 -2.98 -5.37 16.19
CA PHE A 983 -2.70 -4.07 15.59
C PHE A 983 -1.47 -4.12 14.71
N GLY A 984 -0.63 -5.14 14.88
CA GLY A 984 0.60 -5.25 14.15
C GLY A 984 0.67 -6.40 13.20
N ALA A 985 -0.43 -7.11 12.97
CA ALA A 985 -0.55 -8.02 11.84
C ALA A 985 -1.28 -7.38 10.68
N MET A 986 -2.04 -6.31 10.92
CA MET A 986 -2.54 -5.51 9.81
C MET A 986 -1.40 -4.91 9.02
N ALA A 987 -0.36 -4.42 9.71
CA ALA A 987 0.77 -3.83 9.02
C ALA A 987 1.48 -4.83 8.12
N VAL A 988 1.53 -6.09 8.53
CA VAL A 988 2.08 -7.13 7.67
C VAL A 988 1.25 -7.25 6.40
N GLY A 989 -0.06 -7.19 6.52
CA GLY A 989 -0.90 -7.26 5.34
C GLY A 989 -0.69 -6.11 4.40
N GLN A 990 -0.64 -4.89 4.92
CA GLN A 990 -0.36 -3.73 4.08
C GLN A 990 0.99 -3.86 3.37
N VAL A 991 2.05 -4.08 4.15
CA VAL A 991 3.38 -4.19 3.59
C VAL A 991 3.44 -5.27 2.52
N SER A 992 2.85 -6.44 2.78
CA SER A 992 2.92 -7.52 1.81
C SER A 992 2.08 -7.23 0.57
N SER A 993 1.02 -6.45 0.72
CA SER A 993 0.28 -6.03 -0.47
C SER A 993 1.12 -5.13 -1.35
N PHE A 994 1.72 -4.10 -0.74
CA PHE A 994 2.47 -3.10 -1.51
C PHE A 994 3.63 -3.70 -2.30
N ALA A 995 4.04 -4.92 -2.01
CA ALA A 995 5.21 -5.44 -2.69
C ALA A 995 4.83 -6.05 -4.04
N PRO A 996 5.65 -5.85 -5.06
CA PRO A 996 5.33 -6.41 -6.38
C PRO A 996 5.59 -7.89 -6.44
N ASP A 997 4.83 -8.56 -7.29
CA ASP A 997 4.85 -10.01 -7.37
C ASP A 997 6.27 -10.52 -7.59
N TYR A 998 6.55 -11.72 -7.10
CA TYR A 998 7.86 -12.32 -7.29
C TYR A 998 7.87 -13.32 -8.43
N ALA A 999 6.74 -13.93 -8.76
CA ALA A 999 6.73 -14.94 -9.81
C ALA A 999 6.93 -14.30 -11.18
N LYS A 1000 6.12 -13.29 -11.50
CA LYS A 1000 6.30 -12.58 -12.76
C LYS A 1000 7.69 -11.97 -12.84
N ALA A 1001 8.19 -11.44 -11.71
CA ALA A 1001 9.53 -10.89 -11.70
C ALA A 1001 10.57 -11.97 -12.02
N LYS A 1002 10.42 -13.17 -11.47
CA LYS A 1002 11.45 -14.17 -11.67
C LYS A 1002 11.40 -14.73 -13.09
N ILE A 1003 10.22 -14.87 -13.69
CA ILE A 1003 10.17 -15.34 -15.07
C ILE A 1003 10.70 -14.27 -16.01
N SER A 1004 10.41 -13.00 -15.72
CA SER A 1004 10.98 -11.92 -16.50
C SER A 1004 12.50 -11.96 -16.44
N ALA A 1005 13.05 -12.13 -15.25
CA ALA A 1005 14.50 -12.25 -15.14
C ALA A 1005 15.03 -13.43 -15.94
N ALA A 1006 14.28 -14.53 -15.99
CA ALA A 1006 14.72 -15.66 -16.80
C ALA A 1006 14.80 -15.27 -18.27
N HIS A 1007 13.81 -14.53 -18.75
CA HIS A 1007 13.82 -14.15 -20.16
C HIS A 1007 14.93 -13.14 -20.45
N ILE A 1008 15.17 -12.22 -19.52
CA ILE A 1008 16.23 -11.23 -19.69
C ILE A 1008 17.58 -11.91 -19.77
N ILE A 1009 17.84 -12.85 -18.86
CA ILE A 1009 19.16 -13.49 -18.89
C ILE A 1009 19.29 -14.41 -20.09
N MET A 1010 18.18 -14.91 -20.61
CA MET A 1010 18.24 -15.63 -21.88
C MET A 1010 18.69 -14.71 -23.02
N ILE A 1011 18.03 -13.55 -23.17
CA ILE A 1011 18.41 -12.63 -24.24
C ILE A 1011 19.83 -12.10 -24.05
N ILE A 1012 20.24 -11.89 -22.79
CA ILE A 1012 21.55 -11.31 -22.52
C ILE A 1012 22.65 -12.30 -22.91
N GLU A 1013 22.51 -13.56 -22.49
CA GLU A 1013 23.56 -14.50 -22.85
C GLU A 1013 23.40 -15.05 -24.26
N LYS A 1014 22.33 -14.67 -24.94
CA LYS A 1014 22.07 -15.14 -26.29
C LYS A 1014 23.25 -14.97 -27.23
N THR A 1015 23.60 -16.04 -27.94
CA THR A 1015 24.72 -16.02 -28.87
C THR A 1015 24.22 -16.24 -30.30
N PRO A 1016 24.44 -15.24 -31.17
CA PRO A 1016 24.02 -15.31 -32.57
C PRO A 1016 25.06 -16.04 -33.43
N LEU A 1017 24.71 -16.30 -34.69
CA LEU A 1017 25.60 -16.99 -35.61
C LEU A 1017 26.96 -16.29 -35.70
N ILE A 1018 26.96 -15.07 -36.22
CA ILE A 1018 28.18 -14.29 -36.37
C ILE A 1018 28.29 -13.18 -35.33
N ASP A 1019 29.51 -12.92 -34.87
CA ASP A 1019 29.74 -11.87 -33.88
C ASP A 1019 30.04 -10.55 -34.57
N SER A 1020 29.35 -9.49 -34.16
CA SER A 1020 29.53 -8.17 -34.76
C SER A 1020 30.84 -7.51 -34.32
N TYR A 1021 31.36 -7.93 -33.16
CA TYR A 1021 32.60 -7.39 -32.64
C TYR A 1021 33.79 -8.30 -32.95
N SER A 1022 33.67 -9.08 -34.01
CA SER A 1022 34.73 -10.00 -34.40
C SER A 1022 35.41 -9.54 -35.69
N THR A 1023 36.70 -9.21 -35.59
CA THR A 1023 37.46 -8.76 -36.74
C THR A 1023 38.19 -9.93 -37.40
N GLU A 1024 38.17 -11.07 -36.72
CA GLU A 1024 38.82 -12.28 -37.22
C GLU A 1024 38.21 -12.70 -38.56
N GLY A 1025 39.07 -13.20 -39.44
CA GLY A 1025 38.66 -13.59 -40.77
C GLY A 1025 39.70 -13.17 -41.79
N LEU A 1026 39.44 -13.51 -43.04
CA LEU A 1026 40.35 -13.17 -44.13
C LEU A 1026 40.33 -11.67 -44.38
N MET A 1027 41.48 -11.02 -44.22
CA MET A 1027 41.65 -9.59 -44.45
C MET A 1027 42.71 -9.39 -45.52
N PRO A 1028 42.34 -9.53 -46.79
CA PRO A 1028 43.27 -9.17 -47.86
C PRO A 1028 43.42 -7.66 -47.97
N ASN A 1029 44.59 -7.25 -48.49
CA ASN A 1029 44.87 -5.83 -48.63
C ASN A 1029 44.26 -5.23 -49.89
N THR A 1030 43.96 -6.05 -50.89
CA THR A 1030 43.44 -5.58 -52.16
C THR A 1030 42.19 -6.38 -52.53
N LEU A 1031 41.42 -5.81 -53.46
CA LEU A 1031 40.20 -6.43 -53.98
C LEU A 1031 40.10 -6.15 -55.47
N GLU A 1032 39.26 -6.93 -56.15
CA GLU A 1032 39.09 -6.79 -57.59
C GLU A 1032 37.70 -6.32 -58.02
N GLY A 1033 36.65 -6.66 -57.29
CA GLY A 1033 35.31 -6.21 -57.63
C GLY A 1033 34.48 -7.21 -58.41
N ASN A 1034 35.04 -8.35 -58.81
CA ASN A 1034 34.30 -9.36 -59.54
C ASN A 1034 33.61 -10.28 -58.54
N VAL A 1035 32.34 -10.58 -58.80
CA VAL A 1035 31.57 -11.48 -57.96
C VAL A 1035 31.03 -12.60 -58.82
N THR A 1036 30.87 -13.79 -58.24
CA THR A 1036 30.37 -14.95 -58.96
C THR A 1036 29.55 -15.81 -58.01
N PHE A 1037 28.27 -15.98 -58.33
CA PHE A 1037 27.36 -16.85 -57.59
C PHE A 1037 27.04 -18.05 -58.47
N GLY A 1038 27.08 -19.24 -57.89
CA GLY A 1038 26.83 -20.45 -58.65
C GLY A 1038 26.14 -21.55 -57.86
N GLU A 1039 25.01 -22.03 -58.39
CA GLU A 1039 24.20 -23.06 -57.71
C GLU A 1039 23.91 -22.66 -56.28
N VAL A 1040 23.30 -21.48 -56.10
CA VAL A 1040 23.03 -20.94 -54.78
C VAL A 1040 21.55 -21.10 -54.48
N VAL A 1041 21.22 -21.96 -53.51
CA VAL A 1041 19.84 -22.18 -53.09
C VAL A 1041 19.60 -21.48 -51.77
N PHE A 1042 18.46 -20.80 -51.67
CA PHE A 1042 18.09 -20.14 -50.42
C PHE A 1042 16.67 -20.49 -50.04
N ASN A 1043 16.50 -20.94 -48.80
CA ASN A 1043 15.20 -21.15 -48.19
C ASN A 1043 15.09 -20.28 -46.96
N TYR A 1044 13.97 -19.58 -46.82
CA TYR A 1044 13.77 -18.76 -45.64
C TYR A 1044 13.67 -19.65 -44.40
N PRO A 1045 14.26 -19.23 -43.27
CA PRO A 1045 14.05 -19.99 -42.03
C PRO A 1045 12.61 -19.98 -41.55
N THR A 1046 11.94 -18.82 -41.66
CA THR A 1046 10.53 -18.76 -41.26
C THR A 1046 9.65 -19.67 -42.09
N ARG A 1047 9.98 -19.85 -43.38
CA ARG A 1047 9.25 -20.72 -44.29
C ARG A 1047 10.19 -21.82 -44.75
N PRO A 1048 10.33 -22.90 -43.97
CA PRO A 1048 11.27 -23.95 -44.35
C PRO A 1048 10.74 -24.92 -45.38
N ASP A 1049 9.42 -24.94 -45.63
CA ASP A 1049 8.85 -25.86 -46.60
C ASP A 1049 8.71 -25.25 -48.00
N ILE A 1050 8.81 -23.93 -48.12
CA ILE A 1050 8.61 -23.24 -49.39
C ILE A 1050 9.97 -22.75 -49.88
N PRO A 1051 10.47 -23.24 -51.03
CA PRO A 1051 11.70 -22.70 -51.58
C PRO A 1051 11.46 -21.50 -52.49
N VAL A 1052 12.24 -20.44 -52.30
CA VAL A 1052 12.15 -19.27 -53.15
C VAL A 1052 13.27 -19.21 -54.18
N LEU A 1053 14.35 -19.98 -54.00
CA LEU A 1053 15.40 -20.12 -54.99
C LEU A 1053 15.58 -21.59 -55.36
N GLN A 1054 16.18 -21.81 -56.54
CA GLN A 1054 16.45 -23.16 -57.07
C GLN A 1054 17.86 -23.21 -57.66
N GLY A 1055 18.84 -22.76 -56.89
CA GLY A 1055 20.23 -22.86 -57.29
C GLY A 1055 20.65 -21.88 -58.37
N LEU A 1056 20.32 -20.60 -58.19
CA LEU A 1056 20.67 -19.59 -59.17
C LEU A 1056 22.18 -19.46 -59.30
N SER A 1057 22.61 -18.81 -60.38
CA SER A 1057 24.03 -18.60 -60.62
C SER A 1057 24.20 -17.30 -61.39
N LEU A 1058 25.38 -16.69 -61.25
CA LEU A 1058 25.62 -15.40 -61.87
C LEU A 1058 27.12 -15.22 -62.07
N GLU A 1059 27.47 -14.21 -62.87
CA GLU A 1059 28.85 -13.84 -63.10
C GLU A 1059 28.89 -12.33 -63.32
N VAL A 1060 29.65 -11.62 -62.50
CA VAL A 1060 29.69 -10.16 -62.52
C VAL A 1060 31.13 -9.71 -62.60
N LYS A 1061 31.41 -8.82 -63.54
CA LYS A 1061 32.74 -8.23 -63.72
C LYS A 1061 32.70 -6.75 -63.36
N LYS A 1062 33.86 -6.12 -63.45
CA LYS A 1062 34.00 -4.71 -63.11
C LYS A 1062 33.12 -3.85 -64.01
N GLY A 1063 32.44 -2.87 -63.41
CA GLY A 1063 31.67 -1.89 -64.14
C GLY A 1063 30.48 -2.41 -64.90
N GLN A 1064 30.12 -3.68 -64.72
CA GLN A 1064 29.05 -4.30 -65.51
C GLN A 1064 27.70 -3.93 -64.93
N THR A 1065 26.96 -3.09 -65.63
CA THR A 1065 25.63 -2.67 -65.19
C THR A 1065 24.69 -3.86 -65.36
N LEU A 1066 24.54 -4.66 -64.31
CA LEU A 1066 23.76 -5.90 -64.37
C LEU A 1066 22.35 -5.60 -63.89
N ALA A 1067 21.38 -5.80 -64.78
CA ALA A 1067 19.98 -5.60 -64.46
C ALA A 1067 19.31 -6.91 -64.11
N LEU A 1068 18.37 -6.87 -63.18
CA LEU A 1068 17.60 -8.03 -62.76
C LEU A 1068 16.12 -7.67 -62.89
N VAL A 1069 15.39 -8.43 -63.70
CA VAL A 1069 13.99 -8.17 -63.99
C VAL A 1069 13.18 -9.43 -63.73
N GLY A 1070 11.98 -9.26 -63.18
CA GLY A 1070 11.10 -10.38 -62.95
C GLY A 1070 9.80 -9.90 -62.33
N SER A 1071 8.97 -10.87 -61.94
CA SER A 1071 7.73 -10.56 -61.25
C SER A 1071 8.02 -10.14 -59.81
N SER A 1072 6.96 -9.73 -59.11
CA SER A 1072 7.11 -9.30 -57.72
C SER A 1072 7.32 -10.50 -56.81
N GLY A 1073 8.31 -10.39 -55.93
CA GLY A 1073 8.60 -11.45 -54.97
C GLY A 1073 9.08 -12.74 -55.59
N CYS A 1074 10.00 -12.67 -56.56
CA CYS A 1074 10.50 -13.84 -57.25
C CYS A 1074 11.98 -14.11 -56.97
N GLY A 1075 12.56 -13.43 -55.97
CA GLY A 1075 13.97 -13.53 -55.72
C GLY A 1075 14.72 -12.32 -56.24
N LYS A 1076 14.12 -11.13 -56.10
CA LYS A 1076 14.75 -9.89 -56.53
C LYS A 1076 15.67 -9.32 -55.45
N SER A 1077 15.13 -9.03 -54.26
CA SER A 1077 15.94 -8.57 -53.15
C SER A 1077 16.64 -9.72 -52.43
N THR A 1078 16.33 -10.96 -52.80
CA THR A 1078 17.02 -12.10 -52.21
C THR A 1078 18.51 -12.07 -52.53
N VAL A 1079 18.86 -11.76 -53.78
CA VAL A 1079 20.27 -11.68 -54.15
C VAL A 1079 20.95 -10.52 -53.45
N VAL A 1080 20.19 -9.48 -53.10
CA VAL A 1080 20.74 -8.40 -52.30
C VAL A 1080 21.15 -8.90 -50.93
N GLN A 1081 20.19 -9.49 -50.20
CA GLN A 1081 20.47 -10.05 -48.89
C GLN A 1081 21.55 -11.12 -48.95
N LEU A 1082 21.60 -11.89 -50.04
CA LEU A 1082 22.60 -12.95 -50.13
C LEU A 1082 24.01 -12.40 -50.30
N LEU A 1083 24.14 -11.12 -50.64
CA LEU A 1083 25.45 -10.46 -50.69
C LEU A 1083 25.81 -9.80 -49.37
N GLU A 1084 24.84 -9.13 -48.74
CA GLU A 1084 25.05 -8.33 -47.55
C GLU A 1084 25.01 -9.13 -46.26
N ARG A 1085 25.24 -10.44 -46.33
CA ARG A 1085 25.49 -11.28 -45.14
C ARG A 1085 24.32 -11.33 -44.17
N PHE A 1086 23.14 -10.85 -44.58
CA PHE A 1086 21.96 -11.03 -43.75
C PHE A 1086 21.64 -12.50 -43.59
N TYR A 1087 21.63 -13.23 -44.70
CA TYR A 1087 21.38 -14.67 -44.73
C TYR A 1087 22.57 -15.37 -45.37
N ASP A 1088 23.01 -16.46 -44.75
CA ASP A 1088 24.01 -17.32 -45.37
C ASP A 1088 23.32 -18.56 -45.91
N PRO A 1089 23.49 -18.88 -47.20
CA PRO A 1089 22.74 -19.98 -47.79
C PRO A 1089 23.25 -21.35 -47.34
N LEU A 1090 22.32 -22.30 -47.29
CA LEU A 1090 22.66 -23.67 -46.92
C LEU A 1090 23.57 -24.31 -47.95
N ALA A 1091 23.34 -24.04 -49.24
CA ALA A 1091 24.14 -24.61 -50.31
C ALA A 1091 24.43 -23.55 -51.34
N GLY A 1092 25.58 -23.68 -51.98
CA GLY A 1092 26.04 -22.70 -52.94
C GLY A 1092 27.49 -22.32 -52.70
N LYS A 1093 28.02 -21.57 -53.64
CA LYS A 1093 29.38 -21.06 -53.55
C LYS A 1093 29.41 -19.66 -54.15
N VAL A 1094 29.97 -18.71 -53.41
CA VAL A 1094 29.95 -17.30 -53.76
C VAL A 1094 31.37 -16.79 -53.74
N LEU A 1095 31.93 -16.55 -54.92
CA LEU A 1095 33.31 -16.12 -55.06
C LEU A 1095 33.35 -14.62 -55.29
N LEU A 1096 33.95 -13.89 -54.36
CA LEU A 1096 34.12 -12.44 -54.46
C LEU A 1096 35.60 -12.20 -54.75
N ASP A 1097 35.92 -12.11 -56.05
CA ASP A 1097 37.31 -11.97 -56.51
C ASP A 1097 38.16 -13.14 -56.04
N GLY A 1098 37.63 -14.34 -56.19
CA GLY A 1098 38.29 -15.53 -55.70
C GLY A 1098 38.36 -15.63 -54.19
N LYS A 1099 37.59 -14.82 -53.48
CA LYS A 1099 37.58 -14.80 -52.03
C LYS A 1099 36.17 -15.10 -51.55
N GLU A 1100 36.01 -16.23 -50.86
CA GLU A 1100 34.69 -16.63 -50.37
C GLU A 1100 34.30 -15.75 -49.19
N ILE A 1101 33.05 -15.28 -49.20
CA ILE A 1101 32.60 -14.34 -48.17
C ILE A 1101 32.53 -14.99 -46.80
N LYS A 1102 32.49 -16.32 -46.73
CA LYS A 1102 32.36 -16.98 -45.44
C LYS A 1102 33.67 -17.03 -44.67
N ARG A 1103 34.79 -16.79 -45.34
CA ARG A 1103 36.10 -16.79 -44.69
C ARG A 1103 36.65 -15.39 -44.46
N LEU A 1104 36.00 -14.37 -45.01
CA LEU A 1104 36.46 -12.99 -44.91
C LEU A 1104 36.08 -12.39 -43.56
N ASN A 1105 36.32 -11.09 -43.42
CA ASN A 1105 35.79 -10.33 -42.29
C ASN A 1105 34.36 -9.88 -42.59
N VAL A 1106 33.57 -9.76 -41.52
CA VAL A 1106 32.15 -9.51 -41.70
C VAL A 1106 31.83 -8.02 -41.74
N GLN A 1107 32.65 -7.17 -41.11
CA GLN A 1107 32.42 -5.74 -41.16
C GLN A 1107 33.05 -5.10 -42.39
N TRP A 1108 34.16 -5.67 -42.88
CA TRP A 1108 34.80 -5.14 -44.07
C TRP A 1108 33.86 -5.17 -45.26
N LEU A 1109 33.25 -6.33 -45.52
CA LEU A 1109 32.29 -6.48 -46.61
C LEU A 1109 31.18 -5.43 -46.50
N ARG A 1110 30.56 -5.34 -45.33
CA ARG A 1110 29.49 -4.39 -45.11
C ARG A 1110 30.00 -2.96 -45.15
N ALA A 1111 31.32 -2.75 -45.02
CA ALA A 1111 31.90 -1.42 -45.08
C ALA A 1111 32.20 -0.98 -46.50
N HIS A 1112 32.53 -1.92 -47.38
CA HIS A 1112 32.98 -1.56 -48.74
C HIS A 1112 31.83 -1.16 -49.63
N LEU A 1113 30.75 -1.94 -49.66
CA LEU A 1113 29.63 -1.67 -50.54
C LEU A 1113 28.65 -0.71 -49.89
N GLY A 1114 27.62 -0.33 -50.65
CA GLY A 1114 26.59 0.55 -50.18
C GLY A 1114 25.38 0.52 -51.10
N ILE A 1115 24.18 0.43 -50.54
CA ILE A 1115 22.95 0.26 -51.31
C ILE A 1115 21.93 1.30 -50.86
N VAL A 1116 20.82 1.34 -51.60
CA VAL A 1116 19.62 2.07 -51.20
C VAL A 1116 18.53 1.05 -50.94
N SER A 1117 17.84 1.18 -49.82
CA SER A 1117 16.83 0.19 -49.45
C SER A 1117 15.61 0.29 -50.37
N GLN A 1118 14.70 -0.68 -50.23
CA GLN A 1118 13.49 -0.65 -51.02
C GLN A 1118 12.61 0.54 -50.64
N GLU A 1119 12.46 0.80 -49.34
CA GLU A 1119 11.69 1.92 -48.85
C GLU A 1119 12.64 2.81 -48.05
N PRO A 1120 12.71 4.11 -48.34
CA PRO A 1120 13.64 4.98 -47.62
C PRO A 1120 13.11 5.30 -46.23
N ILE A 1121 13.97 5.15 -45.22
CA ILE A 1121 13.61 5.43 -43.85
C ILE A 1121 14.65 6.37 -43.26
N LEU A 1122 14.19 7.45 -42.64
CA LEU A 1122 15.05 8.45 -42.02
C LEU A 1122 14.82 8.50 -40.52
N PHE A 1123 15.79 9.05 -39.82
CA PHE A 1123 15.82 9.02 -38.37
C PHE A 1123 15.34 10.35 -37.81
N ASP A 1124 14.96 10.33 -36.54
CA ASP A 1124 14.43 11.52 -35.87
C ASP A 1124 15.57 12.50 -35.59
N CYS A 1125 15.96 13.22 -36.62
CA CYS A 1125 16.91 14.31 -36.49
C CYS A 1125 16.85 15.15 -37.75
N SER A 1126 17.77 16.10 -37.88
CA SER A 1126 17.85 16.93 -39.06
C SER A 1126 18.24 16.08 -40.27
N ILE A 1127 18.21 16.72 -41.44
CA ILE A 1127 18.63 16.03 -42.65
C ILE A 1127 20.14 15.91 -42.69
N ALA A 1128 20.86 16.80 -42.01
CA ALA A 1128 22.31 16.69 -41.93
C ALA A 1128 22.71 15.37 -41.27
N GLU A 1129 22.11 15.06 -40.12
CA GLU A 1129 22.33 13.79 -39.45
C GLU A 1129 21.58 12.63 -40.09
N ASN A 1130 20.83 12.89 -41.17
CA ASN A 1130 20.30 11.80 -41.98
C ASN A 1130 21.34 11.37 -43.01
N ILE A 1131 21.96 12.32 -43.69
CA ILE A 1131 22.96 11.97 -44.68
C ILE A 1131 24.27 11.56 -44.01
N ALA A 1132 24.60 12.18 -42.89
CA ALA A 1132 25.80 11.80 -42.16
C ALA A 1132 25.61 10.56 -41.31
N TYR A 1133 24.57 9.77 -41.62
CA TYR A 1133 24.46 8.40 -41.12
C TYR A 1133 25.19 7.43 -42.04
N GLY A 1134 25.46 7.83 -43.28
CA GLY A 1134 26.00 6.90 -44.26
C GLY A 1134 27.42 6.47 -43.96
N ASP A 1135 28.23 7.38 -43.42
CA ASP A 1135 29.62 7.08 -43.11
C ASP A 1135 29.85 7.27 -41.61
N ASN A 1136 30.23 6.18 -40.95
CA ASN A 1136 30.43 6.20 -39.52
C ASN A 1136 31.82 5.69 -39.19
N SER A 1137 32.20 5.81 -37.92
CA SER A 1137 33.57 5.55 -37.48
C SER A 1137 34.56 6.44 -38.22
N ARG A 1138 34.12 7.65 -38.55
CA ARG A 1138 34.90 8.56 -39.36
C ARG A 1138 34.34 9.96 -39.21
N VAL A 1139 35.22 10.95 -39.31
CA VAL A 1139 34.81 12.35 -39.22
C VAL A 1139 34.24 12.76 -40.57
N VAL A 1140 32.98 13.18 -40.56
CA VAL A 1140 32.26 13.53 -41.79
C VAL A 1140 32.50 15.00 -42.09
N SER A 1141 32.87 15.30 -43.32
CA SER A 1141 33.09 16.68 -43.75
C SER A 1141 31.83 17.25 -44.37
N GLN A 1142 31.51 18.51 -44.05
CA GLN A 1142 30.31 19.13 -44.59
C GLN A 1142 30.44 19.46 -46.07
N GLU A 1143 31.67 19.66 -46.56
CA GLU A 1143 31.86 19.88 -47.99
C GLU A 1143 31.41 18.67 -48.80
N GLU A 1144 31.51 17.46 -48.22
CA GLU A 1144 30.92 16.29 -48.85
C GLU A 1144 29.43 16.21 -48.61
N ILE A 1145 28.93 16.88 -47.57
CA ILE A 1145 27.49 16.89 -47.30
C ILE A 1145 26.77 17.75 -48.34
N VAL A 1146 27.35 18.90 -48.69
CA VAL A 1146 26.79 19.74 -49.74
C VAL A 1146 27.10 19.16 -51.12
N ARG A 1147 28.26 18.53 -51.28
CA ARG A 1147 28.60 17.90 -52.56
C ARG A 1147 27.62 16.79 -52.89
N ALA A 1148 27.36 15.90 -51.94
CA ALA A 1148 26.41 14.82 -52.17
C ALA A 1148 24.99 15.33 -52.38
N ALA A 1149 24.66 16.49 -51.80
CA ALA A 1149 23.32 17.04 -51.98
C ALA A 1149 23.15 17.64 -53.37
N LYS A 1150 24.14 18.40 -53.82
CA LYS A 1150 24.11 18.91 -55.19
C LYS A 1150 24.11 17.77 -56.20
N GLU A 1151 24.87 16.70 -55.92
CA GLU A 1151 24.92 15.56 -56.83
C GLU A 1151 23.60 14.81 -56.88
N ALA A 1152 22.91 14.71 -55.74
CA ALA A 1152 21.60 14.07 -55.69
C ALA A 1152 20.46 15.02 -56.03
N ASN A 1153 20.76 16.27 -56.33
CA ASN A 1153 19.75 17.28 -56.66
C ASN A 1153 18.70 17.41 -55.55
N ILE A 1154 19.14 17.22 -54.31
CA ILE A 1154 18.35 17.58 -53.15
C ILE A 1154 18.85 18.86 -52.52
N HIS A 1155 20.04 19.34 -52.89
CA HIS A 1155 20.60 20.57 -52.35
C HIS A 1155 19.62 21.73 -52.45
N ALA A 1156 18.74 21.71 -53.46
CA ALA A 1156 17.77 22.78 -53.61
C ALA A 1156 16.68 22.69 -52.54
N PHE A 1157 16.22 21.47 -52.25
CA PHE A 1157 15.18 21.31 -51.23
C PHE A 1157 15.75 21.39 -49.82
N ILE A 1158 17.06 21.31 -49.67
CA ILE A 1158 17.68 21.58 -48.37
C ILE A 1158 17.89 23.07 -48.17
N GLU A 1159 18.51 23.74 -49.15
CA GLU A 1159 18.79 25.17 -49.06
C GLU A 1159 17.52 26.01 -49.06
N SER A 1160 16.36 25.41 -49.30
CA SER A 1160 15.10 26.13 -49.29
C SER A 1160 14.44 26.15 -47.92
N LEU A 1161 14.62 25.11 -47.13
CA LEU A 1161 13.95 25.01 -45.83
C LEU A 1161 14.64 25.92 -44.81
N PRO A 1162 13.86 26.57 -43.93
CA PRO A 1162 14.47 27.30 -42.83
C PRO A 1162 15.17 26.36 -41.87
N ASN A 1163 16.31 26.82 -41.35
CA ASN A 1163 17.27 25.95 -40.65
C ASN A 1163 17.65 24.77 -41.54
N LYS A 1164 18.30 25.11 -42.64
CA LYS A 1164 18.47 24.19 -43.77
C LYS A 1164 19.10 22.88 -43.35
N TYR A 1165 20.21 22.93 -42.62
CA TYR A 1165 20.88 21.73 -42.15
C TYR A 1165 20.61 21.46 -40.67
N SER A 1166 19.51 22.01 -40.13
CA SER A 1166 19.05 21.66 -38.80
C SER A 1166 17.52 21.59 -38.73
N THR A 1167 16.85 21.28 -39.83
CA THR A 1167 15.39 21.13 -39.83
C THR A 1167 15.02 19.75 -39.32
N LYS A 1168 14.35 19.69 -38.17
CA LYS A 1168 14.04 18.42 -37.53
C LYS A 1168 13.00 17.65 -38.34
N VAL A 1169 13.35 16.43 -38.75
CA VAL A 1169 12.52 15.60 -39.61
C VAL A 1169 11.75 14.61 -38.74
N GLY A 1170 10.53 14.30 -39.16
CA GLY A 1170 9.68 13.36 -38.46
C GLY A 1170 10.16 11.93 -38.61
N ASP A 1171 9.39 11.02 -38.03
CA ASP A 1171 9.70 9.60 -38.09
C ASP A 1171 9.44 9.07 -39.50
N LYS A 1172 10.43 8.36 -40.05
CA LYS A 1172 10.38 7.79 -41.39
C LYS A 1172 10.24 8.85 -42.47
N GLY A 1173 10.42 10.12 -42.12
CA GLY A 1173 10.25 11.19 -43.09
C GLY A 1173 8.81 11.49 -43.40
N THR A 1174 7.93 11.46 -42.40
CA THR A 1174 6.52 11.77 -42.61
C THR A 1174 6.27 13.25 -42.88
N GLN A 1175 7.29 14.10 -42.75
CA GLN A 1175 7.09 15.52 -43.00
C GLN A 1175 7.27 15.88 -44.46
N LEU A 1176 8.34 15.38 -45.08
CA LEU A 1176 8.63 15.65 -46.48
C LEU A 1176 8.12 14.52 -47.37
N SER A 1177 8.17 14.76 -48.68
CA SER A 1177 7.49 13.90 -49.64
C SER A 1177 8.35 12.69 -49.98
N GLY A 1178 7.76 11.80 -50.80
CA GLY A 1178 8.43 10.55 -51.12
C GLY A 1178 9.60 10.71 -52.06
N GLY A 1179 9.49 11.62 -53.03
CA GLY A 1179 10.59 11.86 -53.94
C GLY A 1179 11.82 12.40 -53.23
N GLN A 1180 11.62 13.34 -52.30
CA GLN A 1180 12.73 13.95 -51.61
C GLN A 1180 13.43 12.96 -50.67
N LYS A 1181 12.66 12.13 -49.97
CA LYS A 1181 13.28 11.12 -49.13
C LYS A 1181 13.94 10.03 -49.95
N GLN A 1182 13.46 9.80 -51.18
CA GLN A 1182 14.14 8.88 -52.08
C GLN A 1182 15.45 9.49 -52.58
N ARG A 1183 15.44 10.79 -52.88
CA ARG A 1183 16.67 11.48 -53.25
C ARG A 1183 17.66 11.49 -52.10
N ILE A 1184 17.22 11.92 -50.91
CA ILE A 1184 18.14 11.97 -49.77
C ILE A 1184 18.58 10.58 -49.36
N ALA A 1185 17.85 9.54 -49.76
CA ALA A 1185 18.39 8.18 -49.64
C ALA A 1185 19.49 7.94 -50.65
N ILE A 1186 19.35 8.51 -51.86
CA ILE A 1186 20.42 8.43 -52.85
C ILE A 1186 21.65 9.19 -52.37
N ALA A 1187 21.43 10.32 -51.67
CA ALA A 1187 22.53 11.09 -51.13
C ALA A 1187 23.07 10.48 -49.84
N ARG A 1188 22.22 9.75 -49.12
CA ARG A 1188 22.70 9.04 -47.94
C ARG A 1188 23.67 7.94 -48.33
N ALA A 1189 23.36 7.20 -49.41
CA ALA A 1189 24.28 6.19 -49.88
C ALA A 1189 25.41 6.78 -50.73
N LEU A 1190 25.21 7.95 -51.30
CA LEU A 1190 26.22 8.54 -52.18
C LEU A 1190 27.51 8.81 -51.44
N VAL A 1191 27.43 9.22 -50.17
CA VAL A 1191 28.62 9.53 -49.39
C VAL A 1191 29.43 8.28 -49.08
N ARG A 1192 28.82 7.09 -49.18
CA ARG A 1192 29.57 5.86 -48.93
C ARG A 1192 30.68 5.66 -49.94
N GLN A 1193 30.49 6.12 -51.19
CA GLN A 1193 31.42 5.88 -52.28
C GLN A 1193 31.75 4.39 -52.36
N PRO A 1194 30.78 3.55 -52.73
CA PRO A 1194 30.99 2.10 -52.66
C PRO A 1194 31.66 1.51 -53.88
N HIS A 1195 32.56 0.56 -53.63
CA HIS A 1195 33.18 -0.19 -54.72
C HIS A 1195 32.23 -1.20 -55.36
N ILE A 1196 31.13 -1.52 -54.69
CA ILE A 1196 30.07 -2.36 -55.24
C ILE A 1196 28.75 -1.72 -54.85
N LEU A 1197 27.92 -1.42 -55.84
CA LEU A 1197 26.71 -0.65 -55.62
C LEU A 1197 25.49 -1.46 -56.05
N LEU A 1198 24.44 -1.40 -55.24
CA LEU A 1198 23.16 -2.02 -55.56
C LEU A 1198 22.07 -0.96 -55.52
N LEU A 1199 21.10 -1.08 -56.43
CA LEU A 1199 19.91 -0.25 -56.45
C LEU A 1199 18.69 -1.14 -56.53
N ASP A 1200 17.81 -1.04 -55.55
CA ASP A 1200 16.53 -1.75 -55.55
C ASP A 1200 15.42 -0.71 -55.62
N GLU A 1201 14.68 -0.71 -56.74
CA GLU A 1201 13.54 0.18 -56.92
C GLU A 1201 13.95 1.64 -56.79
N ALA A 1202 14.93 2.04 -57.62
CA ALA A 1202 15.50 3.38 -57.54
C ALA A 1202 14.55 4.46 -58.02
N THR A 1203 13.48 4.12 -58.73
CA THR A 1203 12.52 5.08 -59.25
C THR A 1203 11.10 4.66 -58.89
N SER A 1204 10.88 4.31 -57.62
CA SER A 1204 9.53 3.96 -57.17
C SER A 1204 8.61 5.17 -57.22
N ALA A 1205 8.92 6.19 -56.40
CA ALA A 1205 8.12 7.42 -56.32
C ALA A 1205 9.07 8.58 -56.62
N LEU A 1206 9.24 8.88 -57.90
CA LEU A 1206 10.12 9.94 -58.34
C LEU A 1206 9.57 10.53 -59.63
N ASP A 1207 9.93 11.79 -59.90
CA ASP A 1207 9.51 12.41 -61.14
C ASP A 1207 10.36 11.93 -62.30
N THR A 1208 9.95 12.32 -63.51
CA THR A 1208 10.69 11.91 -64.69
C THR A 1208 11.92 12.78 -64.92
N GLU A 1209 11.86 14.06 -64.56
CA GLU A 1209 13.05 14.90 -64.64
C GLU A 1209 14.03 14.59 -63.51
N SER A 1210 13.52 14.12 -62.37
CA SER A 1210 14.38 13.80 -61.23
C SER A 1210 15.13 12.50 -61.43
N GLU A 1211 14.60 11.59 -62.25
CA GLU A 1211 15.30 10.34 -62.53
C GLU A 1211 16.56 10.58 -63.35
N LYS A 1212 16.49 11.50 -64.31
CA LYS A 1212 17.67 11.80 -65.13
C LYS A 1212 18.78 12.43 -64.29
N VAL A 1213 18.42 13.31 -63.35
CA VAL A 1213 19.43 13.92 -62.49
C VAL A 1213 19.89 12.98 -61.39
N VAL A 1214 19.11 11.95 -61.08
CA VAL A 1214 19.57 10.90 -60.19
C VAL A 1214 20.55 9.99 -60.91
N GLN A 1215 20.19 9.58 -62.13
CA GLN A 1215 21.02 8.63 -62.88
C GLN A 1215 22.29 9.27 -63.41
N GLU A 1216 22.29 10.59 -63.65
CA GLU A 1216 23.47 11.22 -64.24
C GLU A 1216 24.66 11.15 -63.31
N ALA A 1217 24.43 11.29 -62.00
CA ALA A 1217 25.50 11.06 -61.03
C ALA A 1217 25.88 9.58 -60.96
N LEU A 1218 24.92 8.69 -61.21
CA LEU A 1218 25.21 7.26 -61.23
C LEU A 1218 26.02 6.89 -62.47
N ASP A 1219 25.62 7.41 -63.64
CA ASP A 1219 26.33 7.09 -64.87
C ASP A 1219 27.79 7.57 -64.81
N LYS A 1220 28.02 8.74 -64.23
CA LYS A 1220 29.39 9.23 -64.09
C LYS A 1220 30.18 8.49 -63.01
N ALA A 1221 29.50 7.95 -62.01
CA ALA A 1221 30.15 7.19 -60.95
C ALA A 1221 30.05 5.68 -61.15
N ARG A 1222 29.31 5.22 -62.16
CA ARG A 1222 29.25 3.79 -62.44
C ARG A 1222 30.63 3.24 -62.78
N GLU A 1223 31.48 4.04 -63.43
CA GLU A 1223 32.81 3.59 -63.78
C GLU A 1223 33.65 3.33 -62.53
N GLY A 1224 34.51 2.33 -62.60
CA GLY A 1224 35.32 1.90 -61.47
C GLY A 1224 34.63 0.91 -60.56
N ARG A 1225 33.40 1.18 -60.17
CA ARG A 1225 32.66 0.33 -59.25
C ARG A 1225 31.66 -0.53 -60.00
N THR A 1226 31.53 -1.78 -59.58
CA THR A 1226 30.46 -2.64 -60.06
C THR A 1226 29.11 -2.03 -59.73
N CYS A 1227 28.19 -2.05 -60.69
CA CYS A 1227 26.85 -1.49 -60.50
C CYS A 1227 25.80 -2.56 -60.77
N ILE A 1228 24.76 -2.59 -59.94
CA ILE A 1228 23.66 -3.54 -60.06
C ILE A 1228 22.37 -2.81 -59.74
N VAL A 1229 21.50 -2.64 -60.73
CA VAL A 1229 20.24 -1.93 -60.57
C VAL A 1229 19.09 -2.90 -60.80
N ILE A 1230 18.16 -2.94 -59.85
CA ILE A 1230 16.93 -3.72 -59.97
C ILE A 1230 15.78 -2.73 -59.94
N ALA A 1231 15.01 -2.69 -61.02
CA ALA A 1231 13.89 -1.76 -61.10
C ALA A 1231 12.82 -2.35 -62.00
N HIS A 1232 11.66 -1.69 -62.00
CA HIS A 1232 10.58 -2.07 -62.91
C HIS A 1232 10.56 -1.19 -64.14
N ARG A 1233 10.98 0.08 -64.01
CA ARG A 1233 11.01 0.99 -65.14
C ARG A 1233 12.15 0.63 -66.08
N LEU A 1234 11.81 0.41 -67.35
CA LEU A 1234 12.78 -0.06 -68.34
C LEU A 1234 13.85 0.98 -68.65
N SER A 1235 13.65 2.25 -68.29
CA SER A 1235 14.57 3.31 -68.70
C SER A 1235 16.00 3.00 -68.28
N THR A 1236 16.19 2.52 -67.04
CA THR A 1236 17.52 2.15 -66.56
C THR A 1236 17.91 0.74 -66.99
N ILE A 1237 17.00 -0.02 -67.60
CA ILE A 1237 17.32 -1.38 -68.03
C ILE A 1237 17.84 -1.41 -69.46
N GLN A 1238 17.40 -0.47 -70.30
CA GLN A 1238 17.87 -0.44 -71.69
C GLN A 1238 19.37 -0.16 -71.76
N ASN A 1239 19.86 0.75 -70.92
CA ASN A 1239 21.26 1.18 -70.97
C ASN A 1239 22.18 0.31 -70.14
N ALA A 1240 21.66 -0.72 -69.47
CA ALA A 1240 22.50 -1.57 -68.65
C ALA A 1240 23.42 -2.43 -69.51
N ASP A 1241 24.49 -2.92 -68.90
CA ASP A 1241 25.44 -3.76 -69.63
C ASP A 1241 24.85 -5.13 -69.92
N LEU A 1242 24.39 -5.83 -68.89
CA LEU A 1242 23.76 -7.13 -69.06
C LEU A 1242 22.50 -7.18 -68.21
N ILE A 1243 21.58 -8.05 -68.62
CA ILE A 1243 20.27 -8.16 -68.00
C ILE A 1243 20.01 -9.63 -67.70
N VAL A 1244 19.47 -9.91 -66.51
CA VAL A 1244 19.16 -11.27 -66.08
C VAL A 1244 17.70 -11.30 -65.64
N VAL A 1245 16.89 -12.09 -66.34
CA VAL A 1245 15.48 -12.26 -66.03
C VAL A 1245 15.32 -13.49 -65.15
N PHE A 1246 14.40 -13.43 -64.19
CA PHE A 1246 14.15 -14.51 -63.25
C PHE A 1246 12.76 -15.09 -63.45
N GLN A 1247 12.63 -16.38 -63.13
CA GLN A 1247 11.34 -17.06 -63.14
C GLN A 1247 11.35 -18.07 -62.01
N ASN A 1248 10.67 -17.76 -60.92
CA ASN A 1248 10.58 -18.63 -59.74
C ASN A 1248 11.96 -18.96 -59.19
N GLY A 1249 12.90 -18.04 -59.34
CA GLY A 1249 14.26 -18.23 -58.89
C GLY A 1249 15.25 -18.60 -59.98
N ARG A 1250 14.79 -19.22 -61.06
CA ARG A 1250 15.69 -19.75 -62.06
C ARG A 1250 16.16 -18.66 -63.02
N VAL A 1251 17.46 -18.67 -63.31
CA VAL A 1251 18.01 -17.84 -64.36
C VAL A 1251 17.52 -18.40 -65.69
N LYS A 1252 16.65 -17.65 -66.38
CA LYS A 1252 16.21 -18.09 -67.70
C LYS A 1252 17.09 -17.55 -68.82
N GLU A 1253 17.28 -16.24 -68.88
CA GLU A 1253 18.08 -15.61 -69.94
C GLU A 1253 19.14 -14.70 -69.33
N HIS A 1254 20.29 -14.64 -70.00
CA HIS A 1254 21.39 -13.81 -69.56
C HIS A 1254 22.30 -13.52 -70.75
N GLY A 1255 22.86 -12.33 -70.76
CA GLY A 1255 23.71 -11.88 -71.84
C GLY A 1255 23.49 -10.41 -72.10
N THR A 1256 23.80 -9.99 -73.33
CA THR A 1256 23.63 -8.60 -73.71
C THR A 1256 22.17 -8.33 -74.09
N HIS A 1257 21.78 -7.06 -73.99
CA HIS A 1257 20.40 -6.67 -74.23
C HIS A 1257 19.99 -6.96 -75.67
N GLN A 1258 20.90 -6.75 -76.62
CA GLN A 1258 20.57 -7.03 -78.01
C GLN A 1258 20.32 -8.51 -78.23
N GLN A 1259 21.15 -9.38 -77.65
CA GLN A 1259 20.97 -10.82 -77.78
C GLN A 1259 19.64 -11.28 -77.20
N LEU A 1260 19.14 -10.59 -76.16
CA LEU A 1260 17.83 -10.89 -75.62
C LEU A 1260 16.71 -10.34 -76.49
N LEU A 1261 16.97 -9.23 -77.21
CA LEU A 1261 15.96 -8.68 -78.11
C LEU A 1261 15.93 -9.39 -79.45
N ALA A 1262 17.02 -10.06 -79.84
CA ALA A 1262 17.01 -10.82 -81.08
C ALA A 1262 16.17 -12.09 -80.95
N GLN A 1263 16.54 -12.96 -80.02
CA GLN A 1263 15.73 -14.13 -79.70
C GLN A 1263 14.57 -13.69 -78.81
N LYS A 1264 13.36 -13.67 -79.37
CA LYS A 1264 12.18 -13.29 -78.61
C LYS A 1264 11.82 -14.40 -77.63
N GLY A 1265 11.82 -14.07 -76.34
CA GLY A 1265 11.42 -15.00 -75.30
C GLY A 1265 10.42 -14.34 -74.37
N ILE A 1266 10.64 -14.53 -73.07
CA ILE A 1266 9.77 -13.88 -72.09
C ILE A 1266 10.19 -12.44 -71.86
N TYR A 1267 11.50 -12.14 -71.94
CA TYR A 1267 11.95 -10.76 -71.78
C TYR A 1267 11.38 -9.85 -72.87
N PHE A 1268 11.18 -10.39 -74.08
CA PHE A 1268 10.51 -9.61 -75.12
C PHE A 1268 9.11 -9.22 -74.70
N SER A 1269 8.40 -10.14 -74.01
CA SER A 1269 7.08 -9.81 -73.49
C SER A 1269 7.17 -8.81 -72.35
N MET A 1270 8.29 -8.79 -71.63
CA MET A 1270 8.49 -7.77 -70.60
C MET A 1270 8.72 -6.40 -71.23
N VAL A 1271 9.46 -6.36 -72.35
CA VAL A 1271 9.69 -5.10 -73.04
C VAL A 1271 8.44 -4.61 -73.76
N SER A 1272 7.41 -5.46 -73.90
CA SER A 1272 6.23 -5.13 -74.69
C SER A 1272 5.11 -4.53 -73.85
N VAL A 1273 5.40 -3.96 -72.68
CA VAL A 1273 4.33 -3.46 -71.82
C VAL A 1273 3.70 -2.21 -72.42
N GLN A 1274 4.46 -1.12 -72.54
CA GLN A 1274 3.86 0.15 -72.94
C GLN A 1274 4.66 0.89 -74.01
N ALA A 1275 5.68 0.28 -74.61
CA ALA A 1275 6.48 0.99 -75.60
C ALA A 1275 5.71 1.14 -76.91
N GLY A 1276 6.32 1.87 -77.84
CA GLY A 1276 5.70 2.14 -79.13
C GLY A 1276 5.22 3.57 -79.30
N ASP B 1 7.38 27.22 50.93
CA ASP B 1 6.53 26.25 51.61
C ASP B 1 5.23 26.89 52.03
N VAL B 2 4.16 26.10 52.07
CA VAL B 2 2.86 26.56 52.55
C VAL B 2 2.62 25.87 53.87
N LEU B 3 2.28 26.66 54.88
CA LEU B 3 2.13 26.14 56.23
C LEU B 3 0.71 26.33 56.69
N MET B 4 0.11 25.27 57.20
CA MET B 4 -1.25 25.29 57.70
C MET B 4 -1.25 25.62 59.17
N THR B 5 -2.21 26.43 59.62
CA THR B 5 -2.33 26.79 61.02
C THR B 5 -3.76 26.64 61.48
N GLN B 6 -3.99 25.82 62.50
CA GLN B 6 -5.33 25.51 62.96
C GLN B 6 -5.70 26.39 64.14
N THR B 7 -6.90 26.96 64.11
CA THR B 7 -7.21 28.05 65.04
C THR B 7 -7.26 27.58 66.48
N PRO B 8 -8.08 26.62 66.88
CA PRO B 8 -7.99 26.16 68.27
C PRO B 8 -6.98 25.05 68.41
N VAL B 9 -6.10 25.19 69.40
CA VAL B 9 -5.13 24.15 69.68
C VAL B 9 -5.71 23.08 70.59
N SER B 10 -6.59 23.45 71.50
CA SER B 10 -7.35 22.49 72.28
C SER B 10 -8.80 22.90 72.21
N LEU B 11 -9.68 21.93 72.30
CA LEU B 11 -11.10 22.17 72.09
C LEU B 11 -11.86 21.26 73.05
N SER B 12 -12.66 21.87 73.92
CA SER B 12 -13.46 21.14 74.89
C SER B 12 -14.93 21.24 74.50
N VAL B 13 -15.60 20.10 74.45
CA VAL B 13 -16.91 19.99 73.83
C VAL B 13 -17.78 19.10 74.70
N SER B 14 -18.95 19.60 75.10
CA SER B 14 -19.85 18.76 75.86
C SER B 14 -20.37 17.63 74.99
N LEU B 15 -20.68 16.52 75.63
CA LEU B 15 -21.18 15.36 74.89
C LEU B 15 -22.54 15.67 74.30
N GLY B 16 -22.62 15.70 72.98
CA GLY B 16 -23.84 16.05 72.28
C GLY B 16 -23.82 17.40 71.63
N ASP B 17 -22.80 18.20 71.88
CA ASP B 17 -22.67 19.54 71.30
C ASP B 17 -22.13 19.44 69.88
N GLN B 18 -21.67 20.57 69.35
CA GLN B 18 -21.10 20.67 68.02
C GLN B 18 -19.70 21.22 68.12
N ALA B 19 -18.78 20.65 67.35
CA ALA B 19 -17.36 20.96 67.44
C ALA B 19 -16.85 21.41 66.09
N SER B 20 -16.25 22.59 66.02
CA SER B 20 -15.84 23.17 64.76
C SER B 20 -14.37 23.57 64.81
N ILE B 21 -13.58 22.93 63.97
CA ILE B 21 -12.14 23.18 63.84
C ILE B 21 -11.93 23.88 62.51
N SER B 22 -10.90 24.70 62.42
CA SER B 22 -10.63 25.40 61.17
C SER B 22 -9.14 25.46 60.93
N CYS B 23 -8.75 25.32 59.68
CA CYS B 23 -7.35 25.14 59.28
C CYS B 23 -7.04 26.12 58.17
N ARG B 24 -6.71 27.36 58.55
CA ARG B 24 -6.41 28.40 57.57
C ARG B 24 -5.01 28.20 57.00
N SER B 25 -4.92 28.09 55.68
CA SER B 25 -3.64 27.90 55.05
C SER B 25 -2.97 29.25 54.86
N SER B 26 -1.87 29.24 54.11
CA SER B 26 -1.02 30.41 53.97
C SER B 26 -0.75 30.83 52.54
N GLN B 27 -1.04 29.97 51.56
CA GLN B 27 -0.76 30.23 50.17
C GLN B 27 -1.94 29.88 49.27
N SER B 28 -3.13 29.69 49.85
CA SER B 28 -4.35 29.49 49.07
C SER B 28 -4.19 28.31 48.11
N ILE B 29 -4.13 27.12 48.71
CA ILE B 29 -3.76 25.92 47.99
C ILE B 29 -4.79 25.58 46.92
N VAL B 30 -4.33 25.47 45.68
CA VAL B 30 -5.14 24.91 44.61
C VAL B 30 -4.19 24.39 43.53
N HIS B 31 -4.37 23.14 43.15
CA HIS B 31 -3.45 22.47 42.25
C HIS B 31 -3.55 23.09 40.87
N SER B 32 -2.74 22.59 39.94
CA SER B 32 -2.85 23.09 38.58
C SER B 32 -4.05 22.51 37.86
N THR B 33 -4.55 21.36 38.31
CA THR B 33 -5.71 20.73 37.70
C THR B 33 -7.02 21.35 38.14
N GLY B 34 -6.99 22.39 38.96
CA GLY B 34 -8.22 22.96 39.46
C GLY B 34 -8.84 22.23 40.63
N ASN B 35 -8.31 21.07 41.01
CA ASN B 35 -8.69 20.40 42.24
C ASN B 35 -7.88 20.97 43.37
N THR B 36 -8.49 21.10 44.53
CA THR B 36 -7.76 21.46 45.74
C THR B 36 -7.81 20.26 46.67
N TYR B 37 -6.63 19.83 47.12
CA TYR B 37 -6.49 18.61 47.90
C TYR B 37 -6.28 18.97 49.35
N LEU B 38 -7.20 18.57 50.22
CA LEU B 38 -7.11 18.96 51.61
C LEU B 38 -7.87 17.95 52.45
N GLU B 39 -7.14 17.12 53.19
CA GLU B 39 -7.72 15.95 53.84
C GLU B 39 -7.64 16.12 55.35
N TRP B 40 -8.46 15.39 56.10
CA TRP B 40 -8.38 15.51 57.55
C TRP B 40 -8.09 14.14 58.09
N TYR B 41 -7.26 14.07 59.11
CA TYR B 41 -6.85 12.81 59.69
C TYR B 41 -7.13 12.85 61.19
N LEU B 42 -7.49 11.72 61.76
CA LEU B 42 -7.79 11.62 63.17
C LEU B 42 -6.91 10.55 63.79
N GLN B 43 -6.19 10.89 64.83
CA GLN B 43 -5.40 9.91 65.57
C GLN B 43 -5.99 9.74 66.95
N LYS B 44 -6.53 8.56 67.21
CA LYS B 44 -7.06 8.18 68.49
C LYS B 44 -5.94 7.65 69.36
N PRO B 45 -6.02 7.85 70.67
CA PRO B 45 -4.86 7.57 71.52
C PRO B 45 -4.39 6.12 71.42
N GLY B 46 -3.20 5.94 70.87
CA GLY B 46 -2.61 4.63 70.77
C GLY B 46 -2.81 3.92 69.46
N GLN B 47 -3.16 4.62 68.39
CA GLN B 47 -3.39 3.99 67.11
C GLN B 47 -2.83 4.88 66.01
N SER B 48 -2.78 4.36 64.81
CA SER B 48 -2.28 5.11 63.67
C SER B 48 -3.37 6.02 63.16
N PRO B 49 -3.01 7.18 62.60
CA PRO B 49 -4.03 8.08 62.08
C PRO B 49 -4.96 7.39 61.11
N LYS B 50 -6.12 7.97 60.91
CA LYS B 50 -7.09 7.40 60.01
C LYS B 50 -7.68 8.52 59.19
N LEU B 51 -8.00 8.22 57.93
CA LEU B 51 -8.54 9.18 57.00
C LEU B 51 -9.93 9.68 57.40
N LEU B 52 -10.18 10.94 57.09
CA LEU B 52 -11.44 11.59 57.40
C LEU B 52 -11.58 12.73 56.39
N ILE B 53 -12.41 12.52 55.37
CA ILE B 53 -12.67 13.47 54.27
C ILE B 53 -11.44 13.74 53.39
N TYR B 54 -11.35 13.03 52.26
CA TYR B 54 -10.20 13.13 51.34
C TYR B 54 -10.06 14.37 50.42
N LYS B 55 -10.86 15.39 50.67
CA LYS B 55 -10.85 16.67 49.95
C LYS B 55 -11.73 17.63 50.75
N ILE B 56 -12.10 18.77 50.18
CA ILE B 56 -13.01 19.60 50.91
C ILE B 56 -14.40 18.97 50.80
N SER B 57 -14.92 18.49 51.92
CA SER B 57 -16.28 17.94 51.96
C SER B 57 -16.44 16.70 51.11
N ASN B 58 -15.62 15.70 51.34
CA ASN B 58 -15.96 14.34 50.97
C ASN B 58 -15.96 13.51 52.23
N ARG B 59 -16.15 12.22 52.12
CA ARG B 59 -16.16 11.38 53.31
C ARG B 59 -15.60 10.02 52.97
N PHE B 60 -14.75 9.52 53.84
CA PHE B 60 -14.11 8.24 53.59
C PHE B 60 -15.05 7.11 53.97
N SER B 61 -14.91 5.99 53.26
CA SER B 61 -15.73 4.81 53.50
C SER B 61 -15.60 4.33 54.93
N GLY B 62 -16.71 4.35 55.66
CA GLY B 62 -16.71 3.92 57.04
C GLY B 62 -16.86 5.05 58.03
N VAL B 63 -16.82 6.29 57.57
CA VAL B 63 -16.81 7.46 58.44
C VAL B 63 -18.24 7.93 58.62
N PRO B 64 -18.71 8.11 59.87
CA PRO B 64 -20.10 8.51 60.10
C PRO B 64 -20.47 9.77 59.36
N ASP B 65 -21.76 10.10 59.30
CA ASP B 65 -22.17 11.33 58.65
C ASP B 65 -22.11 12.52 59.57
N ARG B 66 -21.62 12.36 60.80
CA ARG B 66 -21.48 13.51 61.68
C ARG B 66 -20.35 14.41 61.21
N PHE B 67 -19.30 13.82 60.64
CA PHE B 67 -18.17 14.59 60.16
C PHE B 67 -18.52 15.26 58.85
N SER B 68 -18.34 16.56 58.78
CA SER B 68 -18.53 17.25 57.52
C SER B 68 -17.44 18.28 57.37
N GLY B 69 -16.97 18.47 56.15
CA GLY B 69 -15.97 19.47 55.85
C GLY B 69 -16.54 20.50 54.91
N SER B 70 -15.92 21.66 54.88
CA SER B 70 -16.39 22.72 53.99
C SER B 70 -15.35 23.81 53.97
N GLY B 71 -14.95 24.25 52.80
CA GLY B 71 -13.90 25.25 52.76
C GLY B 71 -13.72 25.80 51.38
N SER B 72 -13.16 26.99 51.33
CA SER B 72 -13.04 27.69 50.07
C SER B 72 -11.84 28.60 50.15
N GLY B 73 -11.23 28.86 48.99
CA GLY B 73 -10.15 29.82 48.92
C GLY B 73 -8.97 29.35 49.72
N THR B 74 -8.78 29.98 50.87
CA THR B 74 -7.69 29.68 51.78
C THR B 74 -8.16 29.42 53.20
N ASP B 75 -9.47 29.30 53.42
CA ASP B 75 -10.03 28.98 54.73
C ASP B 75 -10.89 27.74 54.63
N PHE B 76 -10.57 26.72 55.42
CA PHE B 76 -11.28 25.47 55.40
C PHE B 76 -11.71 25.16 56.81
N THR B 77 -12.75 24.34 56.95
CA THR B 77 -13.21 24.01 58.28
C THR B 77 -13.82 22.62 58.29
N LEU B 78 -13.86 22.05 59.49
CA LEU B 78 -14.42 20.76 59.79
C LEU B 78 -15.41 20.98 60.90
N LYS B 79 -16.59 20.41 60.78
CA LYS B 79 -17.56 20.47 61.85
C LYS B 79 -18.08 19.08 62.12
N ILE B 80 -18.20 18.78 63.41
CA ILE B 80 -18.77 17.55 63.93
C ILE B 80 -20.01 17.93 64.69
N SER B 81 -21.07 17.14 64.53
CA SER B 81 -22.30 17.36 65.27
C SER B 81 -22.62 16.12 66.08
N ARG B 82 -22.99 16.33 67.34
CA ARG B 82 -23.24 15.24 68.28
C ARG B 82 -21.96 14.40 68.45
N VAL B 83 -20.97 15.04 69.07
CA VAL B 83 -19.77 14.31 69.43
C VAL B 83 -20.12 13.12 70.31
N GLU B 84 -19.26 12.13 70.30
CA GLU B 84 -19.38 10.97 71.16
C GLU B 84 -18.06 10.79 71.87
N ALA B 85 -17.96 9.79 72.74
CA ALA B 85 -16.69 9.59 73.41
C ALA B 85 -15.71 8.87 72.51
N GLU B 86 -16.21 8.10 71.55
CA GLU B 86 -15.34 7.36 70.66
C GLU B 86 -14.52 8.29 69.78
N ASP B 87 -15.05 9.47 69.52
CA ASP B 87 -14.44 10.44 68.61
C ASP B 87 -13.58 11.40 69.43
N LEU B 88 -12.34 11.02 69.68
CA LEU B 88 -11.56 11.62 70.75
C LEU B 88 -10.08 11.45 70.40
N GLY B 89 -9.46 12.52 69.92
CA GLY B 89 -8.06 12.41 69.59
C GLY B 89 -7.49 13.69 69.04
N VAL B 90 -6.53 13.59 68.14
CA VAL B 90 -5.91 14.77 67.54
C VAL B 90 -6.26 14.81 66.06
N TYR B 91 -6.64 15.98 65.57
CA TYR B 91 -7.11 16.19 64.20
C TYR B 91 -6.08 16.98 63.43
N TYR B 92 -5.55 16.39 62.36
CA TYR B 92 -4.52 17.00 61.54
C TYR B 92 -5.10 17.33 60.19
N CYS B 93 -4.67 18.43 59.58
CA CYS B 93 -5.17 18.83 58.27
C CYS B 93 -4.05 18.79 57.26
N PHE B 94 -4.03 17.79 56.41
CA PHE B 94 -2.97 17.57 55.43
C PHE B 94 -3.35 18.30 54.16
N GLN B 95 -2.35 18.83 53.46
CA GLN B 95 -2.58 19.49 52.17
C GLN B 95 -1.53 19.04 51.18
N ALA B 96 -1.95 18.38 50.11
CA ALA B 96 -1.00 17.87 49.15
C ALA B 96 -1.07 18.60 47.83
N SER B 97 -1.40 19.87 47.86
CA SER B 97 -1.58 20.62 46.63
C SER B 97 -0.29 21.25 46.15
N HIS B 98 0.67 21.49 47.03
CA HIS B 98 1.95 22.09 46.67
C HIS B 98 3.08 21.15 47.03
N ALA B 99 4.25 21.44 46.45
CA ALA B 99 5.32 20.48 46.24
C ALA B 99 6.00 19.94 47.48
N PRO B 100 6.07 20.67 48.61
CA PRO B 100 6.23 20.00 49.91
C PRO B 100 4.88 19.74 50.54
N ARG B 101 4.61 18.51 50.97
CA ARG B 101 3.34 18.18 51.58
C ARG B 101 3.43 18.48 53.06
N THR B 102 2.45 19.20 53.61
CA THR B 102 2.53 19.65 54.98
C THR B 102 1.30 19.27 55.75
N PHE B 103 1.47 18.84 56.99
CA PHE B 103 0.39 18.64 57.93
C PHE B 103 0.21 19.88 58.77
N GLY B 104 -0.89 19.93 59.50
CA GLY B 104 -1.10 20.97 60.47
C GLY B 104 -0.58 20.58 61.83
N GLY B 105 -0.77 21.48 62.79
CA GLY B 105 -0.32 21.19 64.15
C GLY B 105 -1.18 20.15 64.82
N GLY B 106 -2.47 20.38 64.88
CA GLY B 106 -3.36 19.47 65.55
C GLY B 106 -4.29 20.20 66.49
N THR B 107 -5.42 19.60 66.82
CA THR B 107 -6.37 20.19 67.74
C THR B 107 -6.91 19.09 68.63
N LYS B 108 -6.40 19.02 69.84
CA LYS B 108 -6.85 18.01 70.78
C LYS B 108 -8.31 18.25 71.13
N LEU B 109 -9.12 17.19 71.13
CA LEU B 109 -10.53 17.27 71.47
C LEU B 109 -10.74 16.64 72.83
N GLU B 110 -11.49 17.31 73.70
CA GLU B 110 -11.68 16.87 75.07
C GLU B 110 -13.15 16.94 75.42
N ILE B 111 -13.74 15.78 75.72
CA ILE B 111 -15.15 15.72 76.08
C ILE B 111 -15.33 15.98 77.58
N LYS B 112 -16.28 16.84 77.91
CA LYS B 112 -16.56 17.18 79.31
C LYS B 112 -17.41 16.12 79.98
N ARG B 113 -17.30 16.00 81.29
CA ARG B 113 -18.02 14.97 82.05
C ARG B 113 -18.09 15.30 83.53
N ALA B 114 -18.90 14.53 84.26
CA ALA B 114 -19.05 14.74 85.70
C ALA B 114 -17.76 14.38 86.43
N ASP B 115 -17.30 15.29 87.29
CA ASP B 115 -16.07 15.07 88.05
C ASP B 115 -16.13 13.83 88.92
N ALA B 116 -15.20 12.90 88.67
CA ALA B 116 -15.12 11.67 89.44
C ALA B 116 -13.89 11.74 90.35
N ALA B 117 -13.74 10.76 91.23
CA ALA B 117 -12.60 10.77 92.13
C ALA B 117 -11.78 9.50 91.96
N PRO B 118 -10.47 9.59 92.09
CA PRO B 118 -9.61 8.45 91.78
C PRO B 118 -9.76 7.31 92.78
N THR B 119 -9.71 6.09 92.26
CA THR B 119 -9.45 4.91 93.09
C THR B 119 -7.95 4.84 93.28
N VAL B 120 -7.49 5.38 94.40
CA VAL B 120 -6.05 5.46 94.68
C VAL B 120 -5.59 4.18 95.36
N SER B 121 -4.38 3.73 95.01
CA SER B 121 -3.82 2.49 95.51
C SER B 121 -2.32 2.62 95.54
N ILE B 122 -1.72 2.32 96.69
CA ILE B 122 -0.29 2.49 96.89
C ILE B 122 0.36 1.12 97.02
N PHE B 123 1.60 1.01 96.55
CA PHE B 123 2.29 -0.26 96.47
C PHE B 123 3.69 -0.15 97.08
N PRO B 124 4.09 -1.10 97.92
CA PRO B 124 5.40 -1.03 98.59
C PRO B 124 6.50 -1.60 97.72
N PRO B 125 7.75 -1.17 97.93
CA PRO B 125 8.85 -1.68 97.11
C PRO B 125 9.03 -3.18 97.26
N SER B 126 9.31 -3.84 96.14
CA SER B 126 9.42 -5.28 96.13
C SER B 126 10.74 -5.72 96.75
N SER B 127 10.76 -6.99 97.18
CA SER B 127 11.98 -7.55 97.76
C SER B 127 13.15 -7.46 96.78
N GLU B 128 12.89 -7.75 95.50
CA GLU B 128 13.96 -7.76 94.51
C GLU B 128 14.65 -6.41 94.41
N GLN B 129 13.88 -5.32 94.44
CA GLN B 129 14.48 -4.00 94.28
C GLN B 129 15.24 -3.58 95.52
N LEU B 130 14.73 -3.95 96.71
CA LEU B 130 15.44 -3.63 97.94
C LEU B 130 16.81 -4.28 97.98
N THR B 131 16.92 -5.49 97.45
CA THR B 131 18.19 -6.21 97.48
C THR B 131 19.27 -5.46 96.70
N SER B 132 18.90 -4.87 95.56
CA SER B 132 19.85 -4.15 94.71
C SER B 132 20.18 -2.76 95.22
N GLY B 133 19.59 -2.34 96.34
CA GLY B 133 19.85 -1.01 96.86
C GLY B 133 18.92 0.06 96.34
N GLY B 134 17.66 -0.28 96.05
CA GLY B 134 16.71 0.70 95.57
C GLY B 134 15.34 0.47 96.18
N ALA B 135 14.56 1.54 96.22
CA ALA B 135 13.19 1.45 96.72
C ALA B 135 12.34 2.47 95.96
N SER B 136 11.30 1.97 95.29
CA SER B 136 10.36 2.81 94.55
C SER B 136 8.95 2.49 95.01
N VAL B 137 8.29 3.47 95.62
CA VAL B 137 6.89 3.34 96.03
C VAL B 137 6.02 3.89 94.90
N VAL B 138 5.00 3.13 94.54
CA VAL B 138 4.18 3.44 93.37
C VAL B 138 2.75 3.63 93.82
N CYS B 139 2.11 4.69 93.33
CA CYS B 139 0.72 5.00 93.65
C CYS B 139 -0.02 5.35 92.37
N PHE B 140 -1.01 4.53 92.02
CA PHE B 140 -1.85 4.74 90.86
C PHE B 140 -3.10 5.51 91.27
N LEU B 141 -3.45 6.51 90.47
CA LEU B 141 -4.63 7.34 90.71
C LEU B 141 -5.58 7.13 89.54
N ASN B 142 -6.38 6.07 89.61
CA ASN B 142 -7.07 5.57 88.43
C ASN B 142 -8.45 6.18 88.27
N ASN B 143 -8.84 6.33 87.01
CA ASN B 143 -10.22 6.62 86.59
C ASN B 143 -10.81 7.80 87.37
N PHE B 144 -10.22 8.96 87.17
CA PHE B 144 -10.74 10.20 87.71
C PHE B 144 -10.94 11.24 86.60
N TYR B 145 -11.36 12.42 87.01
CA TYR B 145 -11.62 13.56 86.12
C TYR B 145 -11.91 14.78 86.99
N PRO B 146 -11.47 15.98 86.59
CA PRO B 146 -10.68 16.27 85.40
C PRO B 146 -9.23 15.89 85.57
N LYS B 147 -8.42 16.21 84.57
CA LYS B 147 -7.01 15.83 84.58
C LYS B 147 -6.30 16.38 85.80
N ASP B 148 -6.58 17.63 86.14
CA ASP B 148 -5.83 18.36 87.16
C ASP B 148 -6.09 17.74 88.54
N ILE B 149 -5.10 17.01 89.02
CA ILE B 149 -5.11 16.43 90.36
C ILE B 149 -3.68 16.51 90.87
N ASN B 150 -3.53 16.53 92.20
CA ASN B 150 -2.23 16.61 92.84
C ASN B 150 -2.06 15.46 93.83
N VAL B 151 -0.89 14.84 93.80
CA VAL B 151 -0.54 13.76 94.70
C VAL B 151 0.62 14.22 95.57
N LYS B 152 0.58 13.88 96.87
CA LYS B 152 1.60 14.31 97.82
C LYS B 152 2.01 13.14 98.69
N TRP B 153 3.24 12.67 98.52
CA TRP B 153 3.78 11.56 99.29
C TRP B 153 4.16 12.01 100.69
N LYS B 154 3.73 11.26 101.69
CA LYS B 154 4.08 11.51 103.08
C LYS B 154 4.83 10.30 103.62
N ILE B 155 6.07 10.51 104.03
CA ILE B 155 6.90 9.48 104.63
C ILE B 155 6.88 9.64 106.13
N ASP B 156 6.48 8.58 106.84
CA ASP B 156 6.44 8.58 108.30
C ASP B 156 5.52 9.67 108.84
N GLY B 157 4.45 9.96 108.10
CA GLY B 157 3.40 10.85 108.53
C GLY B 157 3.67 12.33 108.38
N SER B 158 4.92 12.75 108.18
CA SER B 158 5.19 14.18 108.05
C SER B 158 6.06 14.52 106.86
N GLU B 159 6.95 13.62 106.44
CA GLU B 159 7.95 13.95 105.42
C GLU B 159 7.28 14.01 104.05
N ARG B 160 6.88 15.22 103.65
CA ARG B 160 6.34 15.43 102.32
C ARG B 160 7.47 15.32 101.30
N GLN B 161 7.66 14.13 100.75
CA GLN B 161 8.69 13.95 99.75
C GLN B 161 8.26 14.54 98.42
N ASN B 162 9.26 14.91 97.61
CA ASN B 162 9.03 15.56 96.34
C ASN B 162 9.75 14.89 95.18
N GLY B 163 10.74 14.03 95.44
CA GLY B 163 11.46 13.32 94.40
C GLY B 163 10.66 12.18 93.82
N VAL B 164 9.61 12.52 93.07
CA VAL B 164 8.68 11.57 92.51
C VAL B 164 8.68 11.72 91.00
N LEU B 165 7.94 10.83 90.34
CA LEU B 165 7.79 10.84 88.88
C LEU B 165 6.32 10.67 88.57
N ASN B 166 5.80 11.51 87.67
CA ASN B 166 4.38 11.50 87.32
C ASN B 166 4.22 11.36 85.81
N SER B 167 3.11 10.73 85.41
CA SER B 167 2.89 10.40 84.02
C SER B 167 1.40 10.17 83.80
N TRP B 168 0.81 10.92 82.88
CA TRP B 168 -0.62 10.89 82.63
C TRP B 168 -0.93 10.06 81.40
N THR B 169 -1.87 9.12 81.54
CA THR B 169 -2.44 8.53 80.34
C THR B 169 -3.31 9.55 79.65
N ASP B 170 -3.77 9.21 78.46
CA ASP B 170 -4.70 10.12 77.81
C ASP B 170 -6.13 9.76 78.22
N GLN B 171 -7.04 10.68 77.95
CA GLN B 171 -8.45 10.47 78.24
C GLN B 171 -8.93 9.17 77.61
N ASP B 172 -9.57 8.34 78.42
CA ASP B 172 -10.00 7.02 77.96
C ASP B 172 -11.27 7.15 77.14
N SER B 173 -11.31 6.47 75.99
CA SER B 173 -12.45 6.61 75.10
C SER B 173 -13.71 5.96 75.65
N LYS B 174 -13.57 5.02 76.59
CA LYS B 174 -14.74 4.36 77.15
C LYS B 174 -15.48 5.27 78.13
N ASP B 175 -14.82 5.67 79.21
CA ASP B 175 -15.47 6.41 80.28
C ASP B 175 -15.02 7.86 80.39
N SER B 176 -14.12 8.32 79.52
CA SER B 176 -13.68 9.70 79.45
C SER B 176 -12.91 10.15 80.68
N THR B 177 -12.45 9.21 81.49
CA THR B 177 -11.71 9.55 82.69
C THR B 177 -10.23 9.72 82.37
N TYR B 178 -9.44 9.95 83.41
CA TYR B 178 -7.99 9.97 83.32
C TYR B 178 -7.41 8.95 84.29
N SER B 179 -6.09 8.81 84.22
CA SER B 179 -5.34 8.12 85.25
C SER B 179 -3.97 8.78 85.29
N MET B 180 -3.15 8.34 86.23
CA MET B 180 -1.76 8.77 86.30
C MET B 180 -1.07 7.96 87.38
N SER B 181 0.26 7.93 87.31
CA SER B 181 1.05 7.18 88.27
C SER B 181 2.07 8.10 88.92
N SER B 182 2.24 7.93 90.23
CA SER B 182 3.21 8.67 91.01
C SER B 182 4.20 7.68 91.62
N THR B 183 5.46 7.79 91.22
CA THR B 183 6.49 6.86 91.64
C THR B 183 7.52 7.60 92.49
N LEU B 184 7.63 7.23 93.76
CA LEU B 184 8.61 7.80 94.68
C LEU B 184 9.79 6.86 94.77
N THR B 185 10.93 7.29 94.24
CA THR B 185 12.12 6.44 94.10
C THR B 185 13.25 6.99 94.93
N LEU B 186 13.79 6.15 95.82
CA LEU B 186 14.87 6.53 96.73
C LEU B 186 15.72 5.30 97.01
N THR B 187 16.69 5.43 97.91
CA THR B 187 17.61 4.36 98.22
C THR B 187 16.98 3.37 99.20
N LYS B 188 17.54 2.16 99.22
CA LYS B 188 17.06 1.14 100.15
C LYS B 188 17.28 1.57 101.59
N ASP B 189 18.33 2.35 101.85
CA ASP B 189 18.63 2.79 103.20
C ASP B 189 17.70 3.92 103.64
N GLU B 190 17.43 4.88 102.74
CA GLU B 190 16.51 5.97 103.08
C GLU B 190 15.09 5.46 103.22
N TYR B 191 14.78 4.31 102.62
CA TYR B 191 13.46 3.70 102.81
C TYR B 191 13.36 2.96 104.14
N GLU B 192 14.32 2.07 104.40
CA GLU B 192 14.32 1.30 105.65
C GLU B 192 14.24 2.20 106.87
N ARG B 193 14.77 3.42 106.77
CA ARG B 193 14.79 4.38 107.87
C ARG B 193 13.40 4.79 108.32
N HIS B 194 12.34 4.36 107.64
CA HIS B 194 10.99 4.81 107.93
C HIS B 194 10.03 3.65 107.78
N ASN B 195 8.82 3.84 108.32
CA ASN B 195 7.84 2.77 108.42
C ASN B 195 6.55 3.08 107.69
N SER B 196 5.98 4.27 107.87
CA SER B 196 4.69 4.62 107.32
C SER B 196 4.85 5.44 106.05
N TYR B 197 4.16 5.04 104.99
CA TYR B 197 4.20 5.73 103.71
C TYR B 197 2.78 6.00 103.26
N THR B 198 2.46 7.28 103.05
CA THR B 198 1.11 7.72 102.75
C THR B 198 1.03 8.36 101.37
N CYS B 199 0.01 7.96 100.61
CA CYS B 199 -0.31 8.54 99.32
C CYS B 199 -1.57 9.38 99.50
N GLU B 200 -1.53 10.62 99.02
CA GLU B 200 -2.66 11.55 99.17
C GLU B 200 -2.99 12.20 97.83
N ALA B 201 -4.20 11.96 97.35
CA ALA B 201 -4.69 12.57 96.13
C ALA B 201 -5.45 13.86 96.45
N THR B 202 -5.25 14.87 95.62
CA THR B 202 -5.93 16.15 95.79
C THR B 202 -6.44 16.66 94.44
N SER B 208 -10.68 17.77 101.35
CA SER B 208 -11.03 16.36 101.42
C SER B 208 -10.18 15.53 100.46
N PRO B 209 -8.94 15.27 100.82
CA PRO B 209 -8.06 14.45 99.98
C PRO B 209 -8.40 12.97 100.10
N ILE B 210 -7.82 12.18 99.20
CA ILE B 210 -7.96 10.74 99.21
C ILE B 210 -6.63 10.18 99.67
N VAL B 211 -6.62 9.49 100.80
CA VAL B 211 -5.39 8.96 101.38
C VAL B 211 -5.32 7.46 101.14
N LYS B 212 -4.10 6.97 101.01
CA LYS B 212 -3.80 5.54 101.06
C LYS B 212 -2.41 5.39 101.62
N SER B 213 -2.20 4.36 102.43
CA SER B 213 -0.92 4.21 103.12
C SER B 213 -0.68 2.76 103.49
N PHE B 214 0.56 2.47 103.86
CA PHE B 214 0.96 1.16 104.36
C PHE B 214 2.06 1.36 105.39
N ASN B 215 2.20 0.38 106.29
CA ASN B 215 3.22 0.43 107.33
C ASN B 215 4.01 -0.88 107.35
N ARG B 216 5.12 -0.89 106.61
CA ARG B 216 6.27 -1.74 106.95
C ARG B 216 7.38 -1.56 105.93
N ASN B 217 8.48 -2.28 106.14
CA ASN B 217 9.43 -2.54 105.07
C ASN B 217 9.15 -3.87 104.39
N GLU B 218 8.41 -4.77 105.04
CA GLU B 218 8.06 -6.06 104.46
C GLU B 218 6.89 -6.65 105.24
N CYS B 219 6.03 -7.39 104.55
CA CYS B 219 4.91 -8.06 105.19
C CYS B 219 4.56 -9.34 104.44
N GLU C 1 -8.93 -7.24 54.00
CA GLU C 1 -8.41 -6.01 54.55
C GLU C 1 -6.95 -5.87 54.21
N VAL C 2 -6.42 -4.66 54.38
CA VAL C 2 -5.05 -4.34 54.04
C VAL C 2 -4.20 -4.46 55.28
N ILE C 3 -3.11 -5.21 55.21
CA ILE C 3 -2.20 -5.37 56.33
C ILE C 3 -0.83 -4.91 55.90
N LEU C 4 -0.31 -3.87 56.55
CA LEU C 4 1.05 -3.40 56.36
C LEU C 4 1.76 -3.57 57.70
N VAL C 5 2.88 -4.28 57.70
CA VAL C 5 3.67 -4.37 58.93
C VAL C 5 5.06 -3.88 58.62
N GLU C 6 5.74 -3.35 59.63
CA GLU C 6 7.05 -2.76 59.44
C GLU C 6 8.05 -3.35 60.39
N SER C 7 9.32 -3.24 60.01
CA SER C 7 10.38 -3.88 60.74
C SER C 7 11.67 -3.20 60.36
N GLY C 8 12.67 -3.34 61.21
CA GLY C 8 13.99 -2.84 60.90
C GLY C 8 14.40 -1.62 61.66
N GLY C 9 13.56 -1.09 62.55
CA GLY C 9 13.90 0.12 63.26
C GLY C 9 14.57 -0.21 64.57
N GLY C 10 15.74 0.39 64.79
CA GLY C 10 16.45 0.22 66.03
C GLY C 10 17.29 1.43 66.33
N LEU C 11 18.03 1.36 67.43
CA LEU C 11 18.94 2.44 67.78
C LEU C 11 20.11 2.47 66.82
N VAL C 12 20.59 3.67 66.52
CA VAL C 12 21.69 3.88 65.58
C VAL C 12 22.50 5.05 66.09
N LYS C 13 23.81 4.98 65.93
CA LYS C 13 24.65 6.11 66.28
C LYS C 13 24.61 7.15 65.18
N PRO C 14 24.76 8.43 65.51
CA PRO C 14 24.66 9.48 64.48
C PRO C 14 25.63 9.21 63.35
N GLY C 15 25.19 9.48 62.13
CA GLY C 15 25.98 9.19 60.96
C GLY C 15 25.89 7.77 60.47
N GLY C 16 25.06 6.94 61.09
CA GLY C 16 24.96 5.54 60.70
C GLY C 16 23.92 5.34 59.61
N SER C 17 23.78 4.08 59.21
CA SER C 17 22.92 3.70 58.10
C SER C 17 21.96 2.61 58.54
N LEU C 18 20.67 2.86 58.35
CA LEU C 18 19.62 1.93 58.75
C LEU C 18 18.80 1.56 57.54
N LYS C 19 18.01 0.49 57.65
CA LYS C 19 17.16 0.10 56.54
C LYS C 19 15.86 -0.48 57.07
N LEU C 20 14.75 0.12 56.67
CA LEU C 20 13.42 -0.24 57.13
C LEU C 20 12.70 -1.02 56.05
N SER C 21 11.90 -2.00 56.45
CA SER C 21 11.17 -2.84 55.53
C SER C 21 9.72 -2.88 55.98
N CYS C 22 8.80 -2.87 55.02
CA CYS C 22 7.37 -2.86 55.31
C CYS C 22 6.71 -3.81 54.34
N ALA C 23 6.16 -4.89 54.87
CA ALA C 23 5.56 -5.96 54.09
C ALA C 23 4.07 -5.77 54.01
N ALA C 24 3.52 -5.92 52.82
CA ALA C 24 2.15 -5.53 52.53
C ALA C 24 1.39 -6.71 51.96
N SER C 25 0.24 -7.00 52.55
CA SER C 25 -0.56 -8.13 52.10
C SER C 25 -2.03 -7.72 52.11
N GLY C 26 -2.80 -8.35 51.24
CA GLY C 26 -4.21 -8.08 51.15
C GLY C 26 -4.62 -7.17 50.02
N PHE C 27 -3.68 -6.64 49.27
CA PHE C 27 -3.98 -5.86 48.08
C PHE C 27 -2.91 -6.11 47.06
N THR C 28 -3.06 -5.52 45.88
CA THR C 28 -2.09 -5.72 44.80
C THR C 28 -1.00 -4.69 44.97
N PHE C 29 0.07 -5.07 45.66
CA PHE C 29 1.11 -4.11 46.00
C PHE C 29 1.63 -3.38 44.79
N SER C 30 1.72 -4.04 43.65
CA SER C 30 2.36 -3.41 42.52
C SER C 30 1.45 -2.49 41.76
N SER C 31 0.34 -2.05 42.36
CA SER C 31 -0.52 -1.09 41.72
C SER C 31 -0.63 0.23 42.45
N TYR C 32 -0.12 0.33 43.68
CA TYR C 32 -0.42 1.44 44.56
C TYR C 32 0.83 2.25 44.82
N THR C 33 0.71 3.58 44.73
CA THR C 33 1.71 4.46 45.29
C THR C 33 1.86 4.20 46.78
N MET C 34 3.07 4.36 47.31
CA MET C 34 3.29 4.13 48.73
C MET C 34 4.17 5.22 49.32
N SER C 35 3.93 5.57 50.58
CA SER C 35 4.63 6.68 51.19
C SER C 35 5.18 6.25 52.54
N TRP C 36 6.18 7.00 53.01
CA TRP C 36 6.65 6.93 54.38
C TRP C 36 6.38 8.27 55.04
N VAL C 37 5.75 8.22 56.20
CA VAL C 37 5.42 9.38 57.01
C VAL C 37 6.07 9.18 58.36
N ARG C 38 6.30 10.27 59.08
CA ARG C 38 7.12 10.22 60.28
C ARG C 38 6.52 11.09 61.36
N GLN C 39 6.54 10.62 62.59
CA GLN C 39 5.95 11.35 63.70
C GLN C 39 6.98 11.57 64.80
N THR C 40 7.25 12.82 65.08
CA THR C 40 8.31 13.20 65.99
C THR C 40 7.87 13.00 67.42
N PRO C 41 8.76 13.20 68.40
CA PRO C 41 8.35 13.02 69.81
C PRO C 41 7.45 14.11 70.34
N GLU C 42 7.46 15.30 69.76
CA GLU C 42 6.46 16.32 70.04
C GLU C 42 5.11 16.00 69.43
N LYS C 43 5.00 14.86 68.74
CA LYS C 43 3.79 14.42 68.07
C LYS C 43 3.36 15.43 67.00
N ARG C 44 4.25 15.68 66.05
CA ARG C 44 3.96 16.47 64.87
C ARG C 44 4.34 15.65 63.66
N LEU C 45 3.36 15.36 62.81
CA LEU C 45 3.59 14.49 61.68
C LEU C 45 4.34 15.22 60.59
N GLU C 46 5.18 14.50 59.87
CA GLU C 46 5.99 15.07 58.80
C GLU C 46 6.13 14.05 57.70
N TRP C 47 5.85 14.45 56.48
CA TRP C 47 6.02 13.56 55.34
C TRP C 47 7.51 13.33 55.11
N VAL C 48 7.86 12.14 54.63
CA VAL C 48 9.25 11.71 54.50
C VAL C 48 9.59 11.32 53.07
N ALA C 49 8.79 10.45 52.46
CA ALA C 49 9.14 10.09 51.09
C ALA C 49 7.96 9.42 50.41
N THR C 50 7.95 9.45 49.08
CA THR C 50 6.86 8.87 48.30
C THR C 50 7.46 8.14 47.11
N ILE C 51 6.90 7.00 46.76
CA ILE C 51 7.35 6.24 45.59
C ILE C 51 6.14 5.77 44.83
N SER C 52 6.24 5.83 43.50
CA SER C 52 5.14 5.50 42.63
C SER C 52 5.03 4.00 42.43
N SER C 53 4.09 3.58 41.58
CA SER C 53 3.67 2.18 41.54
C SER C 53 4.57 1.28 40.73
N GLY C 54 5.43 1.82 39.88
CA GLY C 54 6.34 0.98 39.16
C GLY C 54 7.71 1.01 39.81
N GLY C 55 7.97 2.08 40.54
CA GLY C 55 9.28 2.33 41.09
C GLY C 55 10.03 3.40 40.36
N GLY C 56 9.43 4.00 39.33
CA GLY C 56 10.12 5.01 38.57
C GLY C 56 10.29 6.30 39.33
N ASN C 57 9.18 6.93 39.70
CA ASN C 57 9.19 8.27 40.27
C ASN C 57 9.28 8.17 41.78
N THR C 58 10.15 8.97 42.37
CA THR C 58 10.26 9.08 43.81
C THR C 58 10.35 10.55 44.18
N TYR C 59 9.75 10.93 45.30
CA TYR C 59 9.66 12.32 45.71
C TYR C 59 10.09 12.42 47.16
N TYR C 60 11.02 13.31 47.45
CA TYR C 60 11.47 13.55 48.82
C TYR C 60 11.34 15.02 49.14
N PRO C 61 11.19 15.38 50.40
CA PRO C 61 11.22 16.80 50.77
C PRO C 61 12.65 17.26 50.90
N ASP C 62 12.83 18.57 50.88
CA ASP C 62 14.19 19.10 50.83
C ASP C 62 14.98 18.67 52.06
N SER C 63 14.36 18.71 53.22
CA SER C 63 15.02 18.36 54.46
C SER C 63 15.75 17.02 54.39
N VAL C 64 15.17 16.04 53.71
CA VAL C 64 15.60 14.66 53.84
C VAL C 64 16.22 14.12 52.58
N LYS C 65 16.15 14.85 51.47
CA LYS C 65 16.63 14.28 50.22
C LYS C 65 18.15 14.24 50.21
N GLY C 66 18.69 13.29 49.48
CA GLY C 66 20.12 13.07 49.51
C GLY C 66 20.53 12.03 50.52
N ARG C 67 19.99 12.13 51.75
CA ARG C 67 20.36 11.19 52.79
C ARG C 67 19.49 9.95 52.78
N PHE C 68 18.18 10.09 52.57
CA PHE C 68 17.25 8.97 52.57
C PHE C 68 16.99 8.50 51.15
N THR C 69 16.53 7.26 51.03
CA THR C 69 16.31 6.68 49.70
C THR C 69 15.28 5.57 49.78
N ILE C 70 14.22 5.69 49.00
CA ILE C 70 13.06 4.81 49.08
C ILE C 70 13.06 3.88 47.88
N SER C 71 12.64 2.63 48.09
CA SER C 71 12.61 1.68 47.00
C SER C 71 11.54 0.65 47.29
N ARG C 72 11.18 -0.13 46.28
CA ARG C 72 10.17 -1.14 46.47
C ARG C 72 10.51 -2.36 45.65
N ASP C 73 10.19 -3.53 46.19
CA ASP C 73 10.43 -4.81 45.55
C ASP C 73 9.08 -5.43 45.27
N ASN C 74 8.64 -5.36 44.01
CA ASN C 74 7.27 -5.73 43.67
C ASN C 74 7.05 -7.23 43.69
N ALA C 75 8.13 -8.02 43.70
CA ALA C 75 8.00 -9.48 43.64
C ALA C 75 7.74 -10.08 45.01
N LYS C 76 8.47 -9.62 46.01
CA LYS C 76 8.25 -10.03 47.39
C LYS C 76 7.20 -9.17 48.09
N ASN C 77 6.67 -8.15 47.41
CA ASN C 77 5.74 -7.20 48.01
C ASN C 77 6.35 -6.52 49.23
N ASN C 78 7.41 -5.77 49.00
CA ASN C 78 8.12 -5.13 50.10
C ASN C 78 8.42 -3.67 49.78
N LEU C 79 8.43 -2.83 50.81
CA LEU C 79 8.79 -1.42 50.69
C LEU C 79 9.96 -1.14 51.61
N TYR C 80 11.04 -0.58 51.08
CA TYR C 80 12.25 -0.36 51.85
C TYR C 80 12.57 1.13 51.91
N LEU C 81 13.12 1.57 53.03
CA LEU C 81 13.65 2.92 53.18
C LEU C 81 15.05 2.80 53.74
N GLN C 82 16.03 3.30 53.01
CA GLN C 82 17.41 3.29 53.44
C GLN C 82 17.78 4.67 53.95
N MET C 83 18.44 4.73 55.09
CA MET C 83 18.72 5.99 55.74
C MET C 83 20.22 6.10 55.99
N SER C 84 20.78 7.26 55.67
CA SER C 84 22.19 7.54 55.83
C SER C 84 22.38 8.92 56.43
N SER C 85 23.55 9.17 57.02
CA SER C 85 23.88 10.45 57.62
C SER C 85 22.81 10.90 58.59
N LEU C 86 22.39 9.99 59.46
CA LEU C 86 21.31 10.30 60.37
C LEU C 86 21.66 11.48 61.26
N ARG C 87 20.64 12.00 61.92
CA ARG C 87 20.74 13.19 62.74
C ARG C 87 19.96 12.93 64.01
N SER C 88 20.09 13.81 64.99
CA SER C 88 19.25 13.66 66.17
C SER C 88 17.82 14.04 65.87
N GLU C 89 17.60 14.99 64.96
CA GLU C 89 16.24 15.40 64.63
C GLU C 89 15.49 14.39 63.78
N ASP C 90 16.15 13.33 63.32
CA ASP C 90 15.48 12.27 62.58
C ASP C 90 15.07 11.12 63.47
N THR C 91 14.97 11.35 64.77
CA THR C 91 14.52 10.35 65.72
C THR C 91 13.01 10.39 65.82
N ALA C 92 12.33 9.32 65.45
CA ALA C 92 10.88 9.42 65.35
C ALA C 92 10.28 8.06 65.12
N LEU C 93 8.97 8.05 64.91
CA LEU C 93 8.21 6.84 64.63
C LEU C 93 7.78 6.85 63.18
N TYR C 94 8.12 5.81 62.43
CA TYR C 94 7.93 5.78 60.99
C TYR C 94 6.79 4.88 60.61
N TYR C 95 5.88 5.37 59.77
CA TYR C 95 4.73 4.66 59.25
C TYR C 95 4.84 4.52 57.74
N CYS C 96 4.46 3.37 57.19
CA CYS C 96 4.22 3.25 55.77
C CYS C 96 2.74 3.42 55.51
N ALA C 97 2.39 4.04 54.40
CA ALA C 97 1.00 4.35 54.11
C ALA C 97 0.73 4.16 52.64
N ARG C 98 -0.50 3.80 52.30
CA ARG C 98 -0.87 3.36 50.97
C ARG C 98 -1.85 4.33 50.35
N TYR C 99 -1.72 4.58 49.05
CA TYR C 99 -2.50 5.62 48.38
C TYR C 99 -3.87 5.12 48.00
N TYR C 100 -4.82 6.02 47.91
CA TYR C 100 -6.22 5.71 47.70
C TYR C 100 -6.72 6.37 46.43
N ARG C 101 -7.57 5.67 45.67
CA ARG C 101 -8.17 6.33 44.51
C ARG C 101 -9.03 7.49 44.98
N TYR C 102 -9.62 8.22 44.07
CA TYR C 102 -10.30 9.47 44.41
C TYR C 102 -9.35 10.47 45.06
N GLU C 103 -8.06 10.18 45.03
CA GLU C 103 -7.02 11.14 45.40
C GLU C 103 -7.13 11.56 46.86
N ALA C 104 -6.91 10.58 47.73
CA ALA C 104 -6.58 10.80 49.12
C ALA C 104 -5.25 10.13 49.41
N TRP C 105 -4.38 10.78 50.17
CA TRP C 105 -2.97 10.43 50.06
C TRP C 105 -2.59 9.23 50.92
N PHE C 106 -3.13 9.10 52.13
CA PHE C 106 -2.76 7.99 53.00
C PHE C 106 -4.04 7.28 53.44
N ALA C 107 -4.42 6.23 52.75
CA ALA C 107 -5.66 5.57 53.12
C ALA C 107 -5.47 4.55 54.23
N SER C 108 -4.43 3.73 54.15
CA SER C 108 -4.20 2.65 55.10
C SER C 108 -2.82 2.80 55.69
N TRP C 109 -2.75 3.19 56.95
CA TRP C 109 -1.49 3.34 57.65
C TRP C 109 -1.08 2.02 58.27
N GLY C 110 0.21 1.77 58.30
CA GLY C 110 0.72 0.63 59.02
C GLY C 110 0.89 0.95 60.48
N GLN C 111 1.45 0.00 61.21
CA GLN C 111 1.87 0.25 62.58
C GLN C 111 3.22 0.96 62.56
N GLY C 112 3.56 1.61 63.64
CA GLY C 112 4.81 2.35 63.65
C GLY C 112 6.02 1.45 63.66
N THR C 113 7.19 2.06 63.49
CA THR C 113 8.45 1.45 63.86
C THR C 113 9.36 2.55 64.38
N LEU C 114 9.93 2.35 65.56
CA LEU C 114 10.56 3.44 66.31
C LEU C 114 12.05 3.47 66.05
N VAL C 115 12.57 4.64 65.69
CA VAL C 115 13.96 4.80 65.32
C VAL C 115 14.55 5.89 66.20
N THR C 116 15.60 5.54 66.95
CA THR C 116 16.29 6.45 67.85
C THR C 116 17.71 6.65 67.34
N VAL C 117 18.19 7.89 67.40
CA VAL C 117 19.52 8.24 66.92
C VAL C 117 20.18 9.00 68.06
N SER C 118 20.88 8.27 68.93
CA SER C 118 21.55 8.90 70.06
C SER C 118 22.81 8.14 70.47
N ALA C 119 23.54 8.70 71.43
CA ALA C 119 24.77 8.08 71.92
C ALA C 119 24.50 7.15 73.08
N ALA C 120 23.31 7.28 73.66
CA ALA C 120 22.91 6.44 74.79
C ALA C 120 23.08 4.95 74.48
N LYS C 121 23.61 4.21 75.44
CA LYS C 121 23.85 2.79 75.25
C LYS C 121 22.65 1.94 75.71
N THR C 122 22.46 0.82 75.03
CA THR C 122 21.37 -0.11 75.33
C THR C 122 21.44 -0.56 76.79
N THR C 123 20.29 -0.60 77.44
CA THR C 123 20.20 -0.93 78.85
C THR C 123 18.94 -1.74 79.08
N ALA C 124 19.09 -2.97 79.56
CA ALA C 124 17.93 -3.81 79.81
C ALA C 124 17.12 -3.29 81.00
N PRO C 125 15.82 -3.53 81.02
CA PRO C 125 14.97 -2.98 82.07
C PRO C 125 15.07 -3.81 83.36
N SER C 126 14.36 -3.32 84.38
CA SER C 126 14.32 -3.94 85.70
C SER C 126 12.86 -4.06 86.12
N VAL C 127 12.33 -5.27 86.08
CA VAL C 127 10.92 -5.53 86.31
C VAL C 127 10.71 -5.81 87.79
N TYR C 128 9.73 -5.13 88.40
CA TYR C 128 9.44 -5.31 89.80
C TYR C 128 7.96 -5.63 90.00
N PRO C 129 7.63 -6.64 90.77
CA PRO C 129 6.22 -6.91 91.08
C PRO C 129 5.66 -5.82 91.99
N LEU C 130 4.35 -5.64 91.93
CA LEU C 130 3.66 -4.70 92.81
C LEU C 130 2.39 -5.35 93.32
N ALA C 131 2.31 -5.51 94.64
CA ALA C 131 1.17 -6.12 95.30
C ALA C 131 0.88 -5.30 96.54
N PRO C 132 -0.35 -5.40 97.07
CA PRO C 132 -0.64 -4.69 98.32
C PRO C 132 0.09 -5.33 99.49
N VAL C 133 0.16 -4.60 100.59
CA VAL C 133 0.87 -5.09 101.76
C VAL C 133 0.17 -6.33 102.31
N CYS C 134 0.94 -7.42 102.45
CA CYS C 134 0.45 -8.68 102.98
C CYS C 134 -0.76 -9.21 102.20
N GLY C 135 -0.91 -8.80 100.95
CA GLY C 135 -2.03 -9.25 100.14
C GLY C 135 -3.36 -8.66 100.54
N ASP C 136 -3.36 -7.47 101.13
CA ASP C 136 -4.59 -6.87 101.64
C ASP C 136 -5.59 -6.63 100.51
N THR C 137 -6.85 -6.92 100.78
CA THR C 137 -7.90 -6.82 99.77
C THR C 137 -8.58 -5.46 99.84
N THR C 138 -9.11 -5.03 98.69
CA THR C 138 -9.80 -3.76 98.59
C THR C 138 -11.26 -4.02 98.27
N GLY C 139 -11.85 -4.96 98.98
CA GLY C 139 -13.25 -5.31 98.75
C GLY C 139 -13.35 -6.44 97.75
N SER C 140 -14.29 -6.30 96.81
CA SER C 140 -14.52 -7.31 95.79
C SER C 140 -13.52 -7.23 94.63
N SER C 141 -12.43 -6.49 94.79
CA SER C 141 -11.50 -6.29 93.69
C SER C 141 -10.09 -6.13 94.22
N VAL C 142 -9.13 -6.47 93.37
CA VAL C 142 -7.70 -6.38 93.69
C VAL C 142 -7.02 -5.68 92.53
N THR C 143 -6.16 -4.71 92.83
CA THR C 143 -5.38 -4.00 91.84
C THR C 143 -3.91 -4.37 92.02
N LEU C 144 -3.30 -4.88 90.95
CA LEU C 144 -1.90 -5.30 90.93
C LEU C 144 -1.12 -4.45 89.94
N GLY C 145 0.16 -4.24 90.24
CA GLY C 145 1.01 -3.42 89.41
C GLY C 145 2.21 -4.19 88.87
N CYS C 146 3.07 -3.45 88.19
CA CYS C 146 4.32 -3.97 87.66
C CYS C 146 5.14 -2.78 87.20
N LEU C 147 6.40 -2.68 87.60
CA LEU C 147 7.21 -1.50 87.34
C LEU C 147 8.45 -1.89 86.56
N VAL C 148 8.60 -1.33 85.37
CA VAL C 148 9.82 -1.46 84.58
C VAL C 148 10.54 -0.13 84.63
N LYS C 149 11.87 -0.16 84.71
CA LYS C 149 12.62 1.02 85.11
C LYS C 149 14.06 0.89 84.63
N GLY C 150 14.62 2.01 84.20
CA GLY C 150 15.97 2.05 83.71
C GLY C 150 16.21 1.20 82.49
N TYR C 151 15.60 1.54 81.36
CA TYR C 151 15.88 0.89 80.09
C TYR C 151 16.13 1.95 79.02
N PHE C 152 16.62 1.49 77.88
CA PHE C 152 16.90 2.33 76.72
C PHE C 152 17.19 1.42 75.55
N PRO C 153 16.62 1.69 74.35
CA PRO C 153 15.69 2.76 74.01
C PRO C 153 14.21 2.41 74.20
N GLU C 154 13.34 3.35 73.85
CA GLU C 154 11.94 3.34 74.30
C GLU C 154 11.18 2.04 74.12
N PRO C 155 11.17 1.39 72.95
CA PRO C 155 10.17 0.33 72.72
C PRO C 155 10.25 -0.78 73.77
N VAL C 156 9.14 -1.01 74.46
CA VAL C 156 9.04 -2.05 75.47
C VAL C 156 7.61 -2.55 75.50
N THR C 157 7.45 -3.87 75.54
CA THR C 157 6.14 -4.50 75.48
C THR C 157 5.78 -5.07 76.83
N LEU C 158 4.57 -4.77 77.30
CA LEU C 158 4.09 -5.25 78.59
C LEU C 158 2.68 -5.80 78.43
N THR C 159 2.49 -7.05 78.84
CA THR C 159 1.18 -7.68 78.86
C THR C 159 1.00 -8.42 80.17
N TRP C 160 -0.24 -8.86 80.42
CA TRP C 160 -0.58 -9.68 81.58
C TRP C 160 -1.07 -11.03 81.09
N ASN C 161 -0.37 -12.09 81.49
CA ASN C 161 -0.75 -13.46 81.17
C ASN C 161 -0.87 -13.67 79.66
N SER C 162 0.18 -13.26 78.95
CA SER C 162 0.29 -13.41 77.50
C SER C 162 -0.87 -12.77 76.76
N GLY C 163 -1.53 -11.79 77.36
CA GLY C 163 -2.64 -11.10 76.73
C GLY C 163 -4.01 -11.56 77.17
N SER C 164 -4.10 -12.59 78.02
CA SER C 164 -5.40 -13.00 78.51
C SER C 164 -6.07 -11.90 79.32
N LEU C 165 -5.31 -11.29 80.23
CA LEU C 165 -5.79 -10.13 80.98
C LEU C 165 -5.69 -8.91 80.09
N SER C 166 -6.84 -8.37 79.66
CA SER C 166 -6.85 -7.16 78.86
C SER C 166 -7.94 -6.18 79.25
N SER C 167 -8.85 -6.52 80.16
CA SER C 167 -10.05 -5.73 80.36
C SER C 167 -9.81 -4.51 81.23
N GLY C 168 -9.19 -4.70 82.39
CA GLY C 168 -9.04 -3.60 83.33
C GLY C 168 -7.61 -3.12 83.53
N VAL C 169 -6.84 -3.03 82.45
CA VAL C 169 -5.43 -2.69 82.51
C VAL C 169 -5.25 -1.19 82.37
N HIS C 170 -4.17 -0.67 82.96
CA HIS C 170 -3.79 0.75 82.84
C HIS C 170 -2.27 0.81 82.69
N THR C 171 -1.79 0.85 81.46
CA THR C 171 -0.37 1.07 81.20
C THR C 171 -0.12 2.57 81.06
N PHE C 172 0.89 3.04 81.67
CA PHE C 172 1.12 4.47 81.62
C PHE C 172 2.29 4.79 80.71
N PRO C 173 2.28 5.95 80.06
CA PRO C 173 3.32 6.25 79.07
C PRO C 173 4.67 6.42 79.73
N ALA C 174 5.71 6.10 78.97
CA ALA C 174 7.06 6.10 79.51
C ALA C 174 7.56 7.52 79.70
N VAL C 175 8.35 7.71 80.74
CA VAL C 175 8.91 9.01 81.09
C VAL C 175 10.42 8.89 80.99
N LEU C 176 11.03 9.76 80.20
CA LEU C 176 12.48 9.77 80.07
C LEU C 176 13.10 10.60 81.18
N GLN C 177 14.20 10.10 81.74
CA GLN C 177 14.98 10.84 82.72
C GLN C 177 16.36 10.22 82.77
N SER C 178 17.39 11.07 82.66
CA SER C 178 18.78 10.64 82.71
C SER C 178 19.07 9.54 81.69
N ASP C 179 18.64 9.78 80.46
CA ASP C 179 18.81 8.82 79.35
C ASP C 179 18.30 7.44 79.73
N LEU C 180 17.18 7.40 80.44
CA LEU C 180 16.60 6.13 80.85
C LEU C 180 15.10 6.29 80.91
N TYR C 181 14.39 5.20 80.65
CA TYR C 181 12.95 5.23 80.57
C TYR C 181 12.34 4.48 81.74
N THR C 182 11.13 4.89 82.12
CA THR C 182 10.40 4.33 83.24
C THR C 182 8.95 4.15 82.84
N LEU C 183 8.39 2.98 83.11
CA LEU C 183 7.04 2.68 82.70
C LEU C 183 6.38 1.83 83.76
N SER C 184 5.06 1.94 83.87
CA SER C 184 4.32 1.18 84.86
C SER C 184 2.95 0.82 84.31
N SER C 185 2.30 -0.14 84.97
CA SER C 185 1.02 -0.66 84.51
C SER C 185 0.27 -1.21 85.71
N SER C 186 -1.05 -1.13 85.66
CA SER C 186 -1.90 -1.68 86.70
C SER C 186 -2.97 -2.57 86.09
N VAL C 187 -3.43 -3.53 86.88
CA VAL C 187 -4.54 -4.39 86.50
C VAL C 187 -5.50 -4.42 87.68
N THR C 188 -6.78 -4.61 87.39
CA THR C 188 -7.81 -4.72 88.42
C THR C 188 -8.56 -6.03 88.20
N VAL C 189 -8.49 -6.92 89.19
CA VAL C 189 -9.14 -8.22 89.10
C VAL C 189 -9.95 -8.45 90.37
N THR C 190 -10.94 -9.33 90.26
CA THR C 190 -11.78 -9.68 91.40
C THR C 190 -10.94 -10.36 92.48
N SER C 191 -11.38 -10.22 93.73
CA SER C 191 -10.63 -10.80 94.84
C SER C 191 -10.55 -12.32 94.72
N SER C 192 -11.54 -12.94 94.09
CA SER C 192 -11.56 -14.38 93.89
C SER C 192 -10.70 -14.82 92.71
N THR C 193 -9.82 -13.96 92.21
CA THR C 193 -8.97 -14.30 91.08
C THR C 193 -7.49 -14.37 91.46
N TRP C 194 -6.93 -13.28 91.99
CA TRP C 194 -5.46 -13.22 92.12
C TRP C 194 -4.93 -14.17 93.19
N PRO C 195 -5.36 -14.09 94.45
CA PRO C 195 -4.85 -15.06 95.43
C PRO C 195 -5.12 -16.49 95.02
N SER C 196 -6.22 -16.74 94.30
CA SER C 196 -6.51 -18.08 93.80
C SER C 196 -5.52 -18.49 92.72
N GLN C 197 -5.50 -17.76 91.61
CA GLN C 197 -4.56 -18.01 90.51
C GLN C 197 -3.66 -16.79 90.34
N SER C 198 -2.36 -17.05 90.23
CA SER C 198 -1.37 -15.99 90.16
C SER C 198 -1.41 -15.29 88.79
N ILE C 199 -1.00 -14.02 88.80
CA ILE C 199 -1.01 -13.16 87.62
C ILE C 199 0.42 -12.85 87.23
N THR C 200 0.73 -13.01 85.94
CA THR C 200 2.08 -12.87 85.44
C THR C 200 2.22 -11.59 84.62
N CYS C 201 3.27 -10.83 84.91
CA CYS C 201 3.58 -9.58 84.20
C CYS C 201 4.63 -9.88 83.13
N ASN C 202 4.19 -9.98 81.88
CA ASN C 202 5.08 -10.30 80.77
C ASN C 202 5.72 -9.01 80.25
N VAL C 203 7.04 -8.97 80.23
CA VAL C 203 7.80 -7.81 79.79
C VAL C 203 8.79 -8.25 78.73
N ALA C 204 8.95 -7.44 77.69
CA ALA C 204 9.94 -7.73 76.65
C ALA C 204 10.58 -6.43 76.21
N HIS C 205 11.89 -6.46 76.00
CA HIS C 205 12.67 -5.32 75.53
C HIS C 205 13.48 -5.80 74.34
N PRO C 206 12.92 -5.74 73.13
CA PRO C 206 13.62 -6.31 71.97
C PRO C 206 15.00 -5.77 71.74
N ALA C 207 15.28 -4.53 72.14
CA ALA C 207 16.58 -3.94 71.90
C ALA C 207 17.70 -4.75 72.54
N SER C 208 17.42 -5.38 73.67
CA SER C 208 18.41 -6.14 74.42
C SER C 208 18.06 -7.62 74.49
N SER C 209 17.13 -8.08 73.64
CA SER C 209 16.66 -9.46 73.63
C SER C 209 16.09 -9.87 74.98
N THR C 210 15.77 -8.90 75.83
CA THR C 210 15.25 -9.17 77.15
C THR C 210 13.80 -9.63 77.07
N LYS C 211 13.46 -10.62 77.89
CA LYS C 211 12.09 -11.13 77.93
C LYS C 211 11.92 -11.81 79.27
N VAL C 212 11.06 -11.24 80.12
CA VAL C 212 10.88 -11.72 81.48
C VAL C 212 9.39 -11.73 81.82
N ASP C 213 8.94 -12.83 82.42
CA ASP C 213 7.57 -12.97 82.88
C ASP C 213 7.62 -13.02 84.41
N LYS C 214 7.18 -11.95 85.06
CA LYS C 214 7.24 -11.83 86.50
C LYS C 214 5.85 -12.08 87.09
N LYS C 215 5.71 -13.18 87.84
CA LYS C 215 4.45 -13.45 88.52
C LYS C 215 4.29 -12.52 89.73
N ILE C 216 3.06 -12.06 89.93
CA ILE C 216 2.74 -11.19 91.06
C ILE C 216 2.41 -12.08 92.25
N GLU C 217 2.98 -11.74 93.42
CA GLU C 217 2.81 -12.57 94.59
C GLU C 217 2.39 -11.73 95.80
N PRO C 218 1.54 -12.29 96.68
CA PRO C 218 1.13 -11.62 97.91
C PRO C 218 2.29 -11.38 98.88
C10 R1Q D . -7.84 1.20 14.53
C13 R1Q D . -9.57 -0.95 13.84
C15 R1Q D . -7.69 1.13 9.34
C20 R1Q D . -6.12 1.17 9.19
C21 R1Q D . -5.33 0.87 10.35
C22 R1Q D . -3.92 0.87 10.30
C24 R1Q D . -3.98 1.52 7.88
C01 R1Q D . -7.39 -0.98 7.94
C02 R1Q D . -7.32 -2.16 8.86
C04 R1Q D . -9.05 -2.73 10.38
C05 R1Q D . -9.84 -1.41 10.84
C06 R1Q D . -8.88 -0.23 11.44
C07 R1Q D . -7.99 0.85 10.91
C09 R1Q D . -8.06 0.86 13.19
C11 R1Q D . -8.48 0.45 15.53
C12 R1Q D . -9.34 -0.63 15.18
C14 R1Q D . -8.92 -0.21 12.85
C16 R1Q D . -8.32 2.50 8.98
C19 R1Q D . -10.15 3.70 8.07
C23 R1Q D . -3.23 1.20 9.04
C25 R1Q D . -5.43 1.51 7.94
C27 R1Q D . -6.18 3.19 6.51
C29 R1Q D . -0.56 0.76 8.50
C31 R1Q D . -1.57 1.42 10.69
C32 R1Q D . -1.64 3.06 10.91
C34 R1Q D . -1.89 3.76 9.48
C37 R1Q D . -1.11 3.98 7.25
C38 R1Q D . -2.67 3.42 11.72
C40 R1Q D . -3.87 5.58 11.45
C41 R1Q D . -4.02 7.11 11.44
C43 R1Q D . -2.82 2.65 12.96
C44 R1Q D . -3.82 3.40 13.88
C45 R1Q D . -5.29 3.18 13.45
C46 R1Q D . -1.52 2.60 13.78
C47 R1Q D . -1.04 1.37 14.22
C48 R1Q D . -1.82 0.09 13.84
C50 R1Q D . -3.03 -0.86 13.03
C51 R1Q D . -2.73 -0.61 11.48
C52 R1Q D . -2.93 0.65 11.29
C53 R1Q D . -3.41 1.28 12.68
C54 R1Q D . -8.27 0.16 8.44
C55 R1Q D . -9.43 -3.09 7.82
C56 R1Q D . -9.32 -2.04 6.70
C58 R1Q D . -9.63 -2.76 5.35
C59 R1Q D . -10.87 -2.09 4.69
C60 R1Q D . -7.97 -1.35 6.56
N03 R1Q D . -8.64 -2.60 9.06
N08 R1Q D . -7.56 1.45 11.98
N28 R1Q D . -1.66 1.12 9.39
N49 R1Q D . -3.11 0.31 13.68
O17 R1Q D . -7.94 3.48 9.51
O18 R1Q D . -9.33 2.55 8.00
O26 R1Q D . -6.17 1.80 6.78
O30 R1Q D . 0.55 0.73 8.94
O33 R1Q D . -0.39 3.51 11.37
O35 R1Q D . -2.98 4.03 9.13
O36 R1Q D . -0.78 4.05 8.63
O39 R1Q D . -2.73 4.95 12.01
O42 R1Q D . -4.73 4.92 10.99
O57 R1Q D . -10.35 -1.09 6.87
C1 CLR E . -0.04 -15.47 2.20
C2 CLR E . 0.32 -15.05 0.78
C3 CLR E . 0.08 -13.56 0.53
C4 CLR E . 0.85 -12.76 1.60
C5 CLR E . 0.75 -13.28 3.03
C6 CLR E . 0.36 -12.43 3.98
C7 CLR E . 0.42 -12.83 5.45
C8 CLR E . 1.14 -14.17 5.64
C9 CLR E . 0.51 -15.18 4.65
C10 CLR E . 0.90 -14.80 3.20
C11 CLR E . 0.84 -16.63 5.04
C12 CLR E . 0.62 -16.95 6.53
C13 CLR E . 1.45 -15.97 7.40
C14 CLR E . 0.84 -14.59 7.04
C15 CLR E . 1.34 -13.61 8.14
C16 CLR E . 1.51 -14.53 9.42
C17 CLR E . 1.18 -16.00 8.94
C18 CLR E . 2.96 -16.02 7.13
C19 CLR E . 2.35 -15.28 2.94
C20 CLR E . 2.03 -16.97 9.76
C21 CLR E . 1.58 -18.44 9.69
C22 CLR E . 1.86 -16.49 11.24
C23 CLR E . 3.07 -16.80 12.11
C24 CLR E . 2.52 -17.89 13.11
C25 CLR E . 3.68 -18.65 13.80
C26 CLR E . 3.12 -20.05 14.18
C27 CLR E . 5.02 -18.68 13.03
O1 CLR E . 0.38 -13.13 -0.79
C1 CLR F . 6.00 -11.84 3.99
C2 CLR F . 5.18 -12.00 2.72
C3 CLR F . 5.82 -12.90 1.64
C4 CLR F . 6.39 -14.17 2.30
C5 CLR F . 7.13 -13.97 3.60
C6 CLR F . 8.09 -14.84 3.91
C7 CLR F . 8.65 -14.93 5.33
C8 CLR F . 7.56 -14.48 6.35
C9 CLR F . 7.00 -13.11 5.97
C10 CLR F . 6.28 -13.22 4.62
C11 CLR F . 6.08 -12.63 7.10
C12 CLR F . 6.75 -12.66 8.47
C13 CLR F . 7.21 -14.10 8.80
C14 CLR F . 8.22 -14.41 7.69
C15 CLR F . 8.91 -15.73 8.11
C16 CLR F . 9.13 -15.44 9.65
C17 CLR F . 8.11 -14.28 10.05
C18 CLR F . 6.07 -15.11 8.79
C19 CLR F . 4.95 -13.97 4.90
C20 CLR F . 7.47 -14.75 11.34
C21 CLR F . 6.47 -13.80 12.00
C22 CLR F . 8.66 -14.90 12.33
C23 CLR F . 8.19 -15.10 13.77
C24 CLR F . 9.52 -15.40 14.58
C25 CLR F . 9.35 -16.76 15.27
C26 CLR F . 10.50 -16.94 16.31
C27 CLR F . 7.93 -17.02 15.85
O1 CLR F . 4.95 -13.24 0.58
C1 CLR G . 6.80 17.40 25.78
C2 CLR G . 7.16 17.11 27.22
C3 CLR G . 7.19 18.39 28.04
C4 CLR G . 5.78 18.99 27.97
C5 CLR G . 5.27 19.22 26.56
C6 CLR G . 4.57 20.31 26.28
C7 CLR G . 4.01 20.57 24.88
C8 CLR G . 3.87 19.26 24.08
C9 CLR G . 5.16 18.44 24.21
C10 CLR G . 5.40 17.99 25.66
C11 CLR G . 5.17 17.28 23.23
C12 CLR G . 5.03 17.78 21.80
C13 CLR G . 3.66 18.47 21.65
C14 CLR G . 3.68 19.65 22.65
C15 CLR G . 2.41 20.48 22.33
C16 CLR G . 2.25 20.26 20.77
C17 CLR G . 3.43 19.28 20.36
C18 CLR G . 2.47 17.56 21.87
C19 CLR G . 4.38 16.90 26.03
C20 CLR G . 2.99 18.49 19.16
C21 CLR G . 4.11 17.64 18.52
C22 CLR G . 2.64 19.60 18.12
C23 CLR G . 1.33 19.36 17.35
C24 CLR G . 1.77 18.48 16.13
C25 CLR G . 0.83 18.82 14.97
C26 CLR G . 1.72 19.15 13.75
C27 CLR G . -0.27 17.76 14.70
O1 CLR G . 7.66 18.24 29.37
C1 CLR H . -18.38 -15.26 25.23
C2 CLR H . -18.51 -16.11 26.49
C3 CLR H . -19.96 -16.34 26.96
C4 CLR H . -20.79 -16.80 25.75
C5 CLR H . -20.53 -16.10 24.42
C6 CLR H . -21.54 -16.06 23.54
C7 CLR H . -21.31 -15.65 22.09
C8 CLR H . -19.82 -15.91 21.74
C9 CLR H . -18.95 -15.16 22.74
C10 CLR H . -19.06 -15.97 24.05
C11 CLR H . -17.52 -14.91 22.23
C12 CLR H . -17.31 -14.74 20.71
C13 CLR H . -18.18 -15.71 19.89
C14 CLR H . -19.61 -15.38 20.37
C15 CLR H . -20.61 -15.94 19.32
C16 CLR H . -19.68 -16.18 18.06
C17 CLR H . -18.34 -15.41 18.40
C18 CLR H . -17.88 -17.20 20.04
C19 CLR H . -18.46 -17.38 23.83
C20 CLR H . -17.26 -15.99 17.53
C21 CLR H . -16.05 -15.07 17.31
C22 CLR H . -17.96 -16.19 16.16
C23 CLR H . -17.04 -16.86 15.16
C24 CLR H . -18.09 -17.25 14.07
C25 CLR H . -17.34 -17.55 12.75
C26 CLR H . -17.84 -16.54 11.67
C27 CLR H . -15.81 -17.72 12.87
O1 CLR H . -20.10 -17.24 28.05
C1 CLR I . -14.28 -18.19 30.28
C2 CLR I . -14.89 -18.62 31.62
C3 CLR I . -15.07 -20.13 31.87
C4 CLR I . -15.70 -20.80 30.64
C5 CLR I . -15.61 -20.07 29.32
C6 CLR I . -16.65 -20.15 28.49
C7 CLR I . -16.49 -19.81 27.01
C8 CLR I . -15.01 -19.46 26.75
C9 CLR I . -14.60 -18.42 27.80
C10 CLR I . -14.37 -19.18 29.12
C11 CLR I . -13.43 -17.56 27.34
C12 CLR I . -13.63 -17.03 25.90
C13 CLR I . -13.62 -18.23 24.94
C14 CLR I . -14.92 -18.97 25.34
C15 CLR I . -15.03 -20.09 24.28
C16 CLR I . -14.78 -19.23 22.98
C17 CLR I . -13.98 -17.94 23.45
C18 CLR I . -12.38 -19.12 25.04
C19 CLR I . -13.07 -20.02 28.97
C20 CLR I . -12.84 -17.84 22.47
C21 CLR I . -11.98 -16.58 22.62
C22 CLR I . -13.55 -17.73 21.10
C23 CLR I . -12.52 -17.65 19.98
C24 CLR I . -13.36 -17.38 18.68
C25 CLR I . -12.79 -16.18 17.88
C26 CLR I . -11.43 -15.71 18.42
C27 CLR I . -12.82 -16.36 16.35
O1 CLR I . -13.90 -20.83 32.29
C1 CLR J . -6.89 24.86 24.70
C2 CLR J . -7.11 25.28 26.16
C3 CLR J . -6.11 24.58 27.10
C4 CLR J . -4.73 25.07 26.65
C5 CLR J . -4.40 24.76 25.19
C6 CLR J . -3.30 24.04 24.93
C7 CLR J . -3.11 23.36 23.59
C8 CLR J . -3.75 24.28 22.54
C9 CLR J . -5.27 24.43 22.84
C10 CLR J . -5.47 25.19 24.18
C11 CLR J . -6.04 25.05 21.66
C12 CLR J . -5.70 24.49 20.27
C13 CLR J . -4.16 24.49 20.03
C14 CLR J . -3.54 23.67 21.19
C15 CLR J . -2.05 23.48 20.80
C16 CLR J . -2.15 23.27 19.23
C17 CLR J . -3.68 23.60 18.85
C18 CLR J . -3.56 25.88 19.93
C19 CLR J . -5.39 26.73 23.93
C20 CLR J . -3.72 24.25 17.46
C21 CLR J . -5.06 24.07 16.72
C22 CLR J . -2.60 23.53 16.64
C23 CLR J . -2.80 23.61 15.12
C24 CLR J . -1.71 22.64 14.56
C25 CLR J . -2.05 22.30 13.09
C26 CLR J . -2.40 23.63 12.37
C27 CLR J . -0.98 21.44 12.37
O1 CLR J . -6.35 24.75 28.49
C1 CLR K . -11.09 24.46 23.48
C2 CLR K . -12.01 24.76 24.65
C3 CLR K . -11.57 25.96 25.51
C4 CLR K . -11.21 27.17 24.60
C5 CLR K . -10.39 26.85 23.35
C6 CLR K . -9.56 27.77 22.81
C7 CLR K . -8.99 27.60 21.39
C8 CLR K . -9.91 26.67 20.55
C9 CLR K . -10.19 25.37 21.35
C10 CLR K . -11.04 25.70 22.58
C11 CLR K . -10.88 24.31 20.51
C12 CLR K . -10.39 24.19 19.06
C13 CLR K . -10.39 25.57 18.39
C14 CLR K . -9.31 26.29 19.22
C15 CLR K . -8.68 27.40 18.32
C16 CLR K . -9.00 26.91 16.84
C17 CLR K . -9.83 25.55 16.94
C18 CLR K . -11.71 26.36 18.46
C19 CLR K . -12.47 26.13 22.13
C20 CLR K . -10.90 25.49 15.85
C21 CLR K . -11.72 24.19 15.82
C22 CLR K . -10.20 25.54 14.45
C23 CLR K . -11.20 25.91 13.36
C24 CLR K . -11.40 24.64 12.44
C25 CLR K . -10.60 24.80 11.14
C26 CLR K . -10.95 23.59 10.23
C27 CLR K . -10.75 26.19 10.46
O1 CLR K . -12.55 26.31 26.49
C1 CLR L . -23.07 8.28 20.39
C2 CLR L . -23.11 8.00 21.88
C3 CLR L . -24.03 8.97 22.64
C4 CLR L . -25.42 8.92 21.98
C5 CLR L . -25.45 8.97 20.46
C6 CLR L . -26.39 9.72 19.85
C7 CLR L . -26.37 9.94 18.35
C8 CLR L . -25.72 8.72 17.65
C9 CLR L . -24.33 8.43 18.25
C10 CLR L . -24.45 8.06 19.74
C11 CLR L . -23.63 7.35 17.41
C12 CLR L . -23.61 7.61 15.90
C13 CLR L . -25.05 7.79 15.37
C14 CLR L . -25.56 9.01 16.18
C15 CLR L . -26.85 9.52 15.46
C16 CLR L . -26.55 9.17 13.94
C17 CLR L . -25.16 8.38 13.93
C18 CLR L . -25.95 6.57 15.61
C19 CLR L . -24.89 6.57 19.90
C20 CLR L . -25.23 7.47 12.71
C21 CLR L . -24.36 6.20 12.69
C22 CLR L . -24.73 8.40 11.56
C23 CLR L . -25.54 8.27 10.28
C24 CLR L . -24.49 8.08 9.13
C25 CLR L . -24.66 9.20 8.08
C26 CLR L . -24.37 10.55 8.80
C27 CLR L . -23.88 9.03 6.76
O1 CLR L . -24.07 8.73 24.04
#